data_7YHJ
#
_entry.id   7YHJ
#
_cell.length_a   84.682
_cell.length_b   169.312
_cell.length_c   190.852
_cell.angle_alpha   90.000
_cell.angle_beta   90.000
_cell.angle_gamma   90.000
#
_symmetry.space_group_name_H-M   'P 21 21 21'
#
loop_
_entity.id
_entity.type
_entity.pdbx_description
1 polymer 'Probable HTH-type transcriptional regulator LrhA'
2 non-polymer 'SULFATE ION'
3 non-polymer DI(HYDROXYETHYL)ETHER
4 water water
#
_entity_poly.entity_id   1
_entity_poly.type   'polypeptide(L)'
_entity_poly.pdbx_seq_one_letter_code
;MHHHHHHMISANRPIINLDLDLLRTFVAVADLNTFAAAAAAVCRTQSAVSQQMQRLEQLVGKELFARHGRNKLLTEHGIQ
LLGYARKILRFNDEACSSLMFSNLQGVLTIGASDESADTILPFLLNRVSSVYPKLALDVRVKRNAYMAEMLESQEVDLMV
TTHRPSAFKALNLRTSPTHWYCAAEYILQKGEPIPLVLLDDPSPFRDMVLATLNKADIPWRLAYVASTLPAVRAAVKAGL
GVTARPVEMMSPDLRVLSGVDGLPPLPDTEYLLCYDPSSNNELAQVIYQAMESYHNPWQYSPMSAPEGDDSLLIERDIE
;
_entity_poly.pdbx_strand_id   A,B,C,D,E,F,G,H
#
loop_
_chem_comp.id
_chem_comp.type
_chem_comp.name
_chem_comp.formula
PEG non-polymer DI(HYDROXYETHYL)ETHER 'C4 H10 O3'
SO4 non-polymer 'SULFATE ION' 'O4 S -2'
#
# COMPACT_ATOMS: atom_id res chain seq x y z
N GLY A 106 0.75 -13.89 14.72
CA GLY A 106 -0.47 -13.79 13.87
C GLY A 106 -0.29 -12.85 12.69
N VAL A 107 -1.36 -12.19 12.25
CA VAL A 107 -1.36 -11.30 11.06
C VAL A 107 -1.85 -9.90 11.46
N LEU A 108 -0.91 -8.95 11.52
CA LEU A 108 -1.18 -7.51 11.71
C LEU A 108 -1.61 -6.88 10.38
N THR A 109 -2.85 -6.40 10.31
CA THR A 109 -3.34 -5.70 9.11
C THR A 109 -3.33 -4.20 9.40
N ILE A 110 -2.47 -3.48 8.66
CA ILE A 110 -2.35 -2.01 8.70
C ILE A 110 -2.90 -1.49 7.37
N GLY A 111 -3.76 -0.48 7.47
CA GLY A 111 -4.16 0.34 6.32
C GLY A 111 -3.33 1.61 6.35
N ALA A 112 -2.89 2.03 5.17
CA ALA A 112 -2.23 3.33 5.00
C ALA A 112 -2.89 4.02 3.82
N SER A 113 -3.01 5.34 3.90
CA SER A 113 -3.45 6.13 2.74
C SER A 113 -2.37 5.96 1.67
N ASP A 114 -2.74 6.10 0.40
CA ASP A 114 -1.73 6.08 -0.69
C ASP A 114 -0.65 7.11 -0.32
N GLU A 115 -1.10 8.29 0.15
CA GLU A 115 -0.28 9.45 0.58
C GLU A 115 0.79 9.00 1.59
N SER A 116 0.36 8.55 2.77
CA SER A 116 1.25 8.33 3.94
C SER A 116 1.87 6.94 3.91
N ALA A 117 1.48 6.10 2.95
CA ALA A 117 1.94 4.69 2.89
C ALA A 117 3.45 4.68 2.72
N ASP A 118 3.95 5.50 1.81
CA ASP A 118 5.39 5.53 1.47
C ASP A 118 6.10 6.66 2.21
N THR A 119 5.41 7.57 2.89
CA THR A 119 6.13 8.71 3.53
C THR A 119 6.62 8.33 4.93
N ILE A 120 5.73 7.87 5.81
CA ILE A 120 6.04 7.70 7.26
C ILE A 120 5.86 6.22 7.68
N LEU A 121 5.31 5.38 6.80
CA LEU A 121 5.09 3.96 7.09
C LEU A 121 6.37 3.14 7.01
N PRO A 122 7.40 3.51 6.23
CA PRO A 122 8.73 2.92 6.44
C PRO A 122 9.13 2.91 7.91
N PHE A 123 8.89 3.99 8.65
CA PHE A 123 9.35 4.07 10.06
C PHE A 123 8.51 3.12 10.91
N LEU A 124 7.19 3.14 10.77
CA LEU A 124 6.32 2.37 11.69
C LEU A 124 6.53 0.88 11.45
N LEU A 125 6.29 0.44 10.24
CA LEU A 125 6.40 -0.98 9.85
C LEU A 125 7.83 -1.47 10.14
N ASN A 126 8.83 -0.60 9.99
CA ASN A 126 10.21 -0.85 10.47
C ASN A 126 10.16 -1.17 11.96
N ARG A 127 9.48 -0.33 12.75
CA ARG A 127 9.50 -0.49 14.22
C ARG A 127 8.71 -1.72 14.63
N VAL A 128 7.61 -2.01 13.95
CA VAL A 128 6.81 -3.24 14.24
C VAL A 128 7.71 -4.46 14.11
N SER A 129 8.49 -4.52 13.03
CA SER A 129 9.29 -5.71 12.65
C SER A 129 10.65 -5.76 13.35
N SER A 130 10.92 -4.89 14.32
CA SER A 130 12.15 -4.97 15.16
C SER A 130 11.78 -5.31 16.60
N VAL A 131 10.62 -4.86 17.06
CA VAL A 131 10.11 -5.21 18.40
C VAL A 131 9.34 -6.53 18.31
N TYR A 132 8.56 -6.71 17.24
CA TYR A 132 7.77 -7.94 16.99
C TYR A 132 8.12 -8.52 15.63
N PRO A 133 9.34 -9.06 15.42
CA PRO A 133 9.62 -9.79 14.17
C PRO A 133 8.83 -11.13 14.14
N LYS A 134 7.92 -11.24 15.09
CA LYS A 134 7.19 -12.45 15.50
C LYS A 134 5.87 -12.53 14.73
N LEU A 135 5.45 -11.45 14.04
CA LEU A 135 4.10 -11.41 13.42
C LEU A 135 4.17 -11.07 11.92
N ALA A 136 3.34 -11.74 11.12
CA ALA A 136 3.11 -11.44 9.70
C ALA A 136 2.30 -10.15 9.57
N LEU A 137 2.49 -9.42 8.47
CA LEU A 137 1.87 -8.08 8.30
C LEU A 137 1.59 -7.75 6.83
N ASP A 138 0.32 -7.57 6.50
CA ASP A 138 -0.14 -7.18 5.14
C ASP A 138 -0.66 -5.74 5.18
N VAL A 139 0.11 -4.79 4.64
CA VAL A 139 -0.37 -3.38 4.55
C VAL A 139 -1.10 -3.15 3.22
N ARG A 140 -2.39 -2.80 3.34
CA ARG A 140 -3.24 -2.53 2.16
C ARG A 140 -3.52 -1.02 2.09
N VAL A 141 -3.12 -0.37 1.01
CA VAL A 141 -3.25 1.09 0.88
C VAL A 141 -4.44 1.39 -0.02
N LYS A 142 -5.43 2.07 0.56
CA LYS A 142 -6.59 2.55 -0.21
C LYS A 142 -6.64 4.07 -0.11
N ARG A 143 -7.67 4.65 -0.71
CA ARG A 143 -7.78 6.13 -0.77
C ARG A 143 -7.89 6.67 0.64
N ASN A 144 -7.61 7.96 0.79
CA ASN A 144 -7.41 8.63 2.09
C ASN A 144 -8.74 8.63 2.89
N ALA A 145 -9.88 8.64 2.20
CA ALA A 145 -11.22 8.69 2.82
C ALA A 145 -11.62 7.29 3.34
N TYR A 146 -11.28 6.24 2.62
CA TYR A 146 -11.76 4.86 2.89
C TYR A 146 -11.02 4.25 4.07
N MET A 147 -10.07 4.98 4.67
CA MET A 147 -9.30 4.46 5.83
C MET A 147 -10.21 4.24 7.06
N ALA A 148 -11.16 5.14 7.28
CA ALA A 148 -12.04 5.09 8.47
C ALA A 148 -12.89 3.83 8.43
N GLU A 149 -13.59 3.60 7.32
CA GLU A 149 -14.52 2.45 7.21
C GLU A 149 -13.75 1.15 7.41
N MET A 150 -12.50 1.09 6.92
CA MET A 150 -11.67 -0.13 7.03
C MET A 150 -11.40 -0.45 8.51
N LEU A 151 -11.25 0.57 9.37
CA LEU A 151 -10.94 0.34 10.80
C LEU A 151 -12.23 0.06 11.57
N GLU A 152 -13.36 0.65 11.19
CA GLU A 152 -14.64 0.39 11.91
C GLU A 152 -15.14 -1.00 11.56
N SER A 153 -15.12 -1.37 10.28
CA SER A 153 -15.54 -2.72 9.83
C SER A 153 -14.46 -3.75 10.17
N GLN A 154 -13.45 -3.35 10.92
CA GLN A 154 -12.34 -4.19 11.44
C GLN A 154 -11.70 -5.00 10.32
N GLU A 155 -11.60 -4.44 9.11
CA GLU A 155 -10.75 -5.08 8.08
C GLU A 155 -9.28 -4.90 8.45
N VAL A 156 -8.92 -3.73 8.95
CA VAL A 156 -7.53 -3.40 9.37
C VAL A 156 -7.55 -3.08 10.86
N ASP A 157 -6.44 -3.36 11.54
CA ASP A 157 -6.29 -3.14 13.00
C ASP A 157 -5.74 -1.76 13.29
N LEU A 158 -5.02 -1.20 12.33
CA LEU A 158 -4.45 0.16 12.45
C LEU A 158 -4.62 0.87 11.12
N MET A 159 -4.47 2.18 11.21
CA MET A 159 -4.63 3.12 10.11
C MET A 159 -3.52 4.15 10.28
N VAL A 160 -2.99 4.63 9.17
CA VAL A 160 -2.13 5.83 9.18
C VAL A 160 -2.68 6.76 8.11
N THR A 161 -3.27 7.87 8.54
CA THR A 161 -3.97 8.81 7.63
C THR A 161 -3.56 10.24 7.93
N THR A 162 -3.89 11.12 7.00
CA THR A 162 -3.74 12.59 7.10
C THR A 162 -5.12 13.24 7.20
N HIS A 163 -6.14 12.47 7.52
CA HIS A 163 -7.50 12.98 7.81
C HIS A 163 -7.92 12.43 9.16
N ARG A 164 -8.06 13.28 10.17
CA ARG A 164 -8.32 12.81 11.54
C ARG A 164 -9.68 12.10 11.55
N PRO A 165 -9.75 10.86 12.08
CA PRO A 165 -11.03 10.16 12.22
C PRO A 165 -11.73 10.61 13.52
N SER A 166 -13.02 10.28 13.67
CA SER A 166 -13.80 10.78 14.82
C SER A 166 -13.95 9.74 15.93
N ALA A 167 -13.79 8.43 15.66
CA ALA A 167 -14.18 7.38 16.63
C ALA A 167 -12.99 6.59 17.22
N PHE A 168 -11.77 6.90 16.82
CA PHE A 168 -10.59 6.03 17.05
C PHE A 168 -9.48 6.82 17.73
N LYS A 169 -8.73 6.16 18.62
CA LYS A 169 -7.46 6.71 19.15
C LYS A 169 -6.57 7.13 17.98
N ALA A 170 -5.87 8.24 18.14
CA ALA A 170 -5.07 8.84 17.06
C ALA A 170 -3.79 9.42 17.64
N LEU A 171 -2.67 8.74 17.41
CA LEU A 171 -1.33 9.20 17.81
C LEU A 171 -0.76 10.12 16.74
N ASN A 172 -0.23 11.28 17.14
CA ASN A 172 0.37 12.22 16.18
C ASN A 172 1.82 11.82 15.93
N LEU A 173 2.13 11.30 14.74
CA LEU A 173 3.47 10.83 14.38
C LEU A 173 4.26 11.89 13.62
N ARG A 174 3.60 12.72 12.83
CA ARG A 174 4.33 13.79 12.12
C ARG A 174 3.40 14.93 11.72
N THR A 175 3.82 16.13 12.06
CA THR A 175 3.16 17.39 11.64
C THR A 175 4.10 18.12 10.69
N SER A 176 3.80 18.06 9.40
CA SER A 176 4.62 18.74 8.37
C SER A 176 3.78 19.80 7.67
N PRO A 177 4.39 20.93 7.27
CA PRO A 177 3.67 21.99 6.60
C PRO A 177 3.06 21.55 5.27
N THR A 178 1.87 22.05 4.96
CA THR A 178 1.16 21.71 3.71
C THR A 178 1.32 22.87 2.73
N HIS A 179 1.77 22.58 1.52
CA HIS A 179 2.10 23.59 0.50
C HIS A 179 1.32 23.40 -0.81
N TRP A 180 1.11 24.52 -1.47
CA TRP A 180 0.69 24.59 -2.89
C TRP A 180 1.86 24.13 -3.74
N TYR A 181 1.58 23.34 -4.76
CA TYR A 181 2.61 22.92 -5.74
C TYR A 181 2.13 23.25 -7.13
N CYS A 182 3.09 23.56 -8.00
CA CYS A 182 2.88 23.55 -9.46
C CYS A 182 4.15 23.07 -10.14
N ALA A 183 4.12 22.97 -11.46
CA ALA A 183 5.32 22.62 -12.23
C ALA A 183 6.37 23.71 -11.99
N ALA A 184 7.64 23.34 -11.95
CA ALA A 184 8.75 24.29 -11.70
C ALA A 184 8.63 25.50 -12.64
N GLU A 185 8.29 25.30 -13.90
CA GLU A 185 8.16 26.42 -14.87
C GLU A 185 6.70 26.74 -15.16
N TYR A 186 5.80 26.39 -14.24
CA TYR A 186 4.36 26.71 -14.42
C TYR A 186 4.17 28.22 -14.28
N ILE A 187 3.25 28.76 -15.06
CA ILE A 187 3.00 30.22 -15.15
C ILE A 187 1.61 30.46 -14.60
N LEU A 188 1.54 31.04 -13.40
CA LEU A 188 0.26 31.33 -12.71
C LEU A 188 -0.21 32.72 -13.07
N GLN A 189 -1.30 32.84 -13.85
CA GLN A 189 -1.81 34.16 -14.31
C GLN A 189 -2.41 34.90 -13.13
N LYS A 190 -2.47 36.23 -13.17
CA LYS A 190 -2.89 37.00 -11.97
C LYS A 190 -4.36 36.82 -11.62
N GLY A 191 -5.22 37.65 -12.18
CA GLY A 191 -6.63 37.61 -11.75
C GLY A 191 -7.34 36.33 -12.12
N GLU A 192 -7.17 35.86 -13.34
CA GLU A 192 -7.89 34.64 -13.83
C GLU A 192 -7.97 33.56 -12.76
N PRO A 193 -9.14 32.88 -12.61
CA PRO A 193 -9.31 31.79 -11.65
C PRO A 193 -8.17 30.78 -11.59
N ILE A 194 -7.86 30.28 -10.40
CA ILE A 194 -6.73 29.33 -10.21
C ILE A 194 -7.17 27.93 -10.67
N PRO A 195 -6.51 27.35 -11.68
CA PRO A 195 -6.85 26.02 -12.18
C PRO A 195 -6.30 24.89 -11.30
N LEU A 196 -7.21 24.21 -10.62
CA LEU A 196 -6.85 23.23 -9.57
C LEU A 196 -6.69 21.84 -10.17
N VAL A 197 -5.68 21.13 -9.66
CA VAL A 197 -5.44 19.68 -9.91
C VAL A 197 -5.70 18.96 -8.59
N LEU A 198 -6.76 18.16 -8.56
CA LEU A 198 -7.28 17.57 -7.30
C LEU A 198 -7.75 16.15 -7.56
N LEU A 199 -7.92 15.35 -6.51
CA LEU A 199 -8.72 14.11 -6.64
C LEU A 199 -10.19 14.50 -6.76
N ASP A 200 -11.00 13.57 -7.25
CA ASP A 200 -12.48 13.65 -7.17
C ASP A 200 -12.89 13.23 -5.76
N ASP A 201 -14.11 13.58 -5.34
CA ASP A 201 -14.52 13.32 -3.96
C ASP A 201 -14.59 11.80 -3.74
N PRO A 202 -14.21 11.31 -2.55
CA PRO A 202 -13.56 12.15 -1.55
C PRO A 202 -12.04 12.01 -1.36
N SER A 203 -11.35 13.14 -1.27
CA SER A 203 -10.05 13.29 -0.54
C SER A 203 -10.30 14.54 0.28
N PRO A 204 -10.17 14.46 1.62
CA PRO A 204 -10.23 15.65 2.46
C PRO A 204 -9.38 16.81 1.94
N PHE A 205 -8.23 16.52 1.33
CA PHE A 205 -7.34 17.55 0.74
C PHE A 205 -8.10 18.41 -0.26
N ARG A 206 -8.88 17.79 -1.15
CA ARG A 206 -9.72 18.57 -2.10
C ARG A 206 -10.64 19.48 -1.30
N ASP A 207 -11.33 18.92 -0.30
CA ASP A 207 -12.25 19.66 0.59
C ASP A 207 -11.49 20.82 1.26
N MET A 208 -10.26 20.59 1.69
CA MET A 208 -9.42 21.60 2.37
C MET A 208 -9.02 22.70 1.40
N VAL A 209 -8.64 22.35 0.16
CA VAL A 209 -8.15 23.37 -0.80
C VAL A 209 -9.30 24.33 -1.13
N LEU A 210 -10.48 23.78 -1.40
CA LEU A 210 -11.67 24.59 -1.75
C LEU A 210 -12.12 25.41 -0.52
N ALA A 211 -12.14 24.78 0.66
CA ALA A 211 -12.54 25.47 1.90
C ALA A 211 -11.64 26.70 2.11
N THR A 212 -10.34 26.55 2.00
CA THR A 212 -9.41 27.68 2.31
C THR A 212 -9.43 28.71 1.19
N LEU A 213 -9.63 28.32 -0.06
CA LEU A 213 -9.68 29.28 -1.21
C LEU A 213 -10.97 30.10 -1.18
N ASN A 214 -12.00 29.59 -0.50
CA ASN A 214 -13.27 30.34 -0.27
C ASN A 214 -13.11 31.30 0.90
N LYS A 215 -12.37 30.94 1.95
CA LYS A 215 -12.15 31.77 3.16
C LYS A 215 -11.43 33.07 2.78
N ALA A 216 -10.78 33.11 1.61
CA ALA A 216 -10.10 34.34 1.11
C ALA A 216 -10.70 34.79 -0.22
N ASP A 217 -11.81 34.19 -0.67
CA ASP A 217 -12.56 34.63 -1.88
C ASP A 217 -11.61 34.69 -3.07
N ILE A 218 -11.07 33.53 -3.43
CA ILE A 218 -10.19 33.38 -4.61
C ILE A 218 -10.95 32.58 -5.64
N PRO A 219 -11.10 33.08 -6.89
CA PRO A 219 -11.79 32.30 -7.91
C PRO A 219 -10.91 31.11 -8.29
N TRP A 220 -11.55 29.98 -8.55
CA TRP A 220 -10.83 28.78 -8.98
C TRP A 220 -11.69 28.04 -9.99
N ARG A 221 -11.13 26.95 -10.51
CA ARG A 221 -11.84 26.02 -11.41
C ARG A 221 -11.12 24.68 -11.31
N LEU A 222 -11.82 23.60 -11.62
CA LEU A 222 -11.19 22.25 -11.64
C LEU A 222 -10.63 22.02 -13.04
N ALA A 223 -9.33 22.29 -13.23
CA ALA A 223 -8.69 22.16 -14.56
C ALA A 223 -8.43 20.69 -14.85
N TYR A 224 -8.32 19.88 -13.80
CA TYR A 224 -7.96 18.46 -13.93
C TYR A 224 -8.35 17.71 -12.67
N VAL A 225 -9.31 16.79 -12.83
CA VAL A 225 -9.76 15.88 -11.75
C VAL A 225 -9.26 14.49 -12.12
N ALA A 226 -8.66 13.79 -11.16
CA ALA A 226 -8.11 12.45 -11.40
C ALA A 226 -8.70 11.45 -10.42
N SER A 227 -8.35 10.19 -10.64
CA SER A 227 -8.93 9.02 -9.92
C SER A 227 -7.98 8.52 -8.84
N THR A 228 -6.69 8.84 -8.95
CA THR A 228 -5.62 8.27 -8.09
C THR A 228 -4.69 9.40 -7.70
N LEU A 229 -3.88 9.22 -6.66
CA LEU A 229 -2.87 10.26 -6.30
C LEU A 229 -1.82 10.38 -7.41
N PRO A 230 -1.24 9.26 -7.90
CA PRO A 230 -0.31 9.32 -9.02
C PRO A 230 -0.80 10.06 -10.27
N ALA A 231 -2.11 10.03 -10.55
CA ALA A 231 -2.65 10.74 -11.73
C ALA A 231 -2.69 12.24 -11.46
N VAL A 232 -3.00 12.61 -10.21
CA VAL A 232 -3.11 14.05 -9.82
C VAL A 232 -1.70 14.64 -9.81
N ARG A 233 -0.79 14.02 -9.08
CA ARG A 233 0.61 14.49 -9.01
C ARG A 233 1.18 14.60 -10.43
N ALA A 234 0.95 13.61 -11.26
CA ALA A 234 1.44 13.57 -12.67
C ALA A 234 0.92 14.78 -13.44
N ALA A 235 -0.32 15.21 -13.21
CA ALA A 235 -0.88 16.37 -13.93
C ALA A 235 -0.23 17.67 -13.43
N VAL A 236 0.06 17.73 -12.13
CA VAL A 236 0.74 18.88 -11.49
C VAL A 236 2.14 19.02 -12.09
N LYS A 237 2.84 17.89 -12.21
CA LYS A 237 4.21 17.82 -12.77
C LYS A 237 4.18 18.13 -14.27
N ALA A 238 3.14 17.67 -14.96
CA ALA A 238 2.89 18.01 -16.39
C ALA A 238 2.49 19.49 -16.54
N GLY A 239 2.22 20.17 -15.43
CA GLY A 239 1.96 21.62 -15.39
C GLY A 239 0.60 21.96 -15.94
N LEU A 240 -0.45 21.23 -15.54
CA LEU A 240 -1.83 21.52 -15.98
C LEU A 240 -2.54 22.39 -14.95
N GLY A 241 -1.94 22.63 -13.79
CA GLY A 241 -2.55 23.49 -12.78
C GLY A 241 -1.91 23.30 -11.42
N VAL A 242 -2.69 23.59 -10.37
CA VAL A 242 -2.19 23.72 -8.99
C VAL A 242 -2.80 22.61 -8.13
N THR A 243 -2.03 22.15 -7.16
CA THR A 243 -2.53 21.25 -6.11
C THR A 243 -1.92 21.68 -4.79
N ALA A 244 -2.42 21.12 -3.70
CA ALA A 244 -1.83 21.35 -2.38
C ALA A 244 -1.60 20.01 -1.71
N ARG A 245 -0.34 19.78 -1.34
CA ARG A 245 0.10 18.52 -0.73
C ARG A 245 1.14 18.82 0.33
N PRO A 246 1.38 17.90 1.28
CA PRO A 246 2.38 18.14 2.31
C PRO A 246 3.77 18.33 1.71
N VAL A 247 4.68 18.83 2.53
CA VAL A 247 6.03 19.28 2.08
C VAL A 247 6.83 18.08 1.59
N GLU A 248 6.41 16.86 1.92
CA GLU A 248 7.15 15.65 1.51
C GLU A 248 7.01 15.40 0.00
N MET A 249 6.04 16.00 -0.67
CA MET A 249 5.86 15.85 -2.13
C MET A 249 6.95 16.62 -2.91
N MET A 250 7.62 17.57 -2.26
CA MET A 250 8.54 18.49 -2.95
C MET A 250 9.62 17.68 -3.68
N SER A 251 9.65 17.77 -5.01
CA SER A 251 10.72 17.25 -5.89
C SER A 251 11.13 18.34 -6.86
N PRO A 252 12.28 18.19 -7.55
CA PRO A 252 12.69 19.15 -8.59
C PRO A 252 11.71 19.35 -9.74
N ASP A 253 10.81 18.40 -9.97
CA ASP A 253 9.69 18.56 -10.94
C ASP A 253 8.87 19.82 -10.62
N LEU A 254 8.81 20.15 -9.34
CA LEU A 254 7.76 21.04 -8.79
C LEU A 254 8.39 22.31 -8.24
N ARG A 255 7.53 23.30 -8.10
CA ARG A 255 7.78 24.59 -7.44
C ARG A 255 6.74 24.72 -6.34
N VAL A 256 7.08 25.47 -5.30
CA VAL A 256 6.11 25.75 -4.21
C VAL A 256 5.45 27.10 -4.48
N LEU A 257 4.12 27.15 -4.42
CA LEU A 257 3.36 28.41 -4.45
C LEU A 257 3.05 28.84 -3.02
N SER A 258 3.35 30.09 -2.72
CA SER A 258 3.24 30.64 -1.35
C SER A 258 2.47 31.95 -1.43
N GLY A 259 2.57 32.73 -0.36
CA GLY A 259 1.91 34.03 -0.27
C GLY A 259 2.36 34.96 -1.36
N VAL A 260 3.62 34.88 -1.82
CA VAL A 260 4.20 35.89 -2.74
C VAL A 260 3.37 35.94 -4.03
N ASP A 261 2.79 34.81 -4.40
CA ASP A 261 2.05 34.63 -5.68
C ASP A 261 0.55 34.85 -5.46
N GLY A 262 0.10 35.01 -4.22
CA GLY A 262 -1.31 35.32 -3.93
C GLY A 262 -2.17 34.14 -3.52
N LEU A 263 -1.57 33.05 -3.04
CA LEU A 263 -2.41 31.93 -2.50
C LEU A 263 -2.33 31.92 -0.98
N PRO A 264 -3.46 31.70 -0.28
CA PRO A 264 -3.51 31.90 1.17
C PRO A 264 -2.72 30.81 1.88
N PRO A 265 -2.43 30.99 3.18
CA PRO A 265 -1.70 29.98 3.95
C PRO A 265 -2.55 28.72 4.19
N LEU A 266 -1.87 27.61 4.41
CA LEU A 266 -2.53 26.28 4.53
C LEU A 266 -2.19 25.64 5.86
N PRO A 267 -3.08 24.78 6.39
CA PRO A 267 -2.85 24.14 7.67
C PRO A 267 -1.85 23.00 7.56
N ASP A 268 -1.29 22.59 8.69
CA ASP A 268 -0.30 21.49 8.74
C ASP A 268 -1.00 20.18 8.39
N THR A 269 -0.20 19.19 8.02
CA THR A 269 -0.64 17.79 7.82
C THR A 269 -0.20 16.97 9.02
N GLU A 270 -1.13 16.21 9.59
CA GLU A 270 -0.82 15.25 10.68
C GLU A 270 -0.87 13.85 10.08
N TYR A 271 0.21 13.09 10.26
CA TYR A 271 0.29 11.67 9.87
C TYR A 271 -0.03 10.89 11.15
N LEU A 272 -1.25 10.37 11.25
CA LEU A 272 -1.79 9.89 12.52
C LEU A 272 -1.89 8.38 12.52
N LEU A 273 -1.33 7.74 13.54
CA LEU A 273 -1.50 6.29 13.77
C LEU A 273 -2.83 6.05 14.49
N CYS A 274 -3.72 5.29 13.88
CA CYS A 274 -5.12 5.21 14.38
C CYS A 274 -5.50 3.79 14.75
N TYR A 275 -6.32 3.69 15.79
CA TYR A 275 -6.61 2.44 16.51
C TYR A 275 -8.04 2.56 17.01
N ASP A 276 -8.76 1.45 17.09
CA ASP A 276 -10.11 1.43 17.70
C ASP A 276 -10.04 0.83 19.11
N PRO A 277 -10.17 1.63 20.18
CA PRO A 277 -10.24 1.07 21.53
C PRO A 277 -11.42 0.16 21.85
N SER A 278 -12.56 0.32 21.17
CA SER A 278 -13.77 -0.50 21.43
C SER A 278 -13.72 -1.82 20.67
N SER A 279 -12.56 -2.17 20.10
CA SER A 279 -12.33 -3.51 19.53
C SER A 279 -11.19 -4.04 20.37
N ASN A 280 -11.17 -5.32 20.74
CA ASN A 280 -10.13 -5.80 21.70
C ASN A 280 -8.85 -6.33 21.04
N ASN A 281 -8.47 -5.82 19.85
CA ASN A 281 -7.18 -6.16 19.24
C ASN A 281 -6.07 -5.74 20.20
N GLU A 282 -5.61 -6.70 21.00
CA GLU A 282 -4.47 -6.52 21.93
C GLU A 282 -3.21 -6.21 21.10
N LEU A 283 -3.07 -6.83 19.93
CA LEU A 283 -1.95 -6.57 18.98
C LEU A 283 -2.01 -5.14 18.45
N ALA A 284 -3.20 -4.62 18.18
CA ALA A 284 -3.36 -3.24 17.67
C ALA A 284 -2.85 -2.26 18.72
N GLN A 285 -3.32 -2.39 19.95
CA GLN A 285 -2.98 -1.44 21.03
C GLN A 285 -1.50 -1.54 21.35
N VAL A 286 -0.96 -2.77 21.41
CA VAL A 286 0.46 -2.98 21.80
C VAL A 286 1.35 -2.29 20.76
N ILE A 287 0.94 -2.27 19.51
CA ILE A 287 1.65 -1.56 18.42
C ILE A 287 1.40 -0.06 18.55
N TYR A 288 0.18 0.34 18.90
CA TYR A 288 -0.12 1.78 19.13
C TYR A 288 0.77 2.30 20.26
N GLN A 289 0.80 1.62 21.42
CA GLN A 289 1.57 2.14 22.58
C GLN A 289 3.07 2.04 22.30
N ALA A 290 3.50 1.08 21.47
CA ALA A 290 4.91 0.96 21.05
C ALA A 290 5.28 2.18 20.20
N MET A 291 4.40 2.62 19.30
CA MET A 291 4.66 3.82 18.48
C MET A 291 4.44 5.09 19.32
N GLU A 292 3.72 5.00 20.42
CA GLU A 292 3.44 6.15 21.32
C GLU A 292 4.57 6.28 22.35
N SER A 293 5.13 5.16 22.82
CA SER A 293 6.27 5.17 23.77
C SER A 293 7.59 5.31 23.02
N TYR A 294 7.58 5.25 21.68
CA TYR A 294 8.76 5.42 20.80
C TYR A 294 8.62 6.67 19.94
N HIS A 295 7.47 7.33 19.89
CA HIS A 295 7.35 8.69 19.32
C HIS A 295 7.66 9.74 20.39
N ASN A 296 7.55 9.37 21.66
CA ASN A 296 8.02 10.19 22.81
C ASN A 296 9.05 9.40 23.61
N PRO A 297 10.33 9.85 23.65
CA PRO A 297 11.39 9.11 24.35
C PRO A 297 11.22 9.08 25.88
N GLY B 106 1.98 37.60 38.52
CA GLY B 106 1.64 37.27 37.11
C GLY B 106 0.15 37.34 36.82
N VAL B 107 -0.20 37.47 35.54
CA VAL B 107 -1.61 37.46 35.08
C VAL B 107 -1.72 36.48 33.92
N LEU B 108 -2.23 35.28 34.19
CA LEU B 108 -2.48 34.27 33.15
C LEU B 108 -3.73 34.70 32.41
N THR B 109 -3.57 35.02 31.12
CA THR B 109 -4.70 35.39 30.25
C THR B 109 -5.03 34.16 29.41
N ILE B 110 -6.24 33.64 29.61
CA ILE B 110 -6.79 32.47 28.88
C ILE B 110 -7.88 33.04 27.98
N GLY B 111 -7.86 32.64 26.71
CA GLY B 111 -8.99 32.84 25.80
C GLY B 111 -9.83 31.58 25.80
N ALA B 112 -11.14 31.73 25.91
CA ALA B 112 -12.04 30.57 25.85
C ALA B 112 -13.16 30.87 24.88
N SER B 113 -13.53 29.85 24.12
CA SER B 113 -14.70 29.93 23.24
C SER B 113 -15.93 30.05 24.13
N ASP B 114 -16.99 30.64 23.59
CA ASP B 114 -18.29 30.70 24.28
C ASP B 114 -18.67 29.27 24.68
N GLU B 115 -18.47 28.34 23.75
CA GLU B 115 -18.79 26.89 23.83
C GLU B 115 -18.09 26.23 25.01
N SER B 116 -16.77 26.31 25.05
CA SER B 116 -15.94 25.58 26.05
C SER B 116 -15.84 26.37 27.36
N ALA B 117 -16.37 27.59 27.39
CA ALA B 117 -16.18 28.49 28.53
C ALA B 117 -16.73 27.85 29.80
N ASP B 118 -17.99 27.43 29.76
CA ASP B 118 -18.68 26.99 31.01
C ASP B 118 -18.71 25.47 31.10
N THR B 119 -18.38 24.73 30.04
CA THR B 119 -18.38 23.25 30.10
C THR B 119 -17.09 22.75 30.75
N ILE B 120 -15.94 23.24 30.29
CA ILE B 120 -14.61 22.63 30.57
C ILE B 120 -13.67 23.61 31.28
N LEU B 121 -14.00 24.89 31.29
CA LEU B 121 -13.14 25.91 31.92
C LEU B 121 -13.43 26.04 33.41
N PRO B 122 -14.60 25.69 33.98
CA PRO B 122 -14.71 25.54 35.43
C PRO B 122 -13.60 24.63 35.98
N PHE B 123 -13.40 23.50 35.33
CA PHE B 123 -12.35 22.54 35.72
C PHE B 123 -10.98 23.19 35.52
N LEU B 124 -10.75 23.75 34.33
CA LEU B 124 -9.42 24.33 34.02
C LEU B 124 -9.11 25.43 35.02
N LEU B 125 -10.00 26.39 35.15
CA LEU B 125 -9.75 27.56 36.04
C LEU B 125 -9.63 27.09 37.48
N ASN B 126 -10.39 26.07 37.86
CA ASN B 126 -10.24 25.44 39.19
C ASN B 126 -8.85 24.85 39.31
N ARG B 127 -8.37 24.16 38.28
CA ARG B 127 -7.08 23.44 38.33
C ARG B 127 -5.91 24.44 38.41
N VAL B 128 -6.00 25.56 37.70
CA VAL B 128 -4.96 26.61 37.73
C VAL B 128 -4.87 27.18 39.15
N SER B 129 -6.00 27.53 39.75
CA SER B 129 -6.06 28.30 41.01
C SER B 129 -5.91 27.43 42.26
N SER B 130 -5.48 26.17 42.12
CA SER B 130 -5.21 25.28 43.29
C SER B 130 -3.70 25.05 43.48
N VAL B 131 -2.97 25.08 42.37
CA VAL B 131 -1.49 24.92 42.32
C VAL B 131 -0.84 26.30 42.38
N TYR B 132 -1.46 27.32 41.79
CA TYR B 132 -0.91 28.70 41.71
C TYR B 132 -1.94 29.66 42.31
N PRO B 133 -2.14 29.63 43.65
CA PRO B 133 -3.16 30.48 44.26
C PRO B 133 -2.82 31.98 44.15
N LYS B 134 -1.61 32.29 43.68
CA LYS B 134 -1.03 33.65 43.66
C LYS B 134 -1.33 34.31 42.30
N LEU B 135 -1.81 33.54 41.33
CA LEU B 135 -1.79 33.95 39.90
C LEU B 135 -3.13 34.61 39.53
N ALA B 136 -3.06 35.76 38.87
CA ALA B 136 -4.23 36.47 38.32
C ALA B 136 -4.77 35.71 37.12
N LEU B 137 -6.08 35.78 36.89
CA LEU B 137 -6.77 35.05 35.80
C LEU B 137 -7.69 36.01 35.05
N ASP B 138 -7.38 36.28 33.79
CA ASP B 138 -8.29 37.02 32.88
C ASP B 138 -8.80 36.05 31.84
N VAL B 139 -10.10 35.72 31.89
CA VAL B 139 -10.73 34.90 30.81
C VAL B 139 -11.35 35.83 29.77
N ARG B 140 -10.78 35.89 28.57
CA ARG B 140 -11.33 36.72 27.47
C ARG B 140 -12.11 35.78 26.56
N VAL B 141 -13.42 36.00 26.43
CA VAL B 141 -14.32 34.98 25.83
C VAL B 141 -14.84 35.48 24.49
N LYS B 142 -14.33 34.93 23.40
CA LYS B 142 -14.62 35.40 22.05
C LYS B 142 -15.14 34.23 21.22
N ARG B 143 -15.39 34.46 19.94
CA ARG B 143 -15.96 33.39 19.06
C ARG B 143 -14.87 32.35 18.83
N ASN B 144 -15.27 31.14 18.43
CA ASN B 144 -14.33 30.02 18.22
C ASN B 144 -13.35 30.33 17.08
N ALA B 145 -13.70 31.21 16.13
CA ALA B 145 -12.74 31.44 15.02
C ALA B 145 -11.55 32.26 15.50
N TYR B 146 -11.77 33.25 16.37
CA TYR B 146 -10.69 34.20 16.76
C TYR B 146 -9.68 33.51 17.68
N MET B 147 -9.95 32.27 18.12
CA MET B 147 -9.16 31.62 19.18
C MET B 147 -7.68 31.46 18.76
N ALA B 148 -7.43 31.10 17.51
CA ALA B 148 -6.05 30.92 17.01
C ALA B 148 -5.37 32.28 16.96
N GLU B 149 -6.03 33.28 16.35
CA GLU B 149 -5.48 34.64 16.13
C GLU B 149 -5.05 35.25 17.45
N MET B 150 -5.83 35.02 18.52
CA MET B 150 -5.54 35.59 19.87
C MET B 150 -4.23 34.99 20.40
N LEU B 151 -3.98 33.71 20.14
CA LEU B 151 -2.82 32.97 20.66
C LEU B 151 -1.59 33.24 19.79
N GLU B 152 -1.80 33.60 18.52
CA GLU B 152 -0.71 34.00 17.59
C GLU B 152 -0.16 35.37 18.04
N SER B 153 -1.04 36.33 18.26
CA SER B 153 -0.70 37.73 18.62
C SER B 153 -0.32 37.85 20.10
N GLN B 154 -0.17 36.73 20.80
CA GLN B 154 0.01 36.66 22.28
C GLN B 154 -0.98 37.59 23.02
N GLU B 155 -2.20 37.73 22.52
CA GLU B 155 -3.27 38.43 23.29
C GLU B 155 -3.65 37.58 24.50
N VAL B 156 -3.75 36.26 24.30
CA VAL B 156 -4.01 35.27 25.37
C VAL B 156 -2.79 34.36 25.45
N ASP B 157 -2.58 33.75 26.61
CA ASP B 157 -1.44 32.83 26.82
C ASP B 157 -1.83 31.42 26.36
N LEU B 158 -3.10 31.07 26.54
CA LEU B 158 -3.63 29.73 26.20
C LEU B 158 -5.02 29.92 25.65
N MET B 159 -5.54 28.82 25.15
CA MET B 159 -6.80 28.78 24.38
C MET B 159 -7.57 27.54 24.82
N VAL B 160 -8.89 27.67 24.85
CA VAL B 160 -9.77 26.47 24.87
C VAL B 160 -10.75 26.61 23.71
N THR B 161 -10.57 25.76 22.70
CA THR B 161 -11.30 25.83 21.42
C THR B 161 -11.78 24.43 21.05
N THR B 162 -12.75 24.40 20.15
CA THR B 162 -13.26 23.13 19.55
C THR B 162 -12.87 23.07 18.08
N HIS B 163 -11.98 23.96 17.64
CA HIS B 163 -11.46 23.99 16.25
C HIS B 163 -9.94 23.89 16.34
N ARG B 164 -9.38 22.78 15.83
CA ARG B 164 -7.95 22.48 15.99
C ARG B 164 -7.15 23.58 15.30
N PRO B 165 -6.15 24.17 15.97
CA PRO B 165 -5.25 25.12 15.32
C PRO B 165 -4.18 24.36 14.54
N SER B 166 -3.48 25.05 13.64
CA SER B 166 -2.47 24.36 12.79
C SER B 166 -1.04 24.60 13.29
N ALA B 167 -0.79 25.59 14.15
CA ALA B 167 0.59 25.92 14.57
C ALA B 167 0.87 25.65 16.06
N PHE B 168 -0.09 25.14 16.83
CA PHE B 168 -0.03 25.19 18.32
C PHE B 168 -0.21 23.82 18.93
N LYS B 169 0.59 23.51 19.97
CA LYS B 169 0.38 22.32 20.80
C LYS B 169 -1.07 22.30 21.29
N ALA B 170 -1.67 21.11 21.33
CA ALA B 170 -3.11 20.96 21.59
C ALA B 170 -3.35 19.75 22.50
N LEU B 171 -3.67 20.01 23.77
CA LEU B 171 -4.06 18.94 24.70
C LEU B 171 -5.56 18.71 24.57
N ASN B 172 -5.95 17.45 24.44
CA ASN B 172 -7.36 17.02 24.40
C ASN B 172 -7.88 17.00 25.82
N LEU B 173 -8.88 17.82 26.13
CA LEU B 173 -9.49 17.80 27.48
C LEU B 173 -10.76 16.95 27.46
N ARG B 174 -11.54 16.95 26.38
CA ARG B 174 -12.77 16.12 26.33
C ARG B 174 -13.13 15.80 24.89
N THR B 175 -13.48 14.54 24.65
CA THR B 175 -14.10 14.05 23.40
C THR B 175 -15.59 13.75 23.68
N SER B 176 -16.46 14.57 23.13
CA SER B 176 -17.93 14.49 23.28
C SER B 176 -18.57 14.17 21.94
N PRO B 177 -19.69 13.43 21.94
CA PRO B 177 -20.49 13.31 20.73
C PRO B 177 -21.02 14.66 20.28
N THR B 178 -21.10 14.88 18.97
CA THR B 178 -21.78 16.04 18.38
C THR B 178 -23.16 15.58 17.90
N HIS B 179 -24.21 16.29 18.29
CA HIS B 179 -25.60 15.88 18.02
C HIS B 179 -26.38 16.96 17.27
N TRP B 180 -27.34 16.49 16.46
CA TRP B 180 -28.37 17.36 15.87
C TRP B 180 -29.36 17.73 16.95
N TYR B 181 -29.78 18.99 16.98
CA TYR B 181 -30.77 19.48 17.95
C TYR B 181 -31.90 20.17 17.23
N CYS B 182 -33.10 19.98 17.77
CA CYS B 182 -34.24 20.85 17.47
C CYS B 182 -35.09 21.02 18.74
N ALA B 183 -36.10 21.89 18.66
CA ALA B 183 -37.02 22.10 19.80
C ALA B 183 -37.68 20.78 20.12
N ALA B 184 -37.90 20.52 21.41
CA ALA B 184 -38.46 19.23 21.88
C ALA B 184 -39.76 18.93 21.12
N GLU B 185 -40.61 19.92 20.87
CA GLU B 185 -41.92 19.71 20.22
C GLU B 185 -41.86 20.09 18.74
N TYR B 186 -40.65 20.28 18.20
CA TYR B 186 -40.46 20.66 16.78
C TYR B 186 -40.89 19.51 15.87
N ILE B 187 -41.32 19.84 14.66
CA ILE B 187 -41.67 18.84 13.61
C ILE B 187 -40.64 18.95 12.49
N LEU B 188 -39.77 17.95 12.34
CA LEU B 188 -38.87 17.90 11.15
C LEU B 188 -39.61 17.27 9.97
N GLN B 189 -39.97 18.10 9.00
CA GLN B 189 -40.78 17.72 7.81
C GLN B 189 -39.89 16.95 6.85
N LYS B 190 -40.14 15.65 6.71
CA LYS B 190 -39.34 14.81 5.78
C LYS B 190 -39.67 15.21 4.35
N GLY B 191 -38.67 15.40 3.48
CA GLY B 191 -38.96 15.76 2.08
C GLY B 191 -39.03 17.25 1.91
N GLU B 192 -38.05 17.97 2.45
CA GLU B 192 -38.09 19.45 2.44
C GLU B 192 -36.70 19.92 2.85
N PRO B 193 -36.15 21.01 2.29
CA PRO B 193 -34.85 21.53 2.72
C PRO B 193 -34.70 21.63 4.24
N ILE B 194 -33.62 21.09 4.79
CA ILE B 194 -33.41 21.09 6.26
C ILE B 194 -33.18 22.52 6.72
N PRO B 195 -34.08 23.09 7.53
CA PRO B 195 -33.95 24.48 7.97
C PRO B 195 -32.92 24.66 9.09
N LEU B 196 -31.78 25.24 8.76
CA LEU B 196 -30.61 25.23 9.68
C LEU B 196 -30.63 26.47 10.56
N VAL B 197 -30.27 26.26 11.83
CA VAL B 197 -29.96 27.35 12.80
C VAL B 197 -28.45 27.30 13.05
N LEU B 198 -27.73 28.34 12.62
CA LEU B 198 -26.24 28.41 12.66
C LEU B 198 -25.78 29.83 12.95
N LEU B 199 -24.51 30.00 13.29
CA LEU B 199 -23.88 31.33 13.41
C LEU B 199 -23.66 31.88 12.00
N ASP B 200 -23.39 33.18 11.89
CA ASP B 200 -22.85 33.79 10.66
C ASP B 200 -21.37 33.45 10.56
N ASP B 201 -20.76 33.69 9.41
CA ASP B 201 -19.33 33.36 9.22
C ASP B 201 -18.49 34.31 10.04
N PRO B 202 -17.40 33.84 10.68
CA PRO B 202 -17.02 32.43 10.64
C PRO B 202 -17.46 31.51 11.77
N SER B 203 -17.84 30.29 11.39
CA SER B 203 -18.10 29.18 12.33
C SER B 203 -17.56 27.88 11.77
N PRO B 204 -16.61 27.20 12.44
CA PRO B 204 -16.27 25.83 12.04
C PRO B 204 -17.52 24.94 12.14
N PHE B 205 -18.29 25.05 13.23
CA PHE B 205 -19.52 24.24 13.43
C PHE B 205 -20.51 24.48 12.29
N ARG B 206 -20.71 25.73 11.91
CA ARG B 206 -21.53 26.05 10.71
C ARG B 206 -20.94 25.31 9.52
N ASP B 207 -19.64 25.46 9.29
CA ASP B 207 -18.93 24.81 8.16
C ASP B 207 -19.06 23.29 8.26
N MET B 208 -18.96 22.75 9.47
CA MET B 208 -19.03 21.29 9.68
C MET B 208 -20.46 20.82 9.38
N VAL B 209 -21.47 21.58 9.78
CA VAL B 209 -22.89 21.19 9.56
C VAL B 209 -23.17 21.15 8.06
N LEU B 210 -22.68 22.13 7.30
CA LEU B 210 -22.98 22.25 5.86
C LEU B 210 -22.27 21.15 5.07
N ALA B 211 -21.00 20.87 5.37
CA ALA B 211 -20.24 19.82 4.67
C ALA B 211 -20.96 18.49 4.84
N THR B 212 -21.42 18.19 6.06
CA THR B 212 -22.03 16.89 6.38
C THR B 212 -23.31 16.68 5.56
N LEU B 213 -24.14 17.71 5.41
CA LEU B 213 -25.43 17.58 4.70
C LEU B 213 -25.21 17.52 3.19
N ASN B 214 -24.12 18.12 2.71
CA ASN B 214 -23.74 18.03 1.27
C ASN B 214 -23.18 16.63 0.98
N LYS B 215 -22.34 16.12 1.87
CA LYS B 215 -21.63 14.83 1.68
C LYS B 215 -22.63 13.66 1.65
N ALA B 216 -23.87 13.87 2.12
CA ALA B 216 -24.91 12.81 2.15
C ALA B 216 -26.13 13.20 1.32
N ASP B 217 -26.01 14.23 0.48
CA ASP B 217 -27.01 14.60 -0.55
C ASP B 217 -28.35 15.00 0.09
N ILE B 218 -28.33 15.79 1.16
CA ILE B 218 -29.58 16.18 1.87
C ILE B 218 -29.80 17.67 1.67
N PRO B 219 -30.95 18.11 1.13
CA PRO B 219 -31.17 19.53 0.86
C PRO B 219 -31.28 20.36 2.14
N TRP B 220 -30.82 21.62 2.12
CA TRP B 220 -30.91 22.48 3.32
C TRP B 220 -31.12 23.96 2.99
N ARG B 221 -31.30 24.80 4.02
CA ARG B 221 -31.47 26.26 3.84
C ARG B 221 -31.14 27.00 5.14
N LEU B 222 -30.84 28.30 5.04
CA LEU B 222 -30.47 29.15 6.18
C LEU B 222 -31.71 29.85 6.78
N ALA B 223 -32.30 29.26 7.81
CA ALA B 223 -33.54 29.80 8.43
C ALA B 223 -33.24 30.88 9.46
N TYR B 224 -32.09 30.86 10.12
CA TYR B 224 -31.78 31.84 11.20
C TYR B 224 -30.28 31.87 11.44
N VAL B 225 -29.67 33.00 11.11
CA VAL B 225 -28.20 33.20 11.27
C VAL B 225 -28.05 34.30 12.31
N ALA B 226 -27.17 34.12 13.29
CA ALA B 226 -26.97 35.13 14.36
C ALA B 226 -25.49 35.43 14.55
N SER B 227 -25.20 36.35 15.45
CA SER B 227 -23.85 36.89 15.76
C SER B 227 -23.20 36.13 16.91
N THR B 228 -24.03 35.47 17.73
CA THR B 228 -23.66 34.96 19.04
C THR B 228 -24.25 33.55 19.19
N LEU B 229 -23.66 32.76 20.09
CA LEU B 229 -24.22 31.44 20.44
C LEU B 229 -25.57 31.59 21.14
N PRO B 230 -25.74 32.48 22.13
CA PRO B 230 -27.06 32.63 22.77
C PRO B 230 -28.19 32.99 21.81
N ALA B 231 -27.93 33.72 20.73
CA ALA B 231 -29.00 34.08 19.77
C ALA B 231 -29.34 32.84 18.94
N VAL B 232 -28.32 32.05 18.58
CA VAL B 232 -28.54 30.83 17.76
C VAL B 232 -29.25 29.78 18.63
N ARG B 233 -28.65 29.47 19.77
CA ARG B 233 -29.24 28.48 20.70
C ARG B 233 -30.70 28.85 20.99
N ALA B 234 -30.97 30.11 21.28
CA ALA B 234 -32.32 30.61 21.59
C ALA B 234 -33.26 30.32 20.42
N ALA B 235 -32.79 30.43 19.18
CA ALA B 235 -33.64 30.23 17.99
C ALA B 235 -34.02 28.75 17.86
N VAL B 236 -33.12 27.84 18.22
CA VAL B 236 -33.40 26.38 18.19
C VAL B 236 -34.50 26.05 19.17
N LYS B 237 -34.43 26.60 20.38
CA LYS B 237 -35.39 26.30 21.47
C LYS B 237 -36.76 26.87 21.12
N ALA B 238 -36.79 28.04 20.48
CA ALA B 238 -38.04 28.66 19.99
C ALA B 238 -38.59 27.88 18.78
N GLY B 239 -37.83 26.93 18.25
CA GLY B 239 -38.32 26.01 17.20
C GLY B 239 -38.32 26.65 15.82
N LEU B 240 -37.21 27.29 15.45
CA LEU B 240 -36.99 27.88 14.11
C LEU B 240 -36.24 26.91 13.19
N GLY B 241 -35.80 25.76 13.67
CA GLY B 241 -35.06 24.85 12.78
C GLY B 241 -34.17 23.88 13.53
N VAL B 242 -33.11 23.45 12.86
CA VAL B 242 -32.21 22.35 13.28
C VAL B 242 -30.82 22.92 13.43
N THR B 243 -30.04 22.37 14.36
CA THR B 243 -28.62 22.75 14.49
C THR B 243 -27.82 21.52 14.90
N ALA B 244 -26.50 21.66 14.97
CA ALA B 244 -25.61 20.64 15.55
C ALA B 244 -24.72 21.30 16.59
N ARG B 245 -24.67 20.69 17.77
CA ARG B 245 -23.81 21.14 18.87
C ARG B 245 -23.32 19.94 19.65
N PRO B 246 -22.32 20.11 20.54
CA PRO B 246 -21.93 19.03 21.43
C PRO B 246 -23.09 18.62 22.33
N VAL B 247 -22.92 17.46 22.96
CA VAL B 247 -23.95 16.80 23.78
C VAL B 247 -24.26 17.64 25.01
N GLU B 248 -23.39 18.59 25.36
CA GLU B 248 -23.52 19.37 26.61
C GLU B 248 -24.66 20.40 26.49
N MET B 249 -25.12 20.72 25.27
CA MET B 249 -26.23 21.67 25.04
C MET B 249 -27.59 21.05 25.40
N MET B 250 -27.66 19.74 25.61
CA MET B 250 -28.93 19.05 25.88
C MET B 250 -29.60 19.66 27.13
N SER B 251 -30.78 20.26 26.97
CA SER B 251 -31.70 20.57 28.09
C SER B 251 -33.07 20.00 27.74
N PRO B 252 -33.99 19.89 28.72
CA PRO B 252 -35.38 19.52 28.45
C PRO B 252 -36.10 20.37 27.42
N ASP B 253 -35.64 21.61 27.18
CA ASP B 253 -36.14 22.45 26.07
C ASP B 253 -36.03 21.73 24.73
N LEU B 254 -35.02 20.87 24.55
CA LEU B 254 -34.62 20.41 23.21
C LEU B 254 -34.79 18.91 23.06
N ARG B 255 -34.72 18.48 21.80
CA ARG B 255 -34.69 17.07 21.40
C ARG B 255 -33.46 16.86 20.52
N VAL B 256 -32.93 15.63 20.51
CA VAL B 256 -31.85 15.23 19.59
C VAL B 256 -32.46 14.52 18.38
N LEU B 257 -32.04 14.91 17.18
CA LEU B 257 -32.41 14.22 15.92
C LEU B 257 -31.28 13.28 15.51
N SER B 258 -31.63 12.04 15.16
CA SER B 258 -30.63 11.02 14.77
C SER B 258 -30.97 10.48 13.38
N GLY B 259 -30.39 9.32 13.04
CA GLY B 259 -30.66 8.62 11.77
C GLY B 259 -32.14 8.42 11.51
N VAL B 260 -32.95 8.26 12.55
CA VAL B 260 -34.39 7.93 12.48
C VAL B 260 -35.16 9.04 11.78
N ASP B 261 -34.69 10.28 11.89
CA ASP B 261 -35.32 11.47 11.27
C ASP B 261 -34.72 11.72 9.89
N GLY B 262 -33.68 10.98 9.51
CA GLY B 262 -32.99 11.15 8.21
C GLY B 262 -31.72 11.96 8.33
N LEU B 263 -31.12 12.07 9.52
CA LEU B 263 -29.96 12.98 9.58
C LEU B 263 -28.67 12.19 9.74
N PRO B 264 -27.64 12.59 8.96
CA PRO B 264 -26.40 11.84 8.88
C PRO B 264 -25.66 11.87 10.20
N PRO B 265 -24.71 10.94 10.40
CA PRO B 265 -23.92 10.92 11.63
C PRO B 265 -23.03 12.17 11.70
N LEU B 266 -22.48 12.46 12.87
CA LEU B 266 -21.68 13.68 13.08
C LEU B 266 -20.29 13.32 13.59
N PRO B 267 -19.28 14.14 13.26
CA PRO B 267 -17.94 13.93 13.82
C PRO B 267 -17.92 14.32 15.28
N ASP B 268 -17.01 13.73 16.05
CA ASP B 268 -16.94 14.05 17.50
C ASP B 268 -16.49 15.50 17.67
N THR B 269 -16.76 16.05 18.85
CA THR B 269 -16.28 17.39 19.27
C THR B 269 -15.11 17.20 20.23
N GLU B 270 -14.00 17.87 19.95
CA GLU B 270 -12.85 17.91 20.86
C GLU B 270 -12.82 19.26 21.55
N TYR B 271 -12.65 19.25 22.86
CA TYR B 271 -12.36 20.46 23.64
C TYR B 271 -10.85 20.48 23.88
N LEU B 272 -10.15 21.39 23.21
CA LEU B 272 -8.67 21.39 23.22
C LEU B 272 -8.14 22.61 23.95
N LEU B 273 -7.20 22.40 24.88
CA LEU B 273 -6.33 23.47 25.43
C LEU B 273 -5.16 23.67 24.47
N CYS B 274 -4.95 24.91 24.02
CA CYS B 274 -3.87 25.19 23.03
C CYS B 274 -2.89 26.25 23.51
N TYR B 275 -1.64 26.09 23.08
CA TYR B 275 -0.43 26.73 23.64
C TYR B 275 0.46 27.16 22.49
N ASP B 276 1.35 28.14 22.68
CA ASP B 276 2.35 28.48 21.64
C ASP B 276 3.71 27.93 22.06
N PRO B 277 4.19 26.82 21.46
CA PRO B 277 5.53 26.31 21.77
C PRO B 277 6.66 27.22 21.30
N SER B 278 6.46 27.98 20.22
CA SER B 278 7.50 28.81 19.57
C SER B 278 7.61 30.19 20.22
N SER B 279 6.97 30.42 21.37
CA SER B 279 6.96 31.73 22.08
C SER B 279 7.79 31.63 23.36
N ASN B 280 7.90 32.73 24.11
CA ASN B 280 8.62 32.78 25.41
C ASN B 280 7.67 32.51 26.57
N ASN B 281 6.47 32.00 26.28
CA ASN B 281 5.39 32.05 27.28
C ASN B 281 5.62 30.89 28.23
N GLU B 282 6.35 31.13 29.32
CA GLU B 282 6.64 30.07 30.30
C GLU B 282 5.35 29.74 31.03
N LEU B 283 4.53 30.74 31.39
CA LEU B 283 3.24 30.44 32.05
C LEU B 283 2.44 29.51 31.15
N ALA B 284 2.44 29.76 29.84
CA ALA B 284 1.67 28.93 28.89
C ALA B 284 2.15 27.48 29.01
N GLN B 285 3.46 27.26 28.87
CA GLN B 285 4.04 25.91 28.91
C GLN B 285 3.83 25.31 30.31
N VAL B 286 4.08 26.09 31.36
CA VAL B 286 4.02 25.57 32.75
C VAL B 286 2.59 25.11 33.07
N ILE B 287 1.57 25.88 32.64
CA ILE B 287 0.16 25.51 32.92
C ILE B 287 -0.27 24.43 31.94
N TYR B 288 0.15 24.52 30.67
CA TYR B 288 -0.14 23.45 29.67
C TYR B 288 0.46 22.13 30.17
N GLN B 289 1.72 22.15 30.63
CA GLN B 289 2.44 20.96 31.10
C GLN B 289 1.77 20.40 32.36
N ALA B 290 1.26 21.29 33.23
CA ALA B 290 0.55 20.88 34.46
C ALA B 290 -0.79 20.24 34.08
N MET B 291 -1.47 20.75 33.05
CA MET B 291 -2.74 20.19 32.55
C MET B 291 -2.49 18.85 31.83
N GLU B 292 -1.26 18.59 31.36
CA GLU B 292 -0.95 17.34 30.62
C GLU B 292 -0.34 16.28 31.54
N SER B 293 0.38 16.64 32.59
CA SER B 293 0.89 15.64 33.58
C SER B 293 -0.21 15.24 34.58
N TYR B 294 -1.37 15.91 34.52
CA TYR B 294 -2.56 15.61 35.34
C TYR B 294 -3.71 15.10 34.47
N HIS B 295 -3.65 15.26 33.15
CA HIS B 295 -4.55 14.60 32.17
C HIS B 295 -4.00 13.21 31.83
N ASN B 296 -2.72 12.95 32.12
CA ASN B 296 -2.09 11.61 32.05
C ASN B 296 -1.58 11.23 33.44
N GLY C 106 39.03 14.88 22.36
CA GLY C 106 39.87 15.13 21.16
C GLY C 106 39.13 15.91 20.08
N VAL C 107 39.77 16.04 18.92
CA VAL C 107 39.16 16.72 17.72
C VAL C 107 39.42 15.85 16.48
N LEU C 108 38.38 15.16 16.03
CA LEU C 108 38.44 14.30 14.84
C LEU C 108 38.23 15.15 13.59
N THR C 109 39.23 15.17 12.71
CA THR C 109 39.13 15.82 11.39
C THR C 109 38.87 14.73 10.35
N ILE C 110 37.72 14.82 9.67
CA ILE C 110 37.36 13.92 8.55
C ILE C 110 37.45 14.72 7.24
N GLY C 111 38.12 14.14 6.25
CA GLY C 111 38.08 14.65 4.87
C GLY C 111 37.13 13.81 4.04
N ALA C 112 36.23 14.45 3.31
CA ALA C 112 35.34 13.73 2.37
C ALA C 112 35.26 14.52 1.08
N SER C 113 35.24 13.80 -0.04
CA SER C 113 34.98 14.41 -1.35
C SER C 113 33.56 14.93 -1.35
N ASP C 114 33.28 15.93 -2.17
CA ASP C 114 31.90 16.43 -2.37
C ASP C 114 31.01 15.25 -2.73
N GLU C 115 31.49 14.36 -3.61
CA GLU C 115 30.74 13.17 -4.10
C GLU C 115 30.28 12.31 -2.92
N SER C 116 31.24 11.84 -2.10
CA SER C 116 30.94 10.96 -0.96
C SER C 116 30.52 11.76 0.27
N ALA C 117 30.56 13.09 0.20
CA ALA C 117 30.29 13.95 1.38
C ALA C 117 28.82 13.76 1.79
N ASP C 118 27.91 13.87 0.84
CA ASP C 118 26.45 13.89 1.13
C ASP C 118 25.84 12.51 0.93
N THR C 119 26.51 11.58 0.27
CA THR C 119 25.98 10.21 0.03
C THR C 119 26.25 9.31 1.24
N ILE C 120 27.50 9.18 1.67
CA ILE C 120 27.89 8.12 2.65
C ILE C 120 28.48 8.72 3.93
N LEU C 121 28.69 10.04 4.00
CA LEU C 121 29.22 10.64 5.25
C LEU C 121 28.11 10.81 6.30
N PRO C 122 26.84 11.08 5.93
CA PRO C 122 25.75 11.05 6.89
C PRO C 122 25.75 9.80 7.77
N PHE C 123 25.96 8.64 7.17
CA PHE C 123 25.83 7.36 7.93
C PHE C 123 27.03 7.24 8.85
N LEU C 124 28.22 7.59 8.35
CA LEU C 124 29.47 7.51 9.14
C LEU C 124 29.41 8.50 10.30
N LEU C 125 29.20 9.78 9.97
CA LEU C 125 29.26 10.92 10.90
C LEU C 125 28.21 10.75 11.99
N ASN C 126 27.08 10.12 11.67
CA ASN C 126 26.04 9.74 12.66
C ASN C 126 26.66 8.81 13.70
N ARG C 127 27.38 7.78 13.26
CA ARG C 127 27.93 6.73 14.14
C ARG C 127 29.10 7.29 14.95
N VAL C 128 29.90 8.18 14.38
CA VAL C 128 31.03 8.81 15.09
C VAL C 128 30.49 9.55 16.31
N SER C 129 29.46 10.38 16.13
CA SER C 129 28.93 11.26 17.19
C SER C 129 27.90 10.53 18.07
N SER C 130 27.82 9.19 18.00
CA SER C 130 26.91 8.39 18.84
C SER C 130 27.71 7.49 19.80
N VAL C 131 28.84 6.96 19.36
CA VAL C 131 29.64 6.06 20.24
C VAL C 131 30.65 6.92 21.03
N TYR C 132 31.17 7.99 20.43
CA TYR C 132 32.12 8.92 21.07
C TYR C 132 31.53 10.33 21.10
N PRO C 133 30.49 10.56 21.92
CA PRO C 133 29.71 11.79 21.83
C PRO C 133 30.42 13.04 22.36
N LYS C 134 31.62 12.90 22.93
CA LYS C 134 32.31 14.08 23.54
C LYS C 134 33.20 14.78 22.51
N LEU C 135 33.38 14.17 21.35
CA LEU C 135 34.48 14.45 20.41
C LEU C 135 34.02 15.47 19.36
N ALA C 136 34.80 16.53 19.16
CA ALA C 136 34.49 17.58 18.18
C ALA C 136 34.78 17.06 16.77
N LEU C 137 34.00 17.53 15.78
CA LEU C 137 33.99 16.98 14.42
C LEU C 137 34.26 18.07 13.39
N ASP C 138 35.44 18.00 12.76
CA ASP C 138 35.85 18.92 11.68
C ASP C 138 35.75 18.16 10.37
N VAL C 139 34.66 18.39 9.63
CA VAL C 139 34.43 17.76 8.30
C VAL C 139 34.90 18.73 7.22
N ARG C 140 35.98 18.35 6.55
CA ARG C 140 36.62 19.17 5.50
C ARG C 140 36.32 18.52 4.17
N VAL C 141 35.70 19.27 3.27
CA VAL C 141 35.24 18.77 1.95
C VAL C 141 36.08 19.46 0.89
N LYS C 142 36.90 18.69 0.18
CA LYS C 142 37.52 19.22 -1.05
C LYS C 142 37.13 18.35 -2.23
N ARG C 143 37.71 18.64 -3.39
CA ARG C 143 37.54 17.79 -4.58
C ARG C 143 38.17 16.44 -4.32
N ASN C 144 37.77 15.45 -5.11
CA ASN C 144 38.17 14.05 -4.83
C ASN C 144 39.68 13.87 -5.08
N ALA C 145 40.30 14.71 -5.89
CA ALA C 145 41.74 14.59 -6.20
C ALA C 145 42.60 14.89 -4.97
N TYR C 146 42.23 15.94 -4.23
CA TYR C 146 43.07 16.49 -3.13
C TYR C 146 43.07 15.55 -1.92
N MET C 147 42.28 14.49 -1.95
CA MET C 147 42.04 13.63 -0.77
C MET C 147 43.30 12.87 -0.36
N ALA C 148 44.15 12.46 -1.31
CA ALA C 148 45.40 11.75 -0.96
C ALA C 148 46.31 12.68 -0.15
N GLU C 149 46.56 13.89 -0.66
CA GLU C 149 47.48 14.84 0.01
C GLU C 149 46.96 15.17 1.40
N MET C 150 45.64 15.27 1.55
CA MET C 150 45.03 15.63 2.85
C MET C 150 45.29 14.52 3.87
N LEU C 151 45.27 13.25 3.45
CA LEU C 151 45.50 12.12 4.38
C LEU C 151 46.99 11.89 4.59
N GLU C 152 47.81 12.16 3.58
CA GLU C 152 49.28 11.97 3.66
C GLU C 152 49.84 12.98 4.68
N SER C 153 49.49 14.26 4.52
CA SER C 153 49.99 15.37 5.35
C SER C 153 49.27 15.44 6.69
N GLN C 154 48.59 14.37 7.11
CA GLN C 154 47.82 14.31 8.39
C GLN C 154 46.98 15.58 8.60
N GLU C 155 46.51 16.23 7.53
CA GLU C 155 45.55 17.35 7.67
C GLU C 155 44.22 16.78 8.16
N VAL C 156 43.87 15.59 7.67
CA VAL C 156 42.66 14.86 8.11
C VAL C 156 43.09 13.56 8.80
N ASP C 157 42.27 13.07 9.71
CA ASP C 157 42.53 11.81 10.45
C ASP C 157 41.97 10.63 9.67
N LEU C 158 40.87 10.84 8.96
CA LEU C 158 40.21 9.80 8.14
C LEU C 158 39.72 10.43 6.86
N MET C 159 39.39 9.57 5.90
CA MET C 159 39.02 10.02 4.55
C MET C 159 37.91 9.14 4.02
N VAL C 160 36.97 9.76 3.32
CA VAL C 160 35.86 9.07 2.62
C VAL C 160 35.95 9.52 1.16
N THR C 161 36.29 8.59 0.26
CA THR C 161 36.59 8.92 -1.15
C THR C 161 35.90 7.91 -2.07
N THR C 162 35.83 8.26 -3.36
CA THR C 162 35.32 7.37 -4.42
C THR C 162 36.45 6.90 -5.33
N HIS C 163 37.70 7.14 -4.93
CA HIS C 163 38.89 6.77 -5.71
C HIS C 163 39.82 5.96 -4.83
N ARG C 164 40.04 4.69 -5.14
CA ARG C 164 40.85 3.82 -4.25
C ARG C 164 42.26 4.38 -4.20
N PRO C 165 42.82 4.62 -3.00
CA PRO C 165 44.21 5.05 -2.88
C PRO C 165 45.14 3.83 -2.94
N SER C 166 46.44 4.07 -3.11
CA SER C 166 47.43 2.98 -3.22
C SER C 166 48.21 2.78 -1.91
N ALA C 167 48.32 3.78 -1.02
CA ALA C 167 49.29 3.73 0.10
C ALA C 167 48.61 3.60 1.47
N PHE C 168 47.29 3.62 1.53
CA PHE C 168 46.53 3.68 2.81
C PHE C 168 45.53 2.54 2.84
N LYS C 169 45.35 1.93 4.00
CA LYS C 169 44.27 0.92 4.17
C LYS C 169 42.94 1.60 3.88
N ALA C 170 42.03 0.88 3.22
CA ALA C 170 40.82 1.47 2.61
C ALA C 170 39.64 0.52 2.79
N LEU C 171 38.76 0.82 3.73
CA LEU C 171 37.54 0.04 3.97
C LEU C 171 36.42 0.54 3.08
N ASN C 172 35.71 -0.39 2.47
CA ASN C 172 34.58 -0.12 1.56
C ASN C 172 33.30 0.07 2.37
N LEU C 173 32.69 1.25 2.28
CA LEU C 173 31.40 1.51 2.97
C LEU C 173 30.23 1.22 2.03
N ARG C 174 30.35 1.55 0.74
CA ARG C 174 29.24 1.33 -0.21
C ARG C 174 29.80 1.18 -1.62
N THR C 175 29.26 0.24 -2.39
CA THR C 175 29.56 0.07 -3.84
C THR C 175 28.31 0.38 -4.65
N SER C 176 28.34 1.45 -5.42
CA SER C 176 27.20 1.91 -6.23
C SER C 176 27.45 1.62 -7.70
N PRO C 177 26.45 1.16 -8.45
CA PRO C 177 26.54 1.19 -9.91
C PRO C 177 26.68 2.65 -10.39
N THR C 178 27.47 2.84 -11.42
CA THR C 178 27.71 4.15 -12.05
C THR C 178 26.88 4.24 -13.33
N HIS C 179 26.22 5.37 -13.57
CA HIS C 179 25.35 5.55 -14.76
C HIS C 179 25.77 6.75 -15.58
N TRP C 180 25.48 6.69 -16.87
CA TRP C 180 25.48 7.89 -17.76
C TRP C 180 24.21 8.66 -17.43
N TYR C 181 24.32 9.99 -17.37
CA TYR C 181 23.18 10.87 -17.09
C TYR C 181 23.03 11.92 -18.18
N CYS C 182 21.78 12.27 -18.41
CA CYS C 182 21.43 13.50 -19.17
C CYS C 182 20.12 14.05 -18.64
N ALA C 183 19.71 15.20 -19.14
CA ALA C 183 18.43 15.83 -18.81
C ALA C 183 17.31 14.89 -19.20
N ALA C 184 16.24 14.86 -18.41
CA ALA C 184 15.06 14.00 -18.66
C ALA C 184 14.54 14.24 -20.07
N GLU C 185 14.50 15.48 -20.55
CA GLU C 185 13.96 15.81 -21.90
C GLU C 185 15.10 16.04 -22.89
N TYR C 186 16.33 15.65 -22.53
CA TYR C 186 17.51 15.80 -23.40
C TYR C 186 17.40 14.84 -24.58
N ILE C 187 17.96 15.23 -25.72
CA ILE C 187 17.95 14.40 -26.95
C ILE C 187 19.38 13.98 -27.26
N LEU C 188 19.70 12.70 -27.06
CA LEU C 188 21.06 12.18 -27.33
C LEU C 188 21.17 11.87 -28.83
N GLN C 189 21.88 12.75 -29.54
CA GLN C 189 22.00 12.69 -31.01
C GLN C 189 23.02 11.62 -31.37
N LYS C 190 22.51 10.52 -31.91
CA LYS C 190 23.34 9.43 -32.45
C LYS C 190 24.00 9.98 -33.72
N GLY C 191 25.29 9.68 -33.89
CA GLY C 191 26.04 10.15 -35.08
C GLY C 191 27.08 11.18 -34.71
N GLU C 192 26.73 12.13 -33.84
CA GLU C 192 27.71 13.15 -33.38
C GLU C 192 28.39 12.66 -32.11
N PRO C 193 29.59 13.18 -31.79
CA PRO C 193 30.30 12.83 -30.56
C PRO C 193 29.44 13.06 -29.32
N ILE C 194 29.55 12.16 -28.34
CA ILE C 194 28.78 12.32 -27.08
C ILE C 194 29.22 13.62 -26.44
N PRO C 195 28.29 14.60 -26.24
CA PRO C 195 28.63 15.87 -25.63
C PRO C 195 28.75 15.75 -24.11
N LEU C 196 29.97 15.78 -23.62
CA LEU C 196 30.27 15.44 -22.22
C LEU C 196 30.28 16.72 -21.42
N VAL C 197 29.68 16.67 -20.23
CA VAL C 197 29.81 17.73 -19.20
C VAL C 197 30.65 17.15 -18.07
N LEU C 198 31.83 17.73 -17.85
CA LEU C 198 32.86 17.12 -16.98
C LEU C 198 33.44 18.13 -16.01
N LEU C 199 34.08 17.60 -14.95
CA LEU C 199 34.94 18.41 -14.08
C LEU C 199 36.23 18.72 -14.84
N ASP C 200 36.95 19.75 -14.42
CA ASP C 200 38.34 19.94 -14.89
C ASP C 200 39.23 18.97 -14.15
N ASP C 201 40.48 18.86 -14.59
CA ASP C 201 41.43 17.89 -14.03
C ASP C 201 41.79 18.26 -12.60
N PRO C 202 42.02 17.27 -11.73
CA PRO C 202 41.58 15.88 -12.01
C PRO C 202 40.32 15.51 -11.24
N SER C 203 39.46 14.69 -11.82
CA SER C 203 38.49 13.87 -11.07
C SER C 203 38.68 12.54 -11.78
N PRO C 204 38.99 11.45 -11.07
CA PRO C 204 39.02 10.12 -11.67
C PRO C 204 37.85 9.87 -12.63
N PHE C 205 36.66 10.34 -12.29
CA PHE C 205 35.45 10.27 -13.15
C PHE C 205 35.71 10.96 -14.49
N ARG C 206 36.35 12.13 -14.51
CA ARG C 206 36.77 12.74 -15.80
C ARG C 206 37.68 11.75 -16.52
N ASP C 207 38.69 11.24 -15.82
CA ASP C 207 39.66 10.27 -16.40
C ASP C 207 38.91 9.02 -16.83
N MET C 208 37.98 8.55 -16.00
CA MET C 208 37.33 7.22 -16.20
C MET C 208 36.36 7.30 -17.37
N VAL C 209 35.55 8.35 -17.46
CA VAL C 209 34.49 8.40 -18.52
C VAL C 209 35.15 8.54 -19.88
N LEU C 210 36.24 9.29 -19.98
CA LEU C 210 36.96 9.47 -21.26
C LEU C 210 37.54 8.11 -21.70
N ALA C 211 38.19 7.40 -20.79
CA ALA C 211 38.75 6.07 -21.09
C ALA C 211 37.63 5.16 -21.58
N THR C 212 36.47 5.17 -20.94
CA THR C 212 35.41 4.20 -21.28
C THR C 212 34.85 4.48 -22.68
N LEU C 213 34.69 5.74 -23.06
CA LEU C 213 34.15 6.04 -24.41
C LEU C 213 35.22 5.74 -25.46
N ASN C 214 36.50 5.83 -25.10
CA ASN C 214 37.59 5.55 -26.07
C ASN C 214 37.65 4.04 -26.35
N LYS C 215 37.56 3.23 -25.30
CA LYS C 215 37.69 1.76 -25.41
C LYS C 215 36.49 1.19 -26.20
N ALA C 216 35.46 1.99 -26.42
CA ALA C 216 34.26 1.60 -27.20
C ALA C 216 34.20 2.34 -28.53
N ASP C 217 35.30 3.00 -28.92
CA ASP C 217 35.45 3.68 -30.22
C ASP C 217 34.30 4.67 -30.39
N ILE C 218 33.93 5.35 -29.30
CA ILE C 218 32.81 6.33 -29.29
C ILE C 218 33.42 7.71 -29.25
N PRO C 219 33.14 8.57 -30.25
CA PRO C 219 33.68 9.92 -30.24
C PRO C 219 32.98 10.69 -29.11
N TRP C 220 33.71 11.60 -28.52
CA TRP C 220 33.14 12.45 -27.46
C TRP C 220 33.67 13.87 -27.67
N ARG C 221 33.15 14.76 -26.84
CA ARG C 221 33.60 16.17 -26.82
C ARG C 221 33.37 16.71 -25.42
N LEU C 222 34.18 17.68 -25.04
CA LEU C 222 34.01 18.37 -23.74
C LEU C 222 33.10 19.58 -23.99
N ALA C 223 31.80 19.40 -23.79
CA ALA C 223 30.80 20.45 -24.08
C ALA C 223 30.80 21.48 -22.96
N TYR C 224 31.21 21.08 -21.76
CA TYR C 224 31.15 21.95 -20.56
C TYR C 224 32.10 21.42 -19.50
N VAL C 225 33.14 22.16 -19.19
CA VAL C 225 34.12 21.81 -18.12
C VAL C 225 33.96 22.83 -17.01
N ALA C 226 33.89 22.41 -15.76
CA ALA C 226 33.83 23.37 -14.62
C ALA C 226 34.58 22.78 -13.44
N SER C 227 34.75 23.53 -12.35
CA SER C 227 35.68 23.19 -11.24
C SER C 227 34.96 22.58 -10.04
N THR C 228 33.66 22.36 -10.08
CA THR C 228 32.84 21.93 -8.93
C THR C 228 31.68 21.07 -9.42
N LEU C 229 31.18 20.19 -8.57
CA LEU C 229 30.02 19.35 -8.93
C LEU C 229 28.79 20.20 -9.20
N PRO C 230 28.43 21.17 -8.34
CA PRO C 230 27.28 22.02 -8.59
C PRO C 230 27.24 22.59 -10.00
N ALA C 231 28.40 22.95 -10.57
CA ALA C 231 28.40 23.50 -11.95
C ALA C 231 28.11 22.38 -12.92
N VAL C 232 28.68 21.20 -12.66
CA VAL C 232 28.53 20.02 -13.56
C VAL C 232 27.09 19.52 -13.48
N ARG C 233 26.61 19.27 -12.26
CA ARG C 233 25.24 18.80 -12.03
C ARG C 233 24.25 19.72 -12.78
N ALA C 234 24.41 21.03 -12.58
CA ALA C 234 23.51 22.03 -13.18
C ALA C 234 23.55 21.92 -14.71
N ALA C 235 24.72 21.67 -15.29
CA ALA C 235 24.87 21.72 -16.75
C ALA C 235 24.21 20.48 -17.38
N VAL C 236 24.26 19.34 -16.69
CA VAL C 236 23.59 18.10 -17.17
C VAL C 236 22.08 18.32 -17.10
N LYS C 237 21.59 18.85 -15.98
CA LYS C 237 20.14 19.06 -15.75
C LYS C 237 19.58 20.07 -16.75
N ALA C 238 20.37 21.12 -17.06
CA ALA C 238 19.99 22.10 -18.10
C ALA C 238 20.10 21.48 -19.49
N GLY C 239 20.73 20.30 -19.61
CA GLY C 239 20.83 19.57 -20.89
C GLY C 239 21.84 20.21 -21.82
N LEU C 240 23.03 20.51 -21.33
CA LEU C 240 24.19 20.94 -22.14
C LEU C 240 24.98 19.72 -22.65
N GLY C 241 24.63 18.53 -22.17
CA GLY C 241 25.29 17.31 -22.58
C GLY C 241 25.12 16.21 -21.57
N VAL C 242 26.06 15.25 -21.62
CA VAL C 242 25.95 13.93 -20.98
C VAL C 242 27.08 13.84 -19.97
N THR C 243 26.83 13.19 -18.84
CA THR C 243 27.91 12.97 -17.84
C THR C 243 27.73 11.58 -17.22
N ALA C 244 28.64 11.19 -16.33
CA ALA C 244 28.53 9.91 -15.59
C ALA C 244 28.82 10.11 -14.10
N ARG C 245 27.90 9.64 -13.26
CA ARG C 245 28.01 9.65 -11.77
C ARG C 245 27.34 8.41 -11.20
N PRO C 246 27.60 8.05 -9.93
CA PRO C 246 26.90 6.93 -9.33
C PRO C 246 25.38 7.13 -9.31
N VAL C 247 24.67 6.06 -9.01
CA VAL C 247 23.20 6.00 -9.10
C VAL C 247 22.53 6.97 -8.12
N GLU C 248 23.25 7.47 -7.12
CA GLU C 248 22.65 8.34 -6.08
C GLU C 248 22.38 9.74 -6.59
N MET C 249 22.94 10.13 -7.75
CA MET C 249 22.69 11.47 -8.33
C MET C 249 21.29 11.56 -8.95
N MET C 250 20.62 10.42 -9.07
CA MET C 250 19.30 10.29 -9.72
C MET C 250 18.31 11.27 -9.11
N SER C 251 17.81 12.20 -9.92
CA SER C 251 16.64 13.06 -9.61
C SER C 251 15.65 12.93 -10.76
N PRO C 252 14.38 13.38 -10.59
CA PRO C 252 13.45 13.47 -11.73
C PRO C 252 13.93 14.37 -12.87
N ASP C 253 14.80 15.34 -12.57
CA ASP C 253 15.46 16.20 -13.59
C ASP C 253 16.17 15.32 -14.62
N LEU C 254 16.64 14.14 -14.22
CA LEU C 254 17.61 13.39 -15.04
C LEU C 254 16.98 12.10 -15.57
N ARG C 255 17.60 11.64 -16.64
CA ARG C 255 17.30 10.38 -17.36
C ARG C 255 18.61 9.61 -17.41
N VAL C 256 18.53 8.29 -17.51
CA VAL C 256 19.76 7.47 -17.66
C VAL C 256 19.95 7.17 -19.15
N LEU C 257 21.16 7.42 -19.68
CA LEU C 257 21.55 6.92 -21.01
C LEU C 257 22.33 5.63 -20.81
N SER C 258 21.96 4.59 -21.54
CA SER C 258 22.52 3.24 -21.31
C SER C 258 22.86 2.62 -22.66
N GLY C 259 23.01 1.30 -22.75
CA GLY C 259 23.49 0.66 -23.98
C GLY C 259 22.66 1.02 -25.20
N VAL C 260 21.34 1.09 -25.04
CA VAL C 260 20.43 1.24 -26.22
C VAL C 260 20.61 2.61 -26.86
N ASP C 261 21.17 3.57 -26.13
CA ASP C 261 21.42 4.94 -26.63
C ASP C 261 22.85 5.06 -27.17
N GLY C 262 23.64 3.99 -27.03
CA GLY C 262 25.00 3.91 -27.58
C GLY C 262 26.08 4.08 -26.54
N LEU C 263 25.76 3.97 -25.24
CA LEU C 263 26.79 4.24 -24.20
C LEU C 263 27.22 2.97 -23.50
N PRO C 264 28.55 2.79 -23.33
CA PRO C 264 29.09 1.54 -22.84
C PRO C 264 28.89 1.38 -21.35
N PRO C 265 28.94 0.15 -20.82
CA PRO C 265 28.89 -0.11 -19.38
C PRO C 265 30.01 0.61 -18.63
N LEU C 266 29.78 0.81 -17.34
CA LEU C 266 30.65 1.61 -16.46
C LEU C 266 31.11 0.76 -15.29
N PRO C 267 32.27 1.08 -14.69
CA PRO C 267 32.72 0.40 -13.48
C PRO C 267 31.87 0.84 -12.28
N ASP C 268 31.91 0.08 -11.20
CA ASP C 268 31.19 0.47 -9.98
C ASP C 268 31.85 1.70 -9.36
N THR C 269 31.13 2.35 -8.45
CA THR C 269 31.66 3.37 -7.53
C THR C 269 31.89 2.69 -6.17
N GLU C 270 33.07 2.90 -5.60
CA GLU C 270 33.34 2.52 -4.19
C GLU C 270 33.40 3.78 -3.36
N TYR C 271 32.66 3.80 -2.26
CA TYR C 271 32.75 4.85 -1.23
C TYR C 271 33.61 4.29 -0.12
N LEU C 272 34.87 4.72 -0.05
CA LEU C 272 35.92 4.07 0.77
C LEU C 272 36.28 4.95 1.95
N LEU C 273 36.25 4.37 3.15
CA LEU C 273 36.81 5.00 4.37
C LEU C 273 38.30 4.66 4.43
N CYS C 274 39.16 5.66 4.47
CA CYS C 274 40.61 5.42 4.36
C CYS C 274 41.37 5.97 5.55
N TYR C 275 42.36 5.18 5.96
CA TYR C 275 43.06 5.30 7.26
C TYR C 275 44.53 5.09 6.98
N ASP C 276 45.38 5.79 7.73
CA ASP C 276 46.84 5.70 7.53
C ASP C 276 47.40 4.83 8.64
N PRO C 277 47.91 3.61 8.32
CA PRO C 277 48.61 2.81 9.34
C PRO C 277 49.96 3.41 9.79
N SER C 278 50.66 4.14 8.91
CA SER C 278 52.02 4.69 9.19
C SER C 278 51.92 6.00 9.98
N GLU C 282 45.85 7.46 17.32
CA GLU C 282 45.04 6.38 17.94
C GLU C 282 43.56 6.52 17.57
N LEU C 283 43.03 7.75 17.53
CA LEU C 283 41.57 7.94 17.28
C LEU C 283 41.22 7.60 15.82
N ALA C 284 42.15 7.73 14.88
CA ALA C 284 41.93 7.26 13.50
C ALA C 284 41.72 5.73 13.50
N GLN C 285 42.58 5.00 14.22
CA GLN C 285 42.59 3.53 14.26
C GLN C 285 41.26 3.01 14.83
N VAL C 286 40.83 3.52 16.00
CA VAL C 286 39.70 2.91 16.72
C VAL C 286 38.42 3.16 15.95
N ILE C 287 38.29 4.31 15.29
CA ILE C 287 37.05 4.67 14.56
C ILE C 287 36.97 3.83 13.28
N TYR C 288 38.10 3.62 12.60
CA TYR C 288 38.15 2.76 11.40
C TYR C 288 37.71 1.35 11.80
N GLN C 289 38.29 0.80 12.87
CA GLN C 289 38.06 -0.59 13.33
C GLN C 289 36.66 -0.72 13.96
N ALA C 290 36.11 0.36 14.52
CA ALA C 290 34.72 0.38 15.03
C ALA C 290 33.77 0.28 13.85
N MET C 291 34.07 0.95 12.73
CA MET C 291 33.28 0.87 11.48
C MET C 291 33.49 -0.51 10.81
N GLU C 292 34.59 -1.22 11.11
CA GLU C 292 34.94 -2.49 10.43
C GLU C 292 34.32 -3.70 11.13
N SER C 293 34.19 -3.70 12.46
CA SER C 293 33.47 -4.79 13.18
C SER C 293 31.97 -4.48 13.28
N TYR C 294 31.53 -3.32 12.80
CA TYR C 294 30.10 -2.95 12.72
C TYR C 294 29.61 -2.97 11.26
N HIS C 295 30.57 -3.12 10.34
CA HIS C 295 30.25 -3.17 8.88
C HIS C 295 29.70 -4.55 8.51
N ASN C 296 30.44 -5.61 8.79
CA ASN C 296 29.94 -6.93 8.34
C ASN C 296 28.63 -7.18 9.08
N PRO C 297 28.63 -7.18 10.44
CA PRO C 297 27.39 -7.30 11.22
C PRO C 297 27.75 -7.29 12.70
N TRP C 298 27.30 -8.30 13.44
CA TRP C 298 27.64 -8.46 14.88
C TRP C 298 28.04 -7.13 15.53
N GLY D 106 -2.90 -35.81 -55.02
CA GLY D 106 -1.46 -35.53 -55.24
C GLY D 106 -0.61 -35.89 -54.03
N VAL D 107 -0.16 -34.89 -53.26
CA VAL D 107 0.70 -35.06 -52.07
C VAL D 107 0.30 -34.09 -50.95
N LEU D 108 -0.31 -34.62 -49.88
CA LEU D 108 -0.65 -33.87 -48.65
C LEU D 108 0.56 -33.83 -47.71
N THR D 109 1.04 -32.63 -47.40
CA THR D 109 2.15 -32.42 -46.44
C THR D 109 1.59 -32.01 -45.09
N ILE D 110 1.80 -32.83 -44.07
CA ILE D 110 1.25 -32.61 -42.70
C ILE D 110 2.41 -32.32 -41.73
N GLY D 111 2.29 -31.28 -40.94
CA GLY D 111 3.25 -30.92 -39.88
C GLY D 111 2.78 -31.36 -38.51
N ALA D 112 3.68 -31.86 -37.67
CA ALA D 112 3.39 -32.34 -36.30
C ALA D 112 4.50 -31.93 -35.34
N SER D 113 4.12 -31.53 -34.13
CA SER D 113 5.08 -31.21 -33.07
C SER D 113 5.75 -32.50 -32.61
N ASP D 114 6.90 -32.40 -31.93
CA ASP D 114 7.54 -33.54 -31.25
C ASP D 114 6.47 -34.26 -30.41
N GLU D 115 5.75 -33.45 -29.62
CA GLU D 115 4.77 -33.92 -28.61
C GLU D 115 3.62 -34.66 -29.29
N SER D 116 2.90 -33.96 -30.17
CA SER D 116 1.59 -34.42 -30.71
C SER D 116 1.79 -35.38 -31.88
N ALA D 117 3.03 -35.59 -32.31
CA ALA D 117 3.34 -36.40 -33.51
C ALA D 117 2.83 -37.83 -33.30
N ASP D 118 3.18 -38.44 -32.18
CA ASP D 118 2.97 -39.89 -31.94
C ASP D 118 1.77 -40.15 -31.04
N THR D 119 1.14 -39.13 -30.46
CA THR D 119 -0.08 -39.34 -29.64
C THR D 119 -1.34 -39.38 -30.52
N ILE D 120 -1.52 -38.40 -31.41
CA ILE D 120 -2.80 -38.23 -32.15
C ILE D 120 -2.61 -38.30 -33.67
N LEU D 121 -1.41 -38.44 -34.19
CA LEU D 121 -1.23 -38.62 -35.66
C LEU D 121 -1.48 -40.06 -36.08
N PRO D 122 -1.16 -41.10 -35.27
CA PRO D 122 -1.60 -42.45 -35.56
C PRO D 122 -3.08 -42.50 -35.99
N PHE D 123 -3.92 -41.79 -35.26
CA PHE D 123 -5.36 -41.65 -35.58
C PHE D 123 -5.52 -40.81 -36.85
N LEU D 124 -4.98 -39.58 -36.86
CA LEU D 124 -5.19 -38.64 -37.99
C LEU D 124 -4.80 -39.32 -39.32
N LEU D 125 -3.56 -39.81 -39.40
CA LEU D 125 -3.05 -40.42 -40.64
C LEU D 125 -3.91 -41.63 -41.04
N ASN D 126 -4.48 -42.33 -40.05
CA ASN D 126 -5.45 -43.42 -40.27
C ASN D 126 -6.64 -42.89 -41.09
N ARG D 127 -7.23 -41.77 -40.68
CA ARG D 127 -8.48 -41.26 -41.31
C ARG D 127 -8.18 -40.66 -42.69
N VAL D 128 -7.03 -40.03 -42.86
CA VAL D 128 -6.64 -39.43 -44.16
C VAL D 128 -6.50 -40.55 -45.20
N SER D 129 -5.79 -41.62 -44.87
CA SER D 129 -5.49 -42.72 -45.83
C SER D 129 -6.64 -43.73 -45.90
N SER D 130 -7.82 -43.39 -45.36
CA SER D 130 -9.06 -44.18 -45.51
C SER D 130 -10.07 -43.45 -46.41
N VAL D 131 -10.07 -42.13 -46.37
CA VAL D 131 -10.98 -41.31 -47.21
C VAL D 131 -10.32 -41.08 -48.57
N TYR D 132 -9.00 -40.84 -48.61
CA TYR D 132 -8.24 -40.54 -49.85
C TYR D 132 -7.06 -41.49 -49.98
N PRO D 133 -7.31 -42.79 -50.23
CA PRO D 133 -6.25 -43.80 -50.09
C PRO D 133 -5.17 -43.71 -51.17
N LYS D 134 -5.35 -42.83 -52.16
CA LYS D 134 -4.39 -42.72 -53.29
C LYS D 134 -3.34 -41.65 -52.99
N LEU D 135 -3.59 -40.82 -51.98
CA LEU D 135 -2.90 -39.51 -51.77
C LEU D 135 -1.66 -39.73 -50.90
N ALA D 136 -0.51 -39.25 -51.37
CA ALA D 136 0.78 -39.37 -50.65
C ALA D 136 0.73 -38.49 -49.40
N LEU D 137 1.43 -38.91 -48.35
CA LEU D 137 1.42 -38.25 -47.01
C LEU D 137 2.86 -37.95 -46.61
N ASP D 138 3.19 -36.67 -46.51
CA ASP D 138 4.54 -36.18 -46.12
C ASP D 138 4.45 -35.62 -44.70
N VAL D 139 4.84 -36.39 -43.70
CA VAL D 139 4.70 -35.96 -42.28
C VAL D 139 6.01 -35.33 -41.82
N ARG D 140 5.97 -34.01 -41.58
CA ARG D 140 7.16 -33.26 -41.12
C ARG D 140 7.00 -32.93 -39.65
N VAL D 141 7.95 -33.39 -38.85
CA VAL D 141 7.89 -33.29 -37.38
C VAL D 141 8.99 -32.34 -36.93
N LYS D 142 8.59 -31.21 -36.38
CA LYS D 142 9.53 -30.24 -35.77
C LYS D 142 9.12 -30.04 -34.32
N ARG D 143 9.90 -29.20 -33.61
CA ARG D 143 9.56 -28.81 -32.23
C ARG D 143 8.23 -28.04 -32.26
N ASN D 144 7.61 -27.89 -31.09
CA ASN D 144 6.26 -27.27 -31.00
C ASN D 144 6.33 -25.77 -31.31
N ALA D 145 7.50 -25.13 -31.17
CA ALA D 145 7.63 -23.70 -31.47
C ALA D 145 7.65 -23.46 -32.99
N TYR D 146 8.33 -24.29 -33.76
CA TYR D 146 8.54 -24.07 -35.22
C TYR D 146 7.23 -24.23 -36.02
N MET D 147 6.12 -24.63 -35.40
CA MET D 147 4.90 -25.03 -36.15
C MET D 147 4.29 -23.84 -36.89
N ALA D 148 4.39 -22.62 -36.33
CA ALA D 148 3.81 -21.40 -36.93
C ALA D 148 4.39 -21.18 -38.33
N GLU D 149 5.71 -21.16 -38.47
CA GLU D 149 6.36 -20.90 -39.77
C GLU D 149 5.90 -21.93 -40.80
N MET D 150 5.73 -23.18 -40.40
CA MET D 150 5.34 -24.26 -41.35
C MET D 150 3.92 -24.01 -41.89
N LEU D 151 3.01 -23.52 -41.05
CA LEU D 151 1.60 -23.28 -41.51
C LEU D 151 1.48 -21.86 -42.08
N GLU D 152 2.29 -20.94 -41.58
CA GLU D 152 2.26 -19.52 -42.05
C GLU D 152 2.77 -19.47 -43.49
N SER D 153 3.95 -20.05 -43.74
CA SER D 153 4.64 -20.02 -45.05
C SER D 153 4.06 -21.09 -45.99
N GLN D 154 2.90 -21.63 -45.67
CA GLN D 154 2.18 -22.65 -46.47
C GLN D 154 3.09 -23.80 -46.90
N GLU D 155 4.09 -24.12 -46.07
CA GLU D 155 5.00 -25.26 -46.31
C GLU D 155 4.23 -26.55 -46.17
N VAL D 156 3.30 -26.59 -45.21
CA VAL D 156 2.48 -27.79 -44.92
C VAL D 156 1.05 -27.46 -45.29
N ASP D 157 0.28 -28.52 -45.54
CA ASP D 157 -1.16 -28.42 -45.81
C ASP D 157 -1.91 -28.39 -44.48
N LEU D 158 -1.42 -29.12 -43.48
CA LEU D 158 -2.05 -29.12 -42.14
C LEU D 158 -1.00 -29.13 -41.05
N MET D 159 -1.42 -28.77 -39.85
CA MET D 159 -0.52 -28.66 -38.69
C MET D 159 -1.21 -29.28 -37.47
N VAL D 160 -0.41 -30.00 -36.69
CA VAL D 160 -0.84 -30.59 -35.40
C VAL D 160 0.15 -30.11 -34.34
N THR D 161 -0.34 -29.28 -33.43
CA THR D 161 0.46 -28.68 -32.33
C THR D 161 -0.31 -28.79 -31.02
N THR D 162 0.38 -28.62 -29.90
CA THR D 162 -0.26 -28.53 -28.55
C THR D 162 -0.10 -27.12 -27.99
N HIS D 163 0.27 -26.16 -28.83
CA HIS D 163 0.34 -24.73 -28.48
C HIS D 163 -0.52 -23.98 -29.48
N ARG D 164 -1.63 -23.40 -29.00
CA ARG D 164 -2.65 -22.84 -29.89
C ARG D 164 -2.06 -21.65 -30.65
N PRO D 165 -2.18 -21.63 -31.98
CA PRO D 165 -1.77 -20.45 -32.75
C PRO D 165 -2.90 -19.41 -32.77
N SER D 166 -2.53 -18.17 -33.05
CA SER D 166 -3.43 -17.00 -32.93
C SER D 166 -4.05 -16.62 -34.28
N ALA D 167 -3.44 -17.03 -35.40
CA ALA D 167 -3.85 -16.62 -36.76
C ALA D 167 -4.49 -17.75 -37.56
N PHE D 168 -4.66 -18.93 -36.98
CA PHE D 168 -5.17 -20.12 -37.70
C PHE D 168 -6.37 -20.71 -36.97
N LYS D 169 -7.32 -21.21 -37.75
CA LYS D 169 -8.42 -22.05 -37.21
C LYS D 169 -7.78 -23.24 -36.51
N ALA D 170 -8.35 -23.66 -35.38
CA ALA D 170 -7.73 -24.70 -34.53
C ALA D 170 -8.80 -25.62 -33.96
N LEU D 171 -8.93 -26.81 -34.54
CA LEU D 171 -9.84 -27.86 -34.04
C LEU D 171 -9.11 -28.65 -32.94
N ASN D 172 -9.78 -28.82 -31.81
CA ASN D 172 -9.30 -29.63 -30.69
C ASN D 172 -9.57 -31.11 -30.98
N LEU D 173 -8.51 -31.91 -31.04
CA LEU D 173 -8.64 -33.37 -31.25
C LEU D 173 -8.67 -34.11 -29.91
N ARG D 174 -7.93 -33.65 -28.91
CA ARG D 174 -7.97 -34.29 -27.57
C ARG D 174 -7.55 -33.29 -26.50
N THR D 175 -8.26 -33.30 -25.36
CA THR D 175 -7.88 -32.53 -24.16
C THR D 175 -7.40 -33.50 -23.06
N SER D 176 -6.10 -33.45 -22.75
CA SER D 176 -5.43 -34.32 -21.77
C SER D 176 -4.93 -33.50 -20.59
N PRO D 177 -5.01 -34.03 -19.36
CA PRO D 177 -4.35 -33.39 -18.23
C PRO D 177 -2.84 -33.37 -18.38
N THR D 178 -2.22 -32.31 -17.91
CA THR D 178 -0.75 -32.15 -17.87
C THR D 178 -0.26 -32.44 -16.46
N HIS D 179 0.78 -33.26 -16.32
CA HIS D 179 1.27 -33.73 -15.00
C HIS D 179 2.74 -33.38 -14.81
N TRP D 180 3.14 -33.20 -13.55
CA TRP D 180 4.56 -33.20 -13.16
C TRP D 180 5.05 -34.65 -13.21
N TYR D 181 6.26 -34.84 -13.72
CA TYR D 181 6.90 -36.17 -13.77
C TYR D 181 8.25 -36.09 -13.08
N CYS D 182 8.57 -37.17 -12.42
CA CYS D 182 9.95 -37.47 -12.00
C CYS D 182 10.11 -38.98 -12.08
N ALA D 183 11.33 -39.45 -11.85
CA ALA D 183 11.64 -40.89 -11.86
C ALA D 183 10.75 -41.56 -10.84
N ALA D 184 10.34 -42.79 -11.13
CA ALA D 184 9.43 -43.54 -10.24
C ALA D 184 9.97 -43.45 -8.80
N GLU D 185 11.26 -43.74 -8.63
CA GLU D 185 11.90 -43.90 -7.30
C GLU D 185 12.73 -42.66 -6.98
N TYR D 186 12.46 -41.53 -7.62
CA TYR D 186 13.09 -40.24 -7.29
C TYR D 186 12.58 -39.76 -5.95
N ILE D 187 13.43 -39.09 -5.19
CA ILE D 187 13.08 -38.58 -3.83
C ILE D 187 13.11 -37.06 -3.92
N LEU D 188 11.94 -36.43 -3.89
CA LEU D 188 11.85 -34.97 -4.03
C LEU D 188 12.12 -34.32 -2.69
N GLN D 189 13.30 -33.69 -2.57
CA GLN D 189 13.79 -33.16 -1.29
C GLN D 189 13.02 -31.90 -0.93
N LYS D 190 12.07 -32.07 0.01
CA LYS D 190 11.12 -31.00 0.41
C LYS D 190 11.93 -29.94 1.13
N GLY D 191 11.72 -28.67 0.78
CA GLY D 191 12.52 -27.54 1.30
C GLY D 191 13.47 -26.94 0.28
N GLU D 192 13.98 -27.76 -0.66
CA GLU D 192 14.92 -27.46 -1.77
C GLU D 192 14.13 -27.06 -3.02
N PRO D 193 14.74 -26.28 -3.94
CA PRO D 193 14.06 -25.91 -5.19
C PRO D 193 13.66 -27.14 -6.00
N ILE D 194 12.57 -27.06 -6.76
CA ILE D 194 12.24 -28.12 -7.74
C ILE D 194 13.35 -28.11 -8.79
N PRO D 195 14.15 -29.19 -8.93
CA PRO D 195 15.20 -29.19 -9.96
C PRO D 195 14.61 -29.59 -11.31
N LEU D 196 14.35 -28.61 -12.17
CA LEU D 196 13.53 -28.86 -13.38
C LEU D 196 14.39 -29.44 -14.49
N VAL D 197 13.81 -30.36 -15.23
CA VAL D 197 14.41 -30.93 -16.47
C VAL D 197 13.57 -30.42 -17.63
N LEU D 198 14.13 -29.54 -18.46
CA LEU D 198 13.33 -28.76 -19.44
C LEU D 198 14.05 -28.71 -20.78
N LEU D 199 13.30 -28.37 -21.83
CA LEU D 199 13.88 -28.03 -23.13
C LEU D 199 14.55 -26.67 -23.04
N ASP D 200 15.32 -26.33 -24.04
CA ASP D 200 15.83 -24.95 -24.26
C ASP D 200 14.72 -24.13 -24.91
N ASP D 201 14.89 -22.81 -24.88
CA ASP D 201 13.88 -21.90 -25.48
C ASP D 201 13.93 -22.04 -26.99
N PRO D 202 12.80 -21.94 -27.69
CA PRO D 202 11.48 -21.81 -27.05
C PRO D 202 10.63 -23.08 -26.88
N SER D 203 10.00 -23.21 -25.73
CA SER D 203 9.01 -24.28 -25.44
C SER D 203 7.84 -23.74 -24.62
N PRO D 204 6.60 -23.77 -25.16
CA PRO D 204 5.44 -23.36 -24.38
C PRO D 204 5.27 -24.18 -23.10
N PHE D 205 5.49 -25.50 -23.17
CA PHE D 205 5.40 -26.40 -22.00
C PHE D 205 6.35 -25.91 -20.89
N ARG D 206 7.57 -25.54 -21.29
CA ARG D 206 8.52 -24.90 -20.36
C ARG D 206 7.90 -23.63 -19.80
N ASP D 207 7.39 -22.76 -20.67
CA ASP D 207 6.85 -21.44 -20.26
C ASP D 207 5.78 -21.62 -19.19
N MET D 208 4.90 -22.61 -19.41
CA MET D 208 3.80 -22.90 -18.47
C MET D 208 4.40 -23.40 -17.15
N VAL D 209 5.48 -24.17 -17.25
CA VAL D 209 6.14 -24.75 -16.06
C VAL D 209 6.65 -23.65 -15.13
N LEU D 210 7.29 -22.62 -15.68
CA LEU D 210 7.93 -21.59 -14.83
C LEU D 210 6.84 -20.73 -14.19
N ALA D 211 5.87 -20.29 -14.97
CA ALA D 211 4.77 -19.43 -14.44
C ALA D 211 4.05 -20.20 -13.34
N THR D 212 3.74 -21.48 -13.52
CA THR D 212 2.93 -22.20 -12.51
C THR D 212 3.70 -22.32 -11.20
N LEU D 213 5.00 -22.59 -11.26
CA LEU D 213 5.83 -22.67 -10.04
C LEU D 213 6.10 -21.26 -9.52
N ASN D 214 6.21 -20.26 -10.40
CA ASN D 214 6.44 -18.86 -9.95
C ASN D 214 5.19 -18.32 -9.25
N LYS D 215 4.03 -18.54 -9.86
CA LYS D 215 2.74 -18.02 -9.34
C LYS D 215 2.41 -18.71 -8.02
N ALA D 216 3.19 -19.71 -7.65
CA ALA D 216 2.98 -20.44 -6.39
C ALA D 216 4.17 -20.24 -5.47
N ASP D 217 5.02 -19.26 -5.77
CA ASP D 217 6.19 -18.91 -4.93
C ASP D 217 7.02 -20.16 -4.59
N ILE D 218 7.10 -21.11 -5.50
CA ILE D 218 7.92 -22.35 -5.37
C ILE D 218 9.23 -22.05 -6.09
N PRO D 219 10.38 -22.18 -5.43
CA PRO D 219 11.64 -22.00 -6.13
C PRO D 219 11.80 -23.18 -7.10
N TRP D 220 12.46 -22.91 -8.21
CA TRP D 220 12.85 -23.95 -9.15
C TRP D 220 14.27 -23.61 -9.57
N ARG D 221 14.84 -24.50 -10.37
CA ARG D 221 16.15 -24.21 -10.99
C ARG D 221 16.25 -25.07 -12.23
N LEU D 222 17.02 -24.60 -13.21
CA LEU D 222 17.18 -25.34 -14.48
C LEU D 222 18.23 -26.42 -14.26
N ALA D 223 17.79 -27.64 -13.91
CA ALA D 223 18.70 -28.72 -13.50
C ALA D 223 19.30 -29.38 -14.76
N TYR D 224 18.59 -29.36 -15.89
CA TYR D 224 18.99 -30.10 -17.11
C TYR D 224 18.21 -29.56 -18.31
N VAL D 225 18.92 -28.93 -19.25
CA VAL D 225 18.30 -28.35 -20.46
C VAL D 225 18.78 -29.13 -21.68
N ALA D 226 17.86 -29.63 -22.49
CA ALA D 226 18.17 -30.32 -23.75
C ALA D 226 17.40 -29.67 -24.91
N SER D 227 17.70 -30.12 -26.12
CA SER D 227 17.25 -29.50 -27.38
C SER D 227 16.02 -30.22 -27.95
N THR D 228 15.75 -31.42 -27.45
CA THR D 228 14.77 -32.33 -28.05
C THR D 228 13.95 -32.96 -26.93
N LEU D 229 12.74 -33.40 -27.26
CA LEU D 229 11.91 -34.10 -26.26
C LEU D 229 12.54 -35.43 -25.86
N PRO D 230 13.00 -36.30 -26.80
CA PRO D 230 13.64 -37.56 -26.40
C PRO D 230 14.83 -37.38 -25.47
N ALA D 231 15.53 -36.25 -25.53
CA ALA D 231 16.63 -35.90 -24.61
C ALA D 231 16.06 -35.56 -23.22
N VAL D 232 14.91 -34.91 -23.19
CA VAL D 232 14.25 -34.54 -21.91
C VAL D 232 13.73 -35.79 -21.23
N ARG D 233 12.92 -36.57 -21.95
CA ARG D 233 12.32 -37.80 -21.38
C ARG D 233 13.43 -38.64 -20.71
N ALA D 234 14.55 -38.85 -21.40
CA ALA D 234 15.65 -39.68 -20.85
C ALA D 234 16.10 -39.14 -19.49
N ALA D 235 16.15 -37.82 -19.31
CA ALA D 235 16.73 -37.23 -18.10
C ALA D 235 15.75 -37.37 -16.93
N VAL D 236 14.46 -37.16 -17.18
CA VAL D 236 13.44 -37.31 -16.10
C VAL D 236 13.39 -38.77 -15.68
N LYS D 237 13.50 -39.67 -16.66
CA LYS D 237 13.55 -41.14 -16.43
C LYS D 237 14.79 -41.50 -15.62
N ALA D 238 15.91 -40.85 -15.92
CA ALA D 238 17.16 -41.03 -15.16
C ALA D 238 17.02 -40.43 -13.76
N GLY D 239 15.98 -39.62 -13.52
CA GLY D 239 15.79 -38.99 -12.19
C GLY D 239 16.84 -37.93 -11.93
N LEU D 240 17.04 -37.03 -12.89
CA LEU D 240 17.88 -35.82 -12.72
C LEU D 240 17.02 -34.67 -12.19
N GLY D 241 15.70 -34.83 -12.19
CA GLY D 241 14.80 -33.79 -11.69
C GLY D 241 13.37 -34.01 -12.15
N VAL D 242 12.61 -32.92 -12.17
CA VAL D 242 11.14 -32.96 -12.36
C VAL D 242 10.83 -32.26 -13.67
N THR D 243 9.81 -32.72 -14.38
CA THR D 243 9.33 -32.03 -15.59
C THR D 243 7.81 -32.09 -15.62
N ALA D 244 7.19 -31.42 -16.60
CA ALA D 244 5.74 -31.49 -16.84
C ALA D 244 5.45 -31.76 -18.31
N ARG D 245 4.68 -32.81 -18.56
CA ARG D 245 4.23 -33.25 -19.90
C ARG D 245 2.83 -33.82 -19.76
N PRO D 246 2.06 -33.95 -20.86
CA PRO D 246 0.70 -34.48 -20.78
C PRO D 246 0.70 -35.91 -20.25
N VAL D 247 -0.49 -36.39 -19.91
CA VAL D 247 -0.70 -37.69 -19.23
C VAL D 247 -0.27 -38.82 -20.16
N GLU D 248 -0.10 -38.54 -21.46
CA GLU D 248 0.30 -39.57 -22.44
C GLU D 248 1.74 -40.04 -22.20
N MET D 249 2.54 -39.31 -21.41
CA MET D 249 3.94 -39.70 -21.10
C MET D 249 4.01 -40.79 -20.03
N MET D 250 2.94 -41.01 -19.27
CA MET D 250 2.97 -41.91 -18.09
C MET D 250 3.43 -43.32 -18.50
N SER D 251 4.60 -43.75 -18.02
CA SER D 251 5.11 -45.13 -18.15
C SER D 251 5.54 -45.61 -16.77
N PRO D 252 5.79 -46.93 -16.57
CA PRO D 252 6.25 -47.41 -15.26
C PRO D 252 7.55 -46.78 -14.76
N ASP D 253 8.42 -46.31 -15.67
CA ASP D 253 9.65 -45.57 -15.34
C ASP D 253 9.33 -44.37 -14.46
N LEU D 254 8.14 -43.79 -14.62
CA LEU D 254 7.84 -42.45 -14.09
C LEU D 254 6.81 -42.53 -12.97
N ARG D 255 6.81 -41.48 -12.16
CA ARG D 255 5.85 -41.28 -11.06
C ARG D 255 5.21 -39.93 -11.28
N VAL D 256 3.98 -39.77 -10.84
CA VAL D 256 3.27 -38.48 -10.98
C VAL D 256 3.39 -37.71 -9.67
N LEU D 257 3.82 -36.45 -9.75
CA LEU D 257 3.84 -35.53 -8.59
C LEU D 257 2.63 -34.62 -8.70
N SER D 258 1.82 -34.58 -7.64
CA SER D 258 0.58 -33.78 -7.63
C SER D 258 0.62 -32.90 -6.38
N GLY D 259 -0.52 -32.34 -5.99
CA GLY D 259 -0.61 -31.34 -4.92
C GLY D 259 0.05 -31.80 -3.61
N VAL D 260 0.00 -33.09 -3.31
CA VAL D 260 0.44 -33.58 -1.98
C VAL D 260 1.96 -33.45 -1.87
N ASP D 261 2.68 -33.44 -2.99
CA ASP D 261 4.15 -33.31 -2.95
C ASP D 261 4.57 -31.84 -2.94
N GLY D 262 3.62 -30.91 -3.08
CA GLY D 262 3.93 -29.48 -3.14
C GLY D 262 4.07 -28.99 -4.57
N LEU D 263 3.48 -29.70 -5.51
CA LEU D 263 3.53 -29.21 -6.88
C LEU D 263 2.15 -28.75 -7.30
N PRO D 264 2.09 -27.56 -7.93
CA PRO D 264 0.81 -26.92 -8.19
C PRO D 264 0.07 -27.67 -9.27
N PRO D 265 -1.25 -27.45 -9.41
CA PRO D 265 -1.98 -27.98 -10.56
C PRO D 265 -1.56 -27.26 -11.84
N LEU D 266 -1.78 -27.92 -12.97
CA LEU D 266 -1.33 -27.45 -14.31
C LEU D 266 -2.53 -27.38 -15.24
N PRO D 267 -2.51 -26.49 -16.25
CA PRO D 267 -3.59 -26.41 -17.22
C PRO D 267 -3.63 -27.64 -18.09
N ASP D 268 -4.79 -27.90 -18.72
CA ASP D 268 -4.93 -29.06 -19.62
C ASP D 268 -4.08 -28.86 -20.86
N THR D 269 -3.86 -29.95 -21.59
CA THR D 269 -3.23 -29.92 -22.93
C THR D 269 -4.31 -30.10 -23.98
N GLU D 270 -4.35 -29.23 -24.98
CA GLU D 270 -5.20 -29.42 -26.16
C GLU D 270 -4.32 -29.76 -27.35
N TYR D 271 -4.64 -30.85 -28.03
CA TYR D 271 -3.93 -31.31 -29.23
C TYR D 271 -4.72 -30.82 -30.45
N LEU D 272 -4.22 -29.80 -31.14
CA LEU D 272 -5.01 -28.98 -32.08
C LEU D 272 -4.62 -29.27 -33.53
N LEU D 273 -5.63 -29.57 -34.35
CA LEU D 273 -5.52 -29.60 -35.82
C LEU D 273 -5.71 -28.17 -36.33
N CYS D 274 -4.77 -27.67 -37.11
CA CYS D 274 -4.80 -26.26 -37.57
C CYS D 274 -4.79 -26.17 -39.10
N TYR D 275 -5.46 -25.12 -39.58
CA TYR D 275 -5.77 -24.89 -41.00
C TYR D 275 -5.52 -23.40 -41.28
N ASP D 276 -5.36 -23.00 -42.55
CA ASP D 276 -5.21 -21.56 -42.86
C ASP D 276 -6.14 -21.13 -43.99
N PRO D 277 -6.85 -19.99 -43.89
CA PRO D 277 -7.62 -19.43 -45.03
C PRO D 277 -6.70 -19.06 -46.19
N SER D 278 -6.39 -20.00 -47.09
CA SER D 278 -5.41 -19.74 -48.18
C SER D 278 -6.12 -19.19 -49.41
N ASN D 281 -5.14 -23.90 -50.84
CA ASN D 281 -4.98 -25.36 -51.09
C ASN D 281 -6.28 -26.05 -50.63
N GLU D 282 -7.08 -26.45 -51.60
CA GLU D 282 -8.40 -27.10 -51.38
C GLU D 282 -8.26 -28.26 -50.38
N LEU D 283 -7.09 -28.93 -50.43
CA LEU D 283 -6.80 -30.21 -49.74
C LEU D 283 -6.91 -30.06 -48.23
N ALA D 284 -6.45 -28.95 -47.65
CA ALA D 284 -6.33 -28.80 -46.18
C ALA D 284 -7.71 -28.90 -45.53
N GLN D 285 -8.67 -28.10 -46.03
CA GLN D 285 -10.00 -27.96 -45.39
C GLN D 285 -10.74 -29.29 -45.38
N VAL D 286 -10.63 -30.07 -46.44
CA VAL D 286 -11.45 -31.29 -46.63
C VAL D 286 -11.07 -32.32 -45.56
N ILE D 287 -9.78 -32.43 -45.22
CA ILE D 287 -9.36 -33.32 -44.10
C ILE D 287 -9.71 -32.65 -42.77
N TYR D 288 -9.56 -31.34 -42.68
CA TYR D 288 -9.99 -30.56 -41.50
C TYR D 288 -11.49 -30.76 -41.28
N GLN D 289 -12.29 -30.63 -42.34
CA GLN D 289 -13.75 -30.84 -42.28
C GLN D 289 -14.05 -32.32 -42.03
N ALA D 290 -13.19 -33.23 -42.50
CA ALA D 290 -13.32 -34.69 -42.25
C ALA D 290 -13.09 -34.98 -40.76
N MET D 291 -12.06 -34.37 -40.16
CA MET D 291 -11.72 -34.59 -38.73
C MET D 291 -12.74 -33.88 -37.84
N GLU D 292 -13.50 -32.92 -38.38
CA GLU D 292 -14.65 -32.31 -37.66
C GLU D 292 -15.89 -33.22 -37.79
N SER D 293 -15.93 -34.05 -38.84
CA SER D 293 -16.95 -35.12 -39.03
C SER D 293 -16.63 -36.35 -38.18
N TYR D 294 -15.44 -36.43 -37.59
CA TYR D 294 -15.05 -37.55 -36.70
C TYR D 294 -14.96 -37.09 -35.24
N HIS D 295 -14.79 -35.78 -35.02
CA HIS D 295 -14.85 -35.14 -33.69
C HIS D 295 -16.30 -34.79 -33.32
N ASN D 296 -17.18 -34.71 -34.31
CA ASN D 296 -18.64 -34.53 -34.17
C ASN D 296 -19.33 -35.71 -34.84
N PRO D 297 -20.18 -36.47 -34.12
CA PRO D 297 -20.83 -37.66 -34.68
C PRO D 297 -21.87 -37.34 -35.76
N GLN E 105 -13.16 18.83 -27.98
CA GLN E 105 -12.56 18.11 -29.14
C GLN E 105 -12.35 16.63 -28.77
N GLY E 106 -13.24 16.04 -27.97
CA GLY E 106 -13.10 14.66 -27.47
C GLY E 106 -12.63 14.59 -26.02
N VAL E 107 -12.48 13.35 -25.53
CA VAL E 107 -11.97 13.04 -24.16
C VAL E 107 -11.08 11.79 -24.25
N LEU E 108 -9.77 11.99 -24.14
CA LEU E 108 -8.74 10.94 -24.26
C LEU E 108 -8.59 10.19 -22.93
N THR E 109 -8.81 8.88 -22.98
CA THR E 109 -8.66 8.00 -21.79
C THR E 109 -7.32 7.28 -21.87
N ILE E 110 -6.42 7.58 -20.95
CA ILE E 110 -5.08 6.95 -20.89
C ILE E 110 -5.04 6.04 -19.68
N GLY E 111 -4.62 4.80 -19.89
CA GLY E 111 -4.33 3.87 -18.79
C GLY E 111 -2.85 3.88 -18.49
N ALA E 112 -2.48 4.00 -17.20
CA ALA E 112 -1.08 3.88 -16.78
C ALA E 112 -0.98 2.95 -15.57
N SER E 113 0.08 2.16 -15.55
CA SER E 113 0.44 1.33 -14.37
C SER E 113 0.96 2.25 -13.28
N ASP E 114 0.93 1.78 -12.03
CA ASP E 114 1.35 2.58 -10.86
C ASP E 114 2.72 3.19 -11.16
N GLU E 115 3.64 2.37 -11.68
CA GLU E 115 5.07 2.75 -11.88
C GLU E 115 5.17 3.84 -12.97
N SER E 116 4.63 3.57 -14.17
CA SER E 116 4.88 4.48 -15.32
C SER E 116 3.93 5.68 -15.28
N ALA E 117 2.93 5.68 -14.40
CA ALA E 117 2.09 6.86 -14.17
C ALA E 117 2.96 7.98 -13.61
N ASP E 118 3.81 7.65 -12.65
CA ASP E 118 4.59 8.66 -11.89
C ASP E 118 5.80 9.15 -12.69
N THR E 119 6.40 8.25 -13.47
CA THR E 119 7.70 8.52 -14.12
C THR E 119 7.52 9.30 -15.42
N ILE E 120 6.68 8.80 -16.34
CA ILE E 120 6.64 9.34 -17.72
C ILE E 120 5.25 9.84 -18.07
N LEU E 121 4.28 9.77 -17.17
CA LEU E 121 2.94 10.28 -17.55
C LEU E 121 2.92 11.82 -17.49
N PRO E 122 3.62 12.48 -16.53
CA PRO E 122 3.84 13.91 -16.63
C PRO E 122 4.38 14.32 -18.00
N PHE E 123 5.38 13.60 -18.49
CA PHE E 123 6.01 13.91 -19.80
C PHE E 123 4.95 13.76 -20.90
N LEU E 124 4.16 12.69 -20.86
CA LEU E 124 3.10 12.43 -21.85
C LEU E 124 2.03 13.52 -21.79
N LEU E 125 1.39 13.69 -20.61
CA LEU E 125 0.25 14.61 -20.43
C LEU E 125 0.66 16.04 -20.80
N ASN E 126 1.93 16.41 -20.55
CA ASN E 126 2.48 17.72 -20.96
C ASN E 126 2.38 17.87 -22.48
N ARG E 127 2.83 16.86 -23.23
CA ARG E 127 2.91 16.96 -24.71
C ARG E 127 1.51 16.93 -25.33
N VAL E 128 0.63 16.09 -24.77
CA VAL E 128 -0.76 15.94 -25.30
C VAL E 128 -1.50 17.25 -25.11
N SER E 129 -1.46 17.83 -23.91
CA SER E 129 -2.34 18.97 -23.54
C SER E 129 -1.67 20.29 -23.92
N SER E 130 -0.69 20.25 -24.83
CA SER E 130 -0.13 21.47 -25.46
C SER E 130 -0.51 21.55 -26.94
N VAL E 131 -0.60 20.42 -27.62
CA VAL E 131 -1.00 20.38 -29.05
C VAL E 131 -2.52 20.39 -29.17
N TYR E 132 -3.22 19.73 -28.25
CA TYR E 132 -4.70 19.66 -28.24
C TYR E 132 -5.20 20.27 -26.94
N PRO E 133 -5.10 21.61 -26.79
CA PRO E 133 -5.38 22.24 -25.49
C PRO E 133 -6.86 22.13 -25.10
N LYS E 134 -7.71 21.68 -26.01
CA LYS E 134 -9.17 21.59 -25.76
C LYS E 134 -9.51 20.21 -25.23
N LEU E 135 -8.60 19.24 -25.39
CA LEU E 135 -8.95 17.81 -25.29
C LEU E 135 -8.86 17.35 -23.84
N ALA E 136 -9.98 16.84 -23.32
CA ALA E 136 -10.07 16.40 -21.92
C ALA E 136 -9.29 15.10 -21.75
N LEU E 137 -8.71 14.91 -20.57
CA LEU E 137 -7.80 13.77 -20.30
C LEU E 137 -8.28 13.03 -19.06
N ASP E 138 -8.72 11.79 -19.28
CA ASP E 138 -9.16 10.86 -18.22
C ASP E 138 -8.11 9.77 -18.10
N VAL E 139 -7.21 9.89 -17.13
CA VAL E 139 -6.17 8.87 -16.88
C VAL E 139 -6.65 7.98 -15.74
N ARG E 140 -6.82 6.69 -16.05
CA ARG E 140 -7.16 5.67 -15.03
C ARG E 140 -5.90 4.86 -14.74
N VAL E 141 -5.50 4.82 -13.47
CA VAL E 141 -4.20 4.25 -13.04
C VAL E 141 -4.45 2.96 -12.26
N LYS E 142 -4.04 1.83 -12.81
CA LYS E 142 -4.21 0.51 -12.18
C LYS E 142 -2.85 -0.17 -12.04
N ARG E 143 -2.86 -1.43 -11.61
CA ARG E 143 -1.66 -2.28 -11.64
C ARG E 143 -1.22 -2.44 -13.09
N ASN E 144 -0.03 -2.99 -13.26
CA ASN E 144 0.58 -3.18 -14.59
C ASN E 144 -0.13 -4.29 -15.38
N ALA E 145 -0.71 -5.28 -14.71
CA ALA E 145 -1.27 -6.47 -15.42
C ALA E 145 -2.61 -6.13 -16.07
N TYR E 146 -3.44 -5.30 -15.44
CA TYR E 146 -4.79 -5.01 -15.99
C TYR E 146 -4.69 -4.21 -17.29
N MET E 147 -3.49 -3.75 -17.66
CA MET E 147 -3.31 -2.75 -18.73
C MET E 147 -3.64 -3.37 -20.09
N ALA E 148 -3.27 -4.62 -20.34
CA ALA E 148 -3.54 -5.30 -21.63
C ALA E 148 -5.05 -5.41 -21.86
N GLU E 149 -5.78 -5.91 -20.86
CA GLU E 149 -7.26 -6.09 -20.94
C GLU E 149 -7.91 -4.72 -21.22
N MET E 150 -7.41 -3.68 -20.58
CA MET E 150 -8.04 -2.35 -20.59
C MET E 150 -8.01 -1.75 -22.00
N LEU E 151 -6.95 -1.98 -22.77
CA LEU E 151 -6.80 -1.36 -24.10
C LEU E 151 -7.67 -2.09 -25.12
N GLU E 152 -7.81 -3.43 -24.97
CA GLU E 152 -8.61 -4.25 -25.91
C GLU E 152 -10.10 -3.93 -25.72
N SER E 153 -10.54 -3.85 -24.46
CA SER E 153 -11.94 -3.52 -24.13
C SER E 153 -12.23 -2.02 -24.35
N GLN E 154 -11.25 -1.27 -24.87
CA GLN E 154 -11.31 0.20 -25.03
C GLN E 154 -12.04 0.87 -23.87
N GLU E 155 -11.70 0.43 -22.65
CA GLU E 155 -12.00 1.23 -21.44
C GLU E 155 -11.17 2.52 -21.49
N VAL E 156 -9.93 2.41 -21.97
CA VAL E 156 -9.03 3.55 -22.28
C VAL E 156 -8.74 3.50 -23.78
N ASP E 157 -8.37 4.64 -24.37
CA ASP E 157 -7.98 4.73 -25.79
C ASP E 157 -6.50 4.37 -25.96
N LEU E 158 -5.69 4.72 -24.95
CA LEU E 158 -4.24 4.48 -24.99
C LEU E 158 -3.76 4.02 -23.63
N MET E 159 -2.57 3.43 -23.62
CA MET E 159 -2.01 2.75 -22.44
C MET E 159 -0.52 3.04 -22.35
N VAL E 160 -0.02 3.21 -21.12
CA VAL E 160 1.43 3.30 -20.85
C VAL E 160 1.78 2.23 -19.83
N THR E 161 2.52 1.22 -20.27
CA THR E 161 2.86 0.03 -19.46
C THR E 161 4.35 -0.26 -19.57
N THR E 162 4.85 -1.14 -18.71
CA THR E 162 6.24 -1.63 -18.75
C THR E 162 6.27 -3.12 -19.08
N HIS E 163 5.15 -3.67 -19.57
CA HIS E 163 5.10 -5.08 -20.01
C HIS E 163 4.66 -5.11 -21.46
N ARG E 164 5.57 -5.50 -22.36
CA ARG E 164 5.30 -5.42 -23.80
C ARG E 164 4.11 -6.34 -24.13
N PRO E 165 3.09 -5.84 -24.85
CA PRO E 165 2.00 -6.69 -25.29
C PRO E 165 2.37 -7.49 -26.55
N SER E 166 1.50 -8.47 -26.87
CA SER E 166 1.61 -9.29 -28.08
C SER E 166 0.67 -8.78 -29.19
N ALA E 167 -0.35 -7.98 -28.87
CA ALA E 167 -1.43 -7.61 -29.81
C ALA E 167 -1.41 -6.13 -30.18
N PHE E 168 -0.55 -5.29 -29.61
CA PHE E 168 -0.69 -3.83 -29.72
C PHE E 168 0.58 -3.17 -30.21
N LYS E 169 0.43 -2.13 -31.02
CA LYS E 169 1.52 -1.18 -31.35
C LYS E 169 2.09 -0.62 -30.05
N ALA E 170 3.40 -0.41 -30.00
CA ALA E 170 4.11 0.02 -28.79
C ALA E 170 5.26 0.97 -29.12
N LEU E 171 5.08 2.26 -28.86
CA LEU E 171 6.16 3.27 -28.96
C LEU E 171 6.97 3.28 -27.66
N ASN E 172 8.28 3.17 -27.76
CA ASN E 172 9.19 3.17 -26.59
C ASN E 172 9.51 4.61 -26.20
N LEU E 173 9.08 5.03 -25.00
CA LEU E 173 9.26 6.42 -24.53
C LEU E 173 10.48 6.55 -23.62
N ARG E 174 10.78 5.52 -22.83
CA ARG E 174 12.03 5.50 -22.03
C ARG E 174 12.39 4.05 -21.73
N THR E 175 13.67 3.71 -21.89
CA THR E 175 14.26 2.43 -21.45
C THR E 175 15.17 2.73 -20.26
N SER E 176 14.81 2.26 -19.07
CA SER E 176 15.58 2.49 -17.83
C SER E 176 16.19 1.19 -17.35
N PRO E 177 17.41 1.25 -16.78
CA PRO E 177 17.96 0.10 -16.08
C PRO E 177 17.10 -0.29 -14.89
N THR E 178 17.03 -1.60 -14.62
CA THR E 178 16.33 -2.15 -13.45
C THR E 178 17.38 -2.55 -12.41
N HIS E 179 17.18 -2.13 -11.17
CA HIS E 179 18.09 -2.41 -10.03
C HIS E 179 17.38 -3.06 -8.87
N TRP E 180 18.16 -3.84 -8.15
CA TRP E 180 17.80 -4.38 -6.82
C TRP E 180 17.88 -3.21 -5.85
N TYR E 181 16.95 -3.15 -4.90
CA TYR E 181 17.01 -2.18 -3.80
C TYR E 181 16.88 -2.92 -2.48
N CYS E 182 17.53 -2.37 -1.47
CA CYS E 182 17.21 -2.65 -0.06
C CYS E 182 17.33 -1.34 0.71
N ALA E 183 16.98 -1.33 2.00
CA ALA E 183 17.11 -0.10 2.79
C ALA E 183 18.58 0.30 2.81
N ALA E 184 18.87 1.59 2.85
CA ALA E 184 20.25 2.12 2.73
C ALA E 184 21.18 1.36 3.69
N GLU E 185 20.74 1.18 4.92
CA GLU E 185 21.58 0.55 5.98
C GLU E 185 21.14 -0.88 6.23
N TYR E 186 20.48 -1.51 5.26
CA TYR E 186 20.11 -2.95 5.32
C TYR E 186 21.37 -3.80 5.20
N ILE E 187 21.35 -4.95 5.86
CA ILE E 187 22.49 -5.92 5.88
C ILE E 187 22.04 -7.19 5.16
N LEU E 188 22.59 -7.41 3.98
CA LEU E 188 22.33 -8.63 3.18
C LEU E 188 23.32 -9.68 3.64
N GLN E 189 22.87 -10.64 4.46
CA GLN E 189 23.74 -11.75 4.93
C GLN E 189 23.92 -12.73 3.79
N LYS E 190 25.12 -12.79 3.24
CA LYS E 190 25.49 -13.79 2.22
C LYS E 190 25.46 -15.15 2.90
N GLY E 191 24.82 -16.15 2.29
CA GLY E 191 24.64 -17.46 2.93
C GLY E 191 23.19 -17.78 3.23
N GLU E 192 22.35 -16.81 3.71
CA GLU E 192 20.88 -17.04 3.90
C GLU E 192 20.13 -16.71 2.61
N PRO E 193 19.00 -17.37 2.31
CA PRO E 193 18.14 -17.00 1.18
C PRO E 193 17.70 -15.54 1.22
N ILE E 194 17.68 -14.88 0.05
CA ILE E 194 17.31 -13.45 -0.04
C ILE E 194 15.84 -13.31 0.36
N PRO E 195 15.53 -12.51 1.40
CA PRO E 195 14.14 -12.14 1.71
C PRO E 195 13.60 -11.05 0.77
N LEU E 196 12.66 -11.44 -0.07
CA LEU E 196 12.11 -10.59 -1.14
C LEU E 196 10.90 -9.79 -0.61
N VAL E 197 10.77 -8.56 -1.10
CA VAL E 197 9.54 -7.74 -0.99
C VAL E 197 8.95 -7.64 -2.40
N LEU E 198 7.75 -8.19 -2.59
CA LEU E 198 7.16 -8.29 -3.93
C LEU E 198 5.68 -7.92 -3.87
N LEU E 199 5.09 -7.67 -5.04
CA LEU E 199 3.62 -7.76 -5.24
C LEU E 199 3.24 -9.23 -5.31
N ASP E 200 1.95 -9.55 -5.16
CA ASP E 200 1.44 -10.90 -5.52
C ASP E 200 1.29 -10.93 -7.04
N ASP E 201 1.10 -12.12 -7.63
CA ASP E 201 0.83 -12.16 -9.08
C ASP E 201 -0.51 -11.51 -9.34
N PRO E 202 -0.66 -10.77 -10.46
CA PRO E 202 0.48 -10.51 -11.36
C PRO E 202 1.21 -9.17 -11.32
N SER E 203 2.54 -9.22 -11.39
CA SER E 203 3.47 -8.09 -11.60
C SER E 203 4.71 -8.55 -12.38
N PRO E 204 4.99 -7.97 -13.57
CA PRO E 204 6.17 -8.33 -14.33
C PRO E 204 7.45 -8.42 -13.51
N PHE E 205 7.67 -7.46 -12.63
CA PHE E 205 8.92 -7.40 -11.84
C PHE E 205 9.03 -8.68 -11.02
N ARG E 206 7.92 -9.13 -10.41
CA ARG E 206 7.90 -10.38 -9.62
C ARG E 206 8.37 -11.54 -10.48
N ASP E 207 7.74 -11.71 -11.63
CA ASP E 207 8.04 -12.82 -12.57
C ASP E 207 9.51 -12.74 -12.95
N MET E 208 10.01 -11.52 -13.14
CA MET E 208 11.44 -11.29 -13.48
C MET E 208 12.32 -11.67 -12.29
N VAL E 209 12.05 -11.13 -11.11
CA VAL E 209 12.96 -11.34 -9.95
C VAL E 209 13.00 -12.81 -9.60
N LEU E 210 11.85 -13.51 -9.66
CA LEU E 210 11.79 -14.95 -9.37
C LEU E 210 12.55 -15.70 -10.47
N ALA E 211 12.21 -15.42 -11.73
CA ALA E 211 12.89 -16.07 -12.88
C ALA E 211 14.36 -15.73 -12.82
N THR E 212 14.72 -14.49 -12.50
CA THR E 212 16.12 -14.03 -12.52
C THR E 212 16.96 -14.85 -11.53
N LEU E 213 16.44 -15.02 -10.32
CA LEU E 213 17.19 -15.65 -9.22
C LEU E 213 17.20 -17.17 -9.40
N ASN E 214 16.15 -17.72 -10.00
CA ASN E 214 16.06 -19.18 -10.25
C ASN E 214 17.04 -19.57 -11.36
N LYS E 215 17.12 -18.72 -12.38
CA LYS E 215 18.01 -18.83 -13.55
C LYS E 215 19.48 -18.83 -13.13
N ALA E 216 19.83 -18.49 -11.88
CA ALA E 216 21.24 -18.46 -11.42
C ALA E 216 21.42 -19.16 -10.07
N ASP E 217 20.51 -20.07 -9.71
CA ASP E 217 20.63 -20.94 -8.51
C ASP E 217 20.88 -20.11 -7.24
N ILE E 218 20.16 -19.01 -7.04
CA ILE E 218 20.24 -18.25 -5.77
C ILE E 218 18.93 -18.44 -5.00
N PRO E 219 18.98 -18.99 -3.78
CA PRO E 219 17.76 -19.21 -3.02
C PRO E 219 17.17 -17.90 -2.53
N TRP E 220 15.86 -17.90 -2.38
CA TRP E 220 15.12 -16.74 -1.85
C TRP E 220 13.98 -17.22 -0.95
N ARG E 221 13.31 -16.25 -0.34
CA ARG E 221 12.11 -16.45 0.49
C ARG E 221 11.29 -15.15 0.46
N LEU E 222 9.98 -15.27 0.58
CA LEU E 222 9.07 -14.10 0.55
C LEU E 222 8.96 -13.54 1.96
N ALA E 223 9.75 -12.50 2.23
CA ALA E 223 9.82 -11.85 3.55
C ALA E 223 8.62 -10.93 3.76
N TYR E 224 8.00 -10.52 2.66
CA TYR E 224 6.91 -9.53 2.64
C TYR E 224 6.31 -9.53 1.25
N VAL E 225 5.05 -9.90 1.13
CA VAL E 225 4.29 -9.74 -0.13
C VAL E 225 3.26 -8.65 0.11
N ALA E 226 3.15 -7.72 -0.83
CA ALA E 226 2.24 -6.57 -0.73
C ALA E 226 1.28 -6.54 -1.91
N SER E 227 0.25 -5.72 -1.78
CA SER E 227 -0.89 -5.65 -2.73
C SER E 227 -0.76 -4.44 -3.64
N THR E 228 0.06 -3.46 -3.28
CA THR E 228 0.17 -2.17 -4.01
C THR E 228 1.63 -1.72 -4.00
N LEU E 229 2.03 -0.82 -4.91
CA LEU E 229 3.41 -0.30 -4.92
C LEU E 229 3.72 0.49 -3.66
N PRO E 230 2.89 1.46 -3.21
CA PRO E 230 3.24 2.22 -2.00
C PRO E 230 3.60 1.30 -0.81
N ALA E 231 2.97 0.12 -0.76
CA ALA E 231 3.25 -0.90 0.26
C ALA E 231 4.62 -1.53 0.02
N VAL E 232 4.99 -1.77 -1.24
CA VAL E 232 6.26 -2.45 -1.59
C VAL E 232 7.43 -1.53 -1.26
N ARG E 233 7.41 -0.33 -1.82
CA ARG E 233 8.47 0.67 -1.55
C ARG E 233 8.60 0.85 -0.04
N ALA E 234 7.49 1.02 0.67
CA ALA E 234 7.49 1.21 2.14
C ALA E 234 8.21 0.04 2.82
N ALA E 235 8.01 -1.17 2.33
CA ALA E 235 8.57 -2.40 2.91
C ALA E 235 10.05 -2.50 2.58
N VAL E 236 10.45 -2.09 1.37
CA VAL E 236 11.89 -2.06 0.99
C VAL E 236 12.63 -1.08 1.90
N LYS E 237 12.04 0.11 2.07
CA LYS E 237 12.63 1.24 2.83
C LYS E 237 12.67 0.90 4.31
N ALA E 238 11.67 0.18 4.81
CA ALA E 238 11.61 -0.31 6.20
C ALA E 238 12.71 -1.35 6.45
N GLY E 239 13.39 -1.80 5.39
CA GLY E 239 14.48 -2.80 5.51
C GLY E 239 13.92 -4.17 5.84
N LEU E 240 12.80 -4.53 5.20
CA LEU E 240 12.14 -5.84 5.36
C LEU E 240 12.61 -6.79 4.29
N GLY E 241 13.41 -6.34 3.32
CA GLY E 241 13.89 -7.21 2.26
C GLY E 241 14.37 -6.48 1.05
N VAL E 242 14.38 -7.19 -0.08
CA VAL E 242 14.98 -6.73 -1.35
C VAL E 242 13.85 -6.54 -2.36
N THR E 243 14.07 -5.73 -3.40
CA THR E 243 13.16 -5.71 -4.55
C THR E 243 13.94 -5.52 -5.83
N ALA E 244 13.26 -5.48 -6.97
CA ALA E 244 13.84 -5.02 -8.25
C ALA E 244 12.86 -4.05 -8.90
N ARG E 245 13.31 -2.85 -9.20
CA ARG E 245 12.48 -1.79 -9.81
C ARG E 245 13.38 -0.97 -10.72
N PRO E 246 12.80 -0.15 -11.62
CA PRO E 246 13.60 0.78 -12.40
C PRO E 246 14.37 1.75 -11.51
N VAL E 247 15.34 2.41 -12.13
CA VAL E 247 16.31 3.26 -11.40
C VAL E 247 15.59 4.50 -10.85
N GLU E 248 14.38 4.77 -11.33
CA GLU E 248 13.55 5.93 -10.94
C GLU E 248 13.01 5.80 -9.51
N MET E 249 13.08 4.62 -8.90
CA MET E 249 12.68 4.45 -7.48
C MET E 249 13.78 4.95 -6.52
N MET E 250 15.01 5.10 -7.00
CA MET E 250 16.18 5.39 -6.13
C MET E 250 15.95 6.67 -5.32
N SER E 251 15.88 6.54 -3.99
CA SER E 251 15.89 7.68 -3.03
C SER E 251 16.96 7.44 -1.97
N PRO E 252 17.34 8.46 -1.19
CA PRO E 252 18.34 8.31 -0.12
C PRO E 252 18.01 7.28 0.97
N ASP E 253 16.73 6.96 1.18
CA ASP E 253 16.31 5.85 2.08
C ASP E 253 16.98 4.55 1.67
N LEU E 254 17.35 4.41 0.40
CA LEU E 254 17.64 3.13 -0.25
C LEU E 254 19.10 3.05 -0.68
N ARG E 255 19.51 1.81 -0.95
CA ARG E 255 20.84 1.44 -1.46
C ARG E 255 20.64 0.49 -2.62
N VAL E 256 21.52 0.51 -3.62
CA VAL E 256 21.40 -0.43 -4.77
C VAL E 256 22.24 -1.67 -4.50
N LEU E 257 21.64 -2.84 -4.69
CA LEU E 257 22.35 -4.13 -4.68
C LEU E 257 22.75 -4.48 -6.11
N SER E 258 24.01 -4.87 -6.28
CA SER E 258 24.61 -5.17 -7.59
C SER E 258 25.34 -6.52 -7.49
N GLY E 259 26.26 -6.79 -8.43
CA GLY E 259 26.95 -8.07 -8.55
C GLY E 259 27.78 -8.41 -7.33
N VAL E 260 28.45 -7.42 -6.72
CA VAL E 260 29.38 -7.70 -5.60
C VAL E 260 28.59 -8.19 -4.38
N ASP E 261 27.27 -8.00 -4.34
CA ASP E 261 26.39 -8.47 -3.26
C ASP E 261 25.78 -9.84 -3.56
N GLY E 262 26.09 -10.41 -4.73
CA GLY E 262 25.69 -11.79 -5.05
C GLY E 262 24.40 -11.87 -5.87
N LEU E 263 24.02 -10.76 -6.49
CA LEU E 263 22.76 -10.70 -7.25
C LEU E 263 23.07 -10.60 -8.73
N PRO E 264 22.28 -11.29 -9.57
CA PRO E 264 22.50 -11.27 -11.01
C PRO E 264 22.10 -9.93 -11.58
N PRO E 265 22.56 -9.57 -12.79
CA PRO E 265 22.07 -8.38 -13.48
C PRO E 265 20.59 -8.55 -13.83
N LEU E 266 19.95 -7.43 -14.18
CA LEU E 266 18.51 -7.40 -14.49
C LEU E 266 18.31 -6.90 -15.91
N PRO E 267 17.25 -7.37 -16.61
CA PRO E 267 16.92 -6.82 -17.91
C PRO E 267 16.29 -5.43 -17.72
N ASP E 268 16.40 -4.60 -18.75
CA ASP E 268 15.93 -3.21 -18.65
C ASP E 268 14.42 -3.19 -18.51
N THR E 269 13.90 -2.07 -18.03
CA THR E 269 12.45 -1.79 -17.99
C THR E 269 12.14 -0.78 -19.09
N GLU E 270 11.15 -1.08 -19.92
CA GLU E 270 10.73 -0.16 -21.00
C GLU E 270 9.40 0.46 -20.64
N TYR E 271 9.30 1.77 -20.80
CA TYR E 271 8.04 2.51 -20.59
C TYR E 271 7.42 2.72 -21.98
N LEU E 272 6.39 1.95 -22.31
CA LEU E 272 5.88 1.83 -23.71
C LEU E 272 4.53 2.54 -23.83
N LEU E 273 4.40 3.42 -24.82
CA LEU E 273 3.08 3.97 -25.24
C LEU E 273 2.46 3.01 -26.25
N CYS E 274 1.23 2.56 -25.96
CA CYS E 274 0.57 1.53 -26.77
C CYS E 274 -0.78 1.98 -27.31
N TYR E 275 -1.09 1.40 -28.44
CA TYR E 275 -2.20 1.76 -29.32
C TYR E 275 -2.86 0.47 -29.79
N ASP E 276 -4.17 0.48 -29.99
CA ASP E 276 -4.90 -0.67 -30.54
C ASP E 276 -5.05 -0.48 -32.05
N PRO E 277 -4.34 -1.25 -32.89
CA PRO E 277 -4.50 -1.12 -34.34
C PRO E 277 -5.87 -1.60 -34.85
N SER E 278 -6.51 -2.52 -34.12
CA SER E 278 -7.87 -3.02 -34.42
C SER E 278 -8.90 -2.02 -33.86
N SER E 279 -8.76 -0.76 -34.23
CA SER E 279 -9.62 0.34 -33.71
C SER E 279 -9.94 1.34 -34.80
N ASN E 280 -10.75 2.33 -34.48
CA ASN E 280 -11.16 3.42 -35.41
C ASN E 280 -10.97 4.76 -34.69
N ASN E 281 -10.37 4.77 -33.50
CA ASN E 281 -10.28 5.99 -32.68
C ASN E 281 -9.23 6.91 -33.30
N GLU E 282 -9.65 7.86 -34.16
CA GLU E 282 -8.71 8.91 -34.62
C GLU E 282 -7.97 9.44 -33.39
N LEU E 283 -8.64 9.54 -32.24
CA LEU E 283 -8.03 10.08 -31.00
C LEU E 283 -6.79 9.25 -30.68
N ALA E 284 -6.93 7.92 -30.63
CA ALA E 284 -5.81 7.08 -30.14
C ALA E 284 -4.67 7.17 -31.14
N GLN E 285 -4.95 6.99 -32.43
CA GLN E 285 -3.88 6.88 -33.45
C GLN E 285 -3.17 8.24 -33.59
N VAL E 286 -3.96 9.31 -33.71
CA VAL E 286 -3.39 10.65 -34.02
C VAL E 286 -2.62 11.14 -32.80
N ILE E 287 -3.06 10.81 -31.60
CA ILE E 287 -2.31 11.12 -30.36
C ILE E 287 -1.09 10.19 -30.26
N TYR E 288 -1.25 8.93 -30.65
CA TYR E 288 -0.12 7.99 -30.77
C TYR E 288 0.90 8.55 -31.77
N GLN E 289 0.45 9.02 -32.94
CA GLN E 289 1.36 9.55 -34.00
C GLN E 289 2.09 10.81 -33.50
N ALA E 290 1.50 11.58 -32.59
CA ALA E 290 2.16 12.77 -32.01
C ALA E 290 3.39 12.38 -31.18
N MET E 291 3.30 11.28 -30.42
CA MET E 291 4.30 10.96 -29.37
C MET E 291 5.60 10.39 -29.94
N GLU E 292 5.62 9.85 -31.16
CA GLU E 292 6.89 9.36 -31.77
C GLU E 292 7.60 10.50 -32.51
N SER E 293 6.86 11.51 -32.94
CA SER E 293 7.39 12.70 -33.64
C SER E 293 8.03 13.69 -32.66
N TYR E 294 7.92 13.48 -31.35
CA TYR E 294 8.67 14.31 -30.36
C TYR E 294 9.74 13.47 -29.65
N HIS E 295 9.59 12.16 -29.66
CA HIS E 295 10.57 11.21 -29.06
C HIS E 295 11.60 10.83 -30.12
N ASN E 296 11.49 11.35 -31.35
CA ASN E 296 12.39 10.96 -32.47
C ASN E 296 12.34 11.98 -33.60
N PRO E 297 13.50 12.54 -34.03
CA PRO E 297 13.56 13.45 -35.18
C PRO E 297 13.94 12.72 -36.48
N GLY F 106 12.67 -67.23 7.36
CA GLY F 106 11.21 -67.39 7.58
C GLY F 106 10.42 -67.42 6.27
N VAL F 107 9.10 -67.26 6.37
CA VAL F 107 8.20 -67.12 5.19
C VAL F 107 7.24 -65.95 5.43
N LEU F 108 7.53 -64.82 4.80
CA LEU F 108 6.71 -63.59 4.89
C LEU F 108 5.54 -63.69 3.90
N THR F 109 4.32 -63.60 4.42
CA THR F 109 3.10 -63.61 3.58
C THR F 109 2.63 -62.17 3.39
N ILE F 110 2.60 -61.71 2.14
CA ILE F 110 2.18 -60.35 1.75
C ILE F 110 0.86 -60.48 1.00
N GLY F 111 -0.13 -59.67 1.36
CA GLY F 111 -1.37 -59.52 0.59
C GLY F 111 -1.27 -58.28 -0.29
N ALA F 112 -1.73 -58.38 -1.53
CA ALA F 112 -1.86 -57.21 -2.43
C ALA F 112 -3.22 -57.23 -3.14
N SER F 113 -3.76 -56.05 -3.38
CA SER F 113 -5.01 -55.86 -4.13
C SER F 113 -4.76 -56.25 -5.58
N ASP F 114 -5.82 -56.60 -6.31
CA ASP F 114 -5.73 -56.77 -7.78
C ASP F 114 -4.94 -55.55 -8.29
N GLU F 115 -5.41 -54.37 -7.89
CA GLU F 115 -4.93 -53.05 -8.33
C GLU F 115 -3.42 -52.90 -8.07
N SER F 116 -3.03 -52.91 -6.81
CA SER F 116 -1.73 -52.37 -6.35
C SER F 116 -0.62 -53.40 -6.55
N ALA F 117 -0.96 -54.65 -6.90
CA ALA F 117 0.05 -55.70 -7.07
C ALA F 117 1.00 -55.32 -8.21
N ASP F 118 0.46 -54.76 -9.29
CA ASP F 118 1.26 -54.49 -10.50
C ASP F 118 1.98 -53.15 -10.38
N THR F 119 1.45 -52.21 -9.56
CA THR F 119 2.01 -50.85 -9.46
C THR F 119 3.15 -50.77 -8.45
N ILE F 120 2.89 -51.09 -7.17
CA ILE F 120 3.79 -50.76 -6.04
C ILE F 120 4.20 -52.04 -5.29
N LEU F 121 3.95 -53.22 -5.85
CA LEU F 121 4.48 -54.47 -5.29
C LEU F 121 5.88 -54.75 -5.84
N PRO F 122 6.20 -54.48 -7.12
CA PRO F 122 7.59 -54.58 -7.57
C PRO F 122 8.54 -53.74 -6.71
N PHE F 123 8.12 -52.53 -6.31
CA PHE F 123 8.94 -51.69 -5.42
C PHE F 123 9.11 -52.39 -4.07
N LEU F 124 8.03 -52.92 -3.51
CA LEU F 124 8.06 -53.62 -2.20
C LEU F 124 8.92 -54.87 -2.29
N LEU F 125 8.60 -55.80 -3.20
CA LEU F 125 9.28 -57.11 -3.29
C LEU F 125 10.78 -56.90 -3.54
N ASN F 126 11.13 -55.86 -4.31
CA ASN F 126 12.54 -55.49 -4.57
C ASN F 126 13.26 -55.22 -3.25
N ARG F 127 12.67 -54.37 -2.41
CA ARG F 127 13.38 -53.86 -1.21
C ARG F 127 13.41 -54.96 -0.14
N VAL F 128 12.35 -55.76 -0.02
CA VAL F 128 12.30 -56.85 0.99
C VAL F 128 13.40 -57.85 0.69
N SER F 129 13.50 -58.31 -0.56
CA SER F 129 14.41 -59.41 -0.92
C SER F 129 15.81 -58.88 -1.25
N SER F 130 16.11 -57.62 -0.90
CA SER F 130 17.47 -57.05 -1.03
C SER F 130 18.09 -56.82 0.34
N VAL F 131 17.29 -56.54 1.35
CA VAL F 131 17.82 -56.45 2.74
C VAL F 131 17.83 -57.84 3.39
N TYR F 132 16.82 -58.67 3.10
CA TYR F 132 16.68 -60.02 3.70
C TYR F 132 16.68 -61.07 2.60
N PRO F 133 17.83 -61.24 1.89
CA PRO F 133 17.84 -62.08 0.69
C PRO F 133 17.65 -63.56 0.98
N LYS F 134 17.62 -63.93 2.26
CA LYS F 134 17.49 -65.33 2.70
C LYS F 134 16.02 -65.68 2.90
N LEU F 135 15.13 -64.68 2.87
CA LEU F 135 13.73 -64.80 3.32
C LEU F 135 12.82 -65.19 2.15
N ALA F 136 12.02 -66.24 2.33
CA ALA F 136 11.02 -66.68 1.34
C ALA F 136 9.82 -65.73 1.37
N LEU F 137 9.20 -65.53 0.20
CA LEU F 137 8.14 -64.52 -0.02
C LEU F 137 6.90 -65.17 -0.62
N ASP F 138 5.80 -65.12 0.13
CA ASP F 138 4.48 -65.62 -0.30
C ASP F 138 3.56 -64.43 -0.52
N VAL F 139 3.41 -63.99 -1.76
CA VAL F 139 2.52 -62.85 -2.13
C VAL F 139 1.18 -63.40 -2.61
N ARG F 140 0.12 -63.11 -1.86
CA ARG F 140 -1.26 -63.50 -2.20
C ARG F 140 -2.02 -62.28 -2.70
N VAL F 141 -2.53 -62.34 -3.91
CA VAL F 141 -3.21 -61.20 -4.56
C VAL F 141 -4.68 -61.53 -4.71
N LYS F 142 -5.52 -60.80 -3.97
CA LYS F 142 -6.99 -60.92 -4.12
C LYS F 142 -7.57 -59.52 -4.31
N ARG F 143 -8.90 -59.44 -4.36
CA ARG F 143 -9.62 -58.17 -4.55
C ARG F 143 -9.29 -57.22 -3.39
N ASN F 144 -9.58 -55.94 -3.59
CA ASN F 144 -9.18 -54.89 -2.64
C ASN F 144 -9.98 -55.01 -1.33
N ALA F 145 -11.19 -55.57 -1.36
CA ALA F 145 -12.03 -55.65 -0.16
C ALA F 145 -11.57 -56.79 0.74
N TYR F 146 -11.15 -57.93 0.18
CA TYR F 146 -10.76 -59.08 1.03
C TYR F 146 -9.42 -58.81 1.73
N MET F 147 -8.80 -57.68 1.41
CA MET F 147 -7.50 -57.25 2.00
C MET F 147 -7.64 -56.98 3.49
N ALA F 148 -8.78 -56.42 3.93
CA ALA F 148 -9.06 -56.11 5.34
C ALA F 148 -9.02 -57.39 6.18
N GLU F 149 -9.76 -58.41 5.79
CA GLU F 149 -9.84 -59.67 6.55
C GLU F 149 -8.44 -60.28 6.70
N MET F 150 -7.64 -60.23 5.65
CA MET F 150 -6.41 -61.07 5.54
C MET F 150 -5.39 -60.67 6.60
N LEU F 151 -5.28 -59.38 6.92
CA LEU F 151 -4.30 -58.88 7.93
C LEU F 151 -4.89 -59.09 9.33
N GLU F 152 -6.21 -59.08 9.47
CA GLU F 152 -6.93 -59.31 10.74
C GLU F 152 -6.80 -60.78 11.15
N SER F 153 -7.11 -61.69 10.23
CA SER F 153 -7.09 -63.16 10.48
C SER F 153 -5.66 -63.69 10.43
N GLN F 154 -4.67 -62.80 10.41
CA GLN F 154 -3.22 -63.12 10.25
C GLN F 154 -3.00 -64.14 9.13
N GLU F 155 -3.80 -64.11 8.09
CA GLU F 155 -3.58 -64.95 6.90
C GLU F 155 -2.32 -64.47 6.16
N VAL F 156 -2.15 -63.15 6.11
CA VAL F 156 -0.94 -62.47 5.60
C VAL F 156 -0.35 -61.68 6.77
N ASP F 157 0.93 -61.39 6.70
CA ASP F 157 1.64 -60.57 7.71
C ASP F 157 1.55 -59.11 7.35
N LEU F 158 1.44 -58.79 6.06
CA LEU F 158 1.33 -57.38 5.59
C LEU F 158 0.31 -57.30 4.48
N MET F 159 -0.10 -56.08 4.19
CA MET F 159 -1.14 -55.75 3.21
C MET F 159 -0.65 -54.53 2.43
N VAL F 160 -0.92 -54.52 1.14
CA VAL F 160 -0.79 -53.32 0.30
C VAL F 160 -2.15 -53.11 -0.36
N THR F 161 -2.81 -52.03 0.03
CA THR F 161 -4.16 -51.72 -0.47
C THR F 161 -4.18 -50.27 -0.92
N THR F 162 -5.21 -49.92 -1.68
CA THR F 162 -5.44 -48.53 -2.12
C THR F 162 -6.63 -47.93 -1.36
N HIS F 163 -7.08 -48.61 -0.30
CA HIS F 163 -8.19 -48.17 0.57
C HIS F 163 -7.71 -48.13 2.00
N ARG F 164 -7.60 -46.94 2.58
CA ARG F 164 -7.05 -46.79 3.95
C ARG F 164 -7.94 -47.54 4.93
N PRO F 165 -7.37 -48.42 5.76
CA PRO F 165 -8.14 -49.14 6.77
C PRO F 165 -8.32 -48.29 8.03
N SER F 166 -9.22 -48.71 8.90
CA SER F 166 -9.51 -48.02 10.18
C SER F 166 -8.72 -48.64 11.34
N ALA F 167 -8.11 -49.81 11.16
CA ALA F 167 -7.52 -50.58 12.28
C ALA F 167 -5.99 -50.67 12.22
N PHE F 168 -5.34 -50.26 11.13
CA PHE F 168 -3.93 -50.67 10.89
C PHE F 168 -3.06 -49.47 10.57
N LYS F 169 -1.80 -49.53 11.01
CA LYS F 169 -0.76 -48.58 10.56
C LYS F 169 -0.69 -48.64 9.03
N ALA F 170 -0.51 -47.49 8.39
CA ALA F 170 -0.57 -47.38 6.92
C ALA F 170 0.49 -46.37 6.48
N LEU F 171 1.60 -46.88 5.91
CA LEU F 171 2.62 -46.01 5.29
C LEU F 171 2.16 -45.71 3.86
N ASN F 172 2.20 -44.42 3.50
CA ASN F 172 1.88 -43.97 2.14
C ASN F 172 3.08 -44.30 1.24
N LEU F 173 2.93 -45.24 0.32
CA LEU F 173 4.09 -45.60 -0.52
C LEU F 173 4.08 -44.71 -1.77
N ARG F 174 2.88 -44.46 -2.30
CA ARG F 174 2.68 -43.55 -3.43
C ARG F 174 1.26 -42.97 -3.37
N THR F 175 1.18 -41.67 -3.64
CA THR F 175 -0.09 -40.93 -3.84
C THR F 175 -0.19 -40.61 -5.33
N SER F 176 -1.12 -41.27 -6.03
CA SER F 176 -1.31 -41.04 -7.47
C SER F 176 -2.68 -40.42 -7.70
N PRO F 177 -2.79 -39.50 -8.67
CA PRO F 177 -4.09 -39.07 -9.15
C PRO F 177 -4.88 -40.23 -9.76
N THR F 178 -6.18 -40.19 -9.56
CA THR F 178 -7.15 -41.09 -10.19
C THR F 178 -7.80 -40.36 -11.36
N HIS F 179 -7.92 -41.04 -12.49
CA HIS F 179 -8.45 -40.44 -13.74
C HIS F 179 -9.65 -41.23 -14.26
N TRP F 180 -10.54 -40.51 -14.96
CA TRP F 180 -11.57 -41.16 -15.79
C TRP F 180 -10.91 -41.70 -17.04
N TYR F 181 -11.32 -42.88 -17.47
CA TYR F 181 -10.77 -43.49 -18.69
C TYR F 181 -11.90 -43.93 -19.61
N CYS F 182 -11.60 -43.88 -20.91
CA CYS F 182 -12.38 -44.58 -21.93
C CYS F 182 -11.42 -45.05 -23.03
N ALA F 183 -11.94 -45.76 -24.02
CA ALA F 183 -11.14 -46.15 -25.19
C ALA F 183 -10.68 -44.86 -25.89
N ALA F 184 -9.49 -44.90 -26.47
CA ALA F 184 -8.89 -43.72 -27.14
C ALA F 184 -9.87 -43.13 -28.16
N GLU F 185 -10.58 -43.98 -28.91
CA GLU F 185 -11.52 -43.54 -29.96
C GLU F 185 -12.97 -43.58 -29.46
N TYR F 186 -13.17 -43.70 -28.15
CA TYR F 186 -14.51 -43.70 -27.55
C TYR F 186 -15.13 -42.31 -27.69
N ILE F 187 -16.45 -42.25 -27.88
CA ILE F 187 -17.18 -40.97 -28.07
C ILE F 187 -18.07 -40.77 -26.85
N LEU F 188 -17.72 -39.82 -26.00
CA LEU F 188 -18.53 -39.51 -24.82
C LEU F 188 -19.60 -38.51 -25.22
N GLN F 189 -20.86 -38.96 -25.24
CA GLN F 189 -22.00 -38.10 -25.59
C GLN F 189 -22.30 -37.14 -24.43
N LYS F 190 -22.17 -35.84 -24.68
CA LYS F 190 -22.84 -34.80 -23.86
C LYS F 190 -24.34 -35.02 -24.02
N GLY F 191 -25.08 -35.19 -22.92
CA GLY F 191 -26.51 -35.46 -23.01
C GLY F 191 -26.90 -36.86 -22.58
N GLU F 192 -26.11 -37.89 -22.93
CA GLU F 192 -26.45 -39.29 -22.53
C GLU F 192 -25.79 -39.61 -21.20
N PRO F 193 -26.41 -40.50 -20.39
CA PRO F 193 -25.86 -40.82 -19.07
C PRO F 193 -24.47 -41.45 -19.23
N ILE F 194 -23.53 -41.12 -18.35
CA ILE F 194 -22.17 -41.69 -18.47
C ILE F 194 -22.36 -43.20 -18.34
N PRO F 195 -22.04 -43.98 -19.41
CA PRO F 195 -22.12 -45.44 -19.32
C PRO F 195 -20.86 -45.99 -18.64
N LEU F 196 -21.00 -46.41 -17.39
CA LEU F 196 -19.86 -46.77 -16.54
C LEU F 196 -19.55 -48.26 -16.69
N VAL F 197 -18.26 -48.56 -16.65
CA VAL F 197 -17.70 -49.93 -16.52
C VAL F 197 -17.10 -50.03 -15.14
N LEU F 198 -17.66 -50.88 -14.27
CA LEU F 198 -17.29 -50.90 -12.85
C LEU F 198 -17.12 -52.33 -12.37
N LEU F 199 -16.43 -52.52 -11.24
CA LEU F 199 -16.47 -53.84 -10.57
C LEU F 199 -17.88 -54.03 -9.98
N ASP F 200 -18.22 -55.29 -9.71
CA ASP F 200 -19.37 -55.62 -8.84
C ASP F 200 -18.97 -55.24 -7.42
N ASP F 201 -19.91 -55.22 -6.49
CA ASP F 201 -19.55 -54.89 -5.10
C ASP F 201 -18.75 -56.06 -4.52
N PRO F 202 -17.73 -55.77 -3.68
CA PRO F 202 -17.27 -54.40 -3.44
C PRO F 202 -16.04 -53.93 -4.22
N SER F 203 -16.04 -52.66 -4.61
CA SER F 203 -14.83 -51.97 -5.12
C SER F 203 -14.76 -50.56 -4.56
N PRO F 204 -13.73 -50.22 -3.75
CA PRO F 204 -13.50 -48.84 -3.32
C PRO F 204 -13.59 -47.82 -4.46
N PHE F 205 -13.01 -48.14 -5.61
CA PHE F 205 -13.05 -47.27 -6.81
C PHE F 205 -14.49 -47.13 -7.27
N ARG F 206 -15.25 -48.24 -7.26
CA ARG F 206 -16.67 -48.23 -7.68
C ARG F 206 -17.44 -47.22 -6.83
N ASP F 207 -17.30 -47.30 -5.50
CA ASP F 207 -18.07 -46.45 -4.56
C ASP F 207 -17.75 -44.98 -4.83
N MET F 208 -16.49 -44.67 -5.04
CA MET F 208 -16.05 -43.27 -5.32
C MET F 208 -16.60 -42.84 -6.67
N VAL F 209 -16.50 -43.69 -7.69
CA VAL F 209 -16.97 -43.28 -9.05
C VAL F 209 -18.45 -42.92 -8.96
N LEU F 210 -19.27 -43.77 -8.33
CA LEU F 210 -20.72 -43.52 -8.22
C LEU F 210 -20.94 -42.27 -7.39
N ALA F 211 -20.32 -42.19 -6.20
CA ALA F 211 -20.44 -41.01 -5.32
C ALA F 211 -19.99 -39.77 -6.09
N THR F 212 -18.90 -39.85 -6.85
CA THR F 212 -18.38 -38.66 -7.56
C THR F 212 -19.47 -38.11 -8.48
N LEU F 213 -20.07 -38.98 -9.29
CA LEU F 213 -21.08 -38.54 -10.29
C LEU F 213 -22.40 -38.20 -9.63
N ASN F 214 -22.73 -38.88 -8.52
CA ASN F 214 -24.01 -38.63 -7.80
C ASN F 214 -23.92 -37.29 -7.07
N LYS F 215 -22.78 -37.09 -6.40
CA LYS F 215 -22.53 -35.89 -5.56
C LYS F 215 -22.44 -34.65 -6.48
N ALA F 216 -22.33 -34.83 -7.80
CA ALA F 216 -22.22 -33.72 -8.77
C ALA F 216 -23.35 -33.73 -9.80
N ASP F 217 -24.48 -34.40 -9.51
CA ASP F 217 -25.70 -34.37 -10.36
C ASP F 217 -25.39 -34.73 -11.82
N ILE F 218 -24.71 -35.86 -12.05
CA ILE F 218 -24.39 -36.37 -13.41
C ILE F 218 -25.14 -37.67 -13.60
N PRO F 219 -25.93 -37.83 -14.68
CA PRO F 219 -26.65 -39.08 -14.90
C PRO F 219 -25.66 -40.16 -15.33
N TRP F 220 -25.92 -41.39 -14.91
CA TRP F 220 -25.10 -42.52 -15.38
C TRP F 220 -25.93 -43.80 -15.49
N ARG F 221 -25.29 -44.80 -16.06
CA ARG F 221 -25.85 -46.17 -16.21
C ARG F 221 -24.70 -47.17 -16.27
N LEU F 222 -24.98 -48.41 -15.90
CA LEU F 222 -23.97 -49.47 -15.86
C LEU F 222 -23.94 -50.20 -17.19
N ALA F 223 -22.98 -49.84 -18.05
CA ALA F 223 -22.84 -50.51 -19.36
C ALA F 223 -22.18 -51.88 -19.17
N TYR F 224 -21.33 -52.06 -18.15
CA TYR F 224 -20.57 -53.31 -18.02
C TYR F 224 -20.09 -53.50 -16.60
N VAL F 225 -20.54 -54.58 -15.97
CA VAL F 225 -20.11 -54.95 -14.60
C VAL F 225 -19.21 -56.16 -14.70
N ALA F 226 -18.07 -56.09 -14.03
CA ALA F 226 -17.02 -57.10 -14.10
C ALA F 226 -16.71 -57.60 -12.69
N SER F 227 -16.09 -58.77 -12.65
CA SER F 227 -15.71 -59.47 -11.41
C SER F 227 -14.23 -59.28 -11.13
N THR F 228 -13.45 -58.94 -12.14
CA THR F 228 -11.98 -58.86 -12.07
C THR F 228 -11.54 -57.61 -12.80
N LEU F 229 -10.41 -57.03 -12.44
CA LEU F 229 -10.01 -55.83 -13.21
C LEU F 229 -9.56 -56.22 -14.61
N PRO F 230 -8.94 -57.38 -14.90
CA PRO F 230 -8.75 -57.81 -16.28
C PRO F 230 -10.04 -57.71 -17.13
N ALA F 231 -11.20 -57.90 -16.50
CA ALA F 231 -12.52 -57.75 -17.13
C ALA F 231 -12.91 -56.27 -17.28
N VAL F 232 -12.58 -55.41 -16.33
CA VAL F 232 -12.91 -53.96 -16.48
C VAL F 232 -12.00 -53.37 -17.53
N ARG F 233 -10.69 -53.57 -17.42
CA ARG F 233 -9.76 -53.08 -18.45
C ARG F 233 -10.21 -53.57 -19.82
N ALA F 234 -10.56 -54.84 -19.95
CA ALA F 234 -11.02 -55.41 -21.24
C ALA F 234 -12.24 -54.63 -21.74
N ALA F 235 -13.16 -54.30 -20.84
CA ALA F 235 -14.46 -53.70 -21.22
C ALA F 235 -14.24 -52.22 -21.58
N VAL F 236 -13.35 -51.53 -20.87
CA VAL F 236 -13.10 -50.09 -21.11
C VAL F 236 -12.50 -49.92 -22.51
N LYS F 237 -11.52 -50.77 -22.83
CA LYS F 237 -10.74 -50.71 -24.08
C LYS F 237 -11.64 -51.04 -25.28
N ALA F 238 -12.58 -51.97 -25.10
CA ALA F 238 -13.59 -52.30 -26.13
C ALA F 238 -14.48 -51.10 -26.44
N GLY F 239 -14.40 -50.04 -25.61
CA GLY F 239 -15.24 -48.84 -25.77
C GLY F 239 -16.67 -49.17 -25.35
N LEU F 240 -16.81 -49.94 -24.27
CA LEU F 240 -18.10 -50.34 -23.68
C LEU F 240 -18.51 -49.32 -22.62
N GLY F 241 -17.60 -48.43 -22.21
CA GLY F 241 -17.94 -47.40 -21.24
C GLY F 241 -16.73 -46.82 -20.53
N VAL F 242 -17.01 -46.17 -19.41
CA VAL F 242 -16.12 -45.24 -18.69
C VAL F 242 -15.88 -45.81 -17.31
N THR F 243 -14.70 -45.60 -16.77
CA THR F 243 -14.36 -46.00 -15.40
C THR F 243 -13.29 -45.04 -14.88
N ALA F 244 -12.90 -45.20 -13.61
CA ALA F 244 -11.81 -44.43 -13.02
C ALA F 244 -10.82 -45.37 -12.35
N ARG F 245 -9.55 -45.21 -12.69
CA ARG F 245 -8.42 -45.95 -12.07
C ARG F 245 -7.25 -45.00 -11.94
N PRO F 246 -6.22 -45.32 -11.13
CA PRO F 246 -5.06 -44.46 -11.01
C PRO F 246 -4.39 -44.23 -12.35
N VAL F 247 -3.51 -43.24 -12.38
CA VAL F 247 -2.92 -42.74 -13.64
C VAL F 247 -2.01 -43.81 -14.24
N GLU F 248 -1.59 -44.80 -13.45
CA GLU F 248 -0.66 -45.86 -13.93
C GLU F 248 -1.36 -46.74 -14.97
N MET F 249 -2.69 -46.71 -15.05
CA MET F 249 -3.45 -47.51 -16.04
C MET F 249 -3.35 -46.88 -17.43
N MET F 250 -2.87 -45.65 -17.53
CA MET F 250 -2.78 -44.92 -18.82
C MET F 250 -1.97 -45.76 -19.82
N SER F 251 -2.61 -46.22 -20.90
CA SER F 251 -1.92 -46.87 -22.04
C SER F 251 -2.36 -46.18 -23.33
N PRO F 252 -1.63 -46.39 -24.45
CA PRO F 252 -2.05 -45.86 -25.75
C PRO F 252 -3.45 -46.29 -26.22
N ASP F 253 -3.94 -47.44 -25.74
CA ASP F 253 -5.32 -47.90 -25.99
C ASP F 253 -6.32 -46.82 -25.55
N LEU F 254 -5.97 -46.01 -24.55
CA LEU F 254 -6.97 -45.27 -23.77
C LEU F 254 -6.83 -43.76 -23.95
N ARG F 255 -7.91 -43.08 -23.57
CA ARG F 255 -8.03 -41.62 -23.49
C ARG F 255 -8.53 -41.30 -22.09
N VAL F 256 -8.11 -40.18 -21.53
CA VAL F 256 -8.57 -39.73 -20.18
C VAL F 256 -9.72 -38.74 -20.36
N LEU F 257 -10.83 -38.97 -19.65
CA LEU F 257 -11.99 -38.05 -19.61
C LEU F 257 -11.86 -37.14 -18.40
N SER F 258 -12.07 -35.85 -18.64
CA SER F 258 -11.82 -34.78 -17.65
C SER F 258 -13.00 -33.80 -17.62
N GLY F 259 -12.82 -32.66 -16.97
CA GLY F 259 -13.91 -31.68 -16.79
C GLY F 259 -14.51 -31.23 -18.10
N VAL F 260 -13.68 -31.10 -19.14
CA VAL F 260 -14.13 -30.51 -20.43
C VAL F 260 -15.08 -31.47 -21.14
N ASP F 261 -14.92 -32.77 -20.89
CA ASP F 261 -15.79 -33.85 -21.44
C ASP F 261 -17.02 -34.05 -20.54
N GLY F 262 -17.10 -33.31 -19.44
CA GLY F 262 -18.23 -33.35 -18.52
C GLY F 262 -17.95 -34.17 -17.28
N LEU F 263 -16.70 -34.50 -16.98
CA LEU F 263 -16.56 -35.36 -15.78
C LEU F 263 -15.93 -34.58 -14.64
N PRO F 264 -16.44 -34.78 -13.41
CA PRO F 264 -16.05 -33.99 -12.25
C PRO F 264 -14.63 -34.32 -11.84
N PRO F 265 -14.06 -33.58 -10.86
CA PRO F 265 -12.75 -33.93 -10.34
C PRO F 265 -12.77 -35.29 -9.63
N LEU F 266 -11.61 -35.90 -9.48
CA LEU F 266 -11.49 -37.16 -8.73
C LEU F 266 -10.45 -36.98 -7.62
N PRO F 267 -10.65 -37.66 -6.48
CA PRO F 267 -9.69 -37.57 -5.38
C PRO F 267 -8.49 -38.45 -5.66
N ASP F 268 -7.39 -38.18 -4.96
CA ASP F 268 -6.16 -39.00 -5.10
C ASP F 268 -6.40 -40.37 -4.49
N THR F 269 -5.76 -41.38 -5.07
CA THR F 269 -5.75 -42.75 -4.52
C THR F 269 -4.34 -43.01 -3.98
N GLU F 270 -4.27 -43.50 -2.74
CA GLU F 270 -2.99 -43.72 -2.04
C GLU F 270 -2.72 -45.22 -2.01
N TYR F 271 -1.49 -45.59 -2.32
CA TYR F 271 -1.01 -46.98 -2.22
C TYR F 271 -0.36 -47.15 -0.84
N LEU F 272 -1.05 -47.86 0.05
CA LEU F 272 -0.71 -47.90 1.49
C LEU F 272 -0.16 -49.27 1.85
N LEU F 273 1.02 -49.28 2.48
CA LEU F 273 1.57 -50.50 3.11
C LEU F 273 1.00 -50.60 4.52
N CYS F 274 0.34 -51.72 4.84
CA CYS F 274 -0.38 -51.86 6.10
C CYS F 274 0.05 -53.10 6.87
N TYR F 275 0.00 -52.97 8.19
CA TYR F 275 0.68 -53.81 9.19
C TYR F 275 -0.26 -53.90 10.38
N ASP F 276 -0.26 -55.04 11.08
CA ASP F 276 -1.19 -55.19 12.23
C ASP F 276 -0.39 -55.04 13.52
N PRO F 277 -0.51 -53.90 14.25
CA PRO F 277 0.18 -53.77 15.54
C PRO F 277 -0.38 -54.69 16.63
N SER F 278 -1.65 -55.11 16.51
CA SER F 278 -2.29 -56.11 17.40
C SER F 278 -1.89 -57.53 17.00
N SER F 279 -0.69 -57.68 16.48
CA SER F 279 -0.17 -59.04 16.21
C SER F 279 1.10 -59.16 17.04
N ASN F 280 1.75 -60.31 17.03
CA ASN F 280 3.05 -60.41 17.73
C ASN F 280 4.12 -60.53 16.65
N ASN F 281 3.76 -60.24 15.38
CA ASN F 281 4.70 -60.41 14.24
C ASN F 281 5.89 -59.44 14.35
N GLU F 282 7.05 -59.94 14.82
CA GLU F 282 8.27 -59.10 14.89
C GLU F 282 8.82 -59.02 13.47
N LEU F 283 8.78 -60.14 12.76
CA LEU F 283 9.20 -60.10 11.33
C LEU F 283 8.44 -58.99 10.58
N ALA F 284 7.13 -58.86 10.82
CA ALA F 284 6.28 -57.96 10.00
C ALA F 284 6.70 -56.51 10.25
N GLN F 285 6.83 -56.11 11.51
CA GLN F 285 7.13 -54.71 11.91
C GLN F 285 8.46 -54.27 11.28
N VAL F 286 9.45 -55.16 11.28
CA VAL F 286 10.81 -54.85 10.79
C VAL F 286 10.74 -54.46 9.32
N ILE F 287 9.88 -55.14 8.55
CA ILE F 287 9.71 -54.88 7.10
C ILE F 287 8.90 -53.60 6.93
N TYR F 288 7.89 -53.37 7.78
CA TYR F 288 7.15 -52.09 7.76
C TYR F 288 8.15 -50.94 7.99
N GLN F 289 8.99 -51.07 9.02
CA GLN F 289 9.99 -50.05 9.37
C GLN F 289 11.09 -49.97 8.29
N ALA F 290 11.37 -51.06 7.57
CA ALA F 290 12.33 -51.06 6.46
C ALA F 290 11.82 -50.17 5.32
N MET F 291 10.51 -50.21 5.03
CA MET F 291 9.88 -49.35 4.00
C MET F 291 9.75 -47.90 4.49
N GLU F 292 9.81 -47.66 5.81
CA GLU F 292 9.59 -46.31 6.38
C GLU F 292 10.91 -45.55 6.51
N SER F 293 12.04 -46.22 6.80
CA SER F 293 13.36 -45.53 6.91
C SER F 293 13.93 -45.25 5.51
N TYR F 294 13.28 -45.79 4.47
CA TYR F 294 13.73 -45.66 3.08
C TYR F 294 12.71 -44.88 2.25
N HIS F 295 11.46 -44.75 2.71
CA HIS F 295 10.47 -43.89 2.03
C HIS F 295 10.62 -42.43 2.49
N ASN F 296 11.11 -42.22 3.71
CA ASN F 296 11.34 -40.85 4.23
C ASN F 296 12.80 -40.75 4.67
N PRO F 297 13.63 -39.94 3.98
CA PRO F 297 15.01 -39.70 4.40
C PRO F 297 15.14 -39.04 5.78
N VAL G 107 32.34 33.92 -23.90
CA VAL G 107 33.00 33.39 -22.67
C VAL G 107 32.38 34.06 -21.43
N LEU G 108 31.11 33.74 -21.17
CA LEU G 108 30.29 34.36 -20.09
C LEU G 108 30.54 33.64 -18.78
N THR G 109 31.12 34.32 -17.80
CA THR G 109 31.43 33.73 -16.49
C THR G 109 30.29 34.03 -15.52
N ILE G 110 29.66 32.96 -15.04
CA ILE G 110 28.48 33.03 -14.16
C ILE G 110 28.92 32.51 -12.79
N GLY G 111 28.72 33.34 -11.76
CA GLY G 111 28.96 32.95 -10.37
C GLY G 111 27.67 32.54 -9.71
N ALA G 112 27.61 31.39 -9.05
CA ALA G 112 26.41 30.93 -8.34
C ALA G 112 26.78 30.44 -6.95
N SER G 113 25.92 30.77 -5.99
CA SER G 113 26.12 30.35 -4.60
C SER G 113 26.01 28.83 -4.55
N ASP G 114 26.67 28.24 -3.57
CA ASP G 114 26.60 26.78 -3.34
C ASP G 114 25.12 26.41 -3.24
N GLU G 115 24.34 27.22 -2.52
CA GLU G 115 22.88 27.05 -2.33
C GLU G 115 22.17 26.95 -3.71
N SER G 116 22.25 28.03 -4.46
CA SER G 116 21.40 28.32 -5.64
C SER G 116 21.97 27.67 -6.91
N ALA G 117 23.09 26.97 -6.80
CA ALA G 117 23.79 26.42 -7.98
C ALA G 117 22.89 25.41 -8.72
N ASP G 118 22.37 24.42 -7.99
CA ASP G 118 21.65 23.29 -8.62
C ASP G 118 20.13 23.55 -8.64
N THR G 119 19.67 24.57 -7.92
CA THR G 119 18.24 24.92 -7.82
C THR G 119 17.83 25.79 -9.01
N ILE G 120 18.54 26.88 -9.28
CA ILE G 120 18.05 27.94 -10.20
C ILE G 120 18.98 28.16 -11.39
N LEU G 121 20.18 27.59 -11.37
CA LEU G 121 21.14 27.77 -12.48
C LEU G 121 20.84 26.84 -13.66
N PRO G 122 20.32 25.60 -13.46
CA PRO G 122 19.83 24.82 -14.60
C PRO G 122 18.88 25.62 -15.50
N PHE G 123 17.98 26.38 -14.90
CA PHE G 123 17.03 27.21 -15.68
C PHE G 123 17.80 28.22 -16.54
N LEU G 124 18.70 28.98 -15.92
CA LEU G 124 19.44 30.06 -16.61
C LEU G 124 20.38 29.45 -17.66
N LEU G 125 21.24 28.54 -17.22
CA LEU G 125 22.31 27.95 -18.06
C LEU G 125 21.70 27.24 -19.27
N ASN G 126 20.51 26.66 -19.11
CA ASN G 126 19.71 26.10 -20.25
C ASN G 126 19.42 27.21 -21.26
N ARG G 127 18.93 28.37 -20.80
CA ARG G 127 18.42 29.40 -21.74
C ARG G 127 19.59 30.08 -22.44
N VAL G 128 20.70 30.31 -21.74
CA VAL G 128 21.88 31.00 -22.35
C VAL G 128 22.43 30.13 -23.47
N SER G 129 22.63 28.83 -23.20
CA SER G 129 23.27 27.90 -24.15
C SER G 129 22.26 27.35 -25.16
N SER G 130 21.07 27.93 -25.26
CA SER G 130 20.07 27.59 -26.29
C SER G 130 19.84 28.78 -27.22
N VAL G 131 19.76 30.00 -26.68
CA VAL G 131 19.46 31.18 -27.52
C VAL G 131 20.79 31.74 -28.05
N TYR G 132 21.86 31.66 -27.25
CA TYR G 132 23.22 32.09 -27.64
C TYR G 132 24.15 30.87 -27.58
N PRO G 133 23.89 29.84 -28.40
CA PRO G 133 24.46 28.51 -28.19
C PRO G 133 25.94 28.43 -28.54
N LYS G 134 26.52 29.53 -29.00
CA LYS G 134 27.92 29.54 -29.46
C LYS G 134 28.85 29.79 -28.27
N LEU G 135 28.30 30.30 -27.17
CA LEU G 135 29.08 31.06 -26.17
C LEU G 135 29.58 30.14 -25.07
N ALA G 136 30.88 30.23 -24.78
CA ALA G 136 31.56 29.42 -23.76
C ALA G 136 31.18 29.92 -22.37
N LEU G 137 31.15 29.00 -21.40
CA LEU G 137 30.58 29.19 -20.06
C LEU G 137 31.58 28.77 -19.00
N ASP G 138 31.97 29.74 -18.17
CA ASP G 138 32.81 29.53 -16.97
C ASP G 138 31.90 29.75 -15.77
N VAL G 139 31.33 28.68 -15.23
CA VAL G 139 30.49 28.76 -14.00
C VAL G 139 31.38 28.48 -12.79
N ARG G 140 31.65 29.53 -12.02
CA ARG G 140 32.44 29.42 -10.78
C ARG G 140 31.47 29.49 -9.62
N VAL G 141 31.46 28.47 -8.76
CA VAL G 141 30.51 28.42 -7.63
C VAL G 141 31.30 28.56 -6.34
N LYS G 142 31.01 29.61 -5.58
CA LYS G 142 31.64 29.80 -4.26
C LYS G 142 30.57 29.92 -3.18
N ARG G 143 31.02 30.15 -1.96
CA ARG G 143 30.11 30.31 -0.81
C ARG G 143 29.21 31.52 -1.04
N ASN G 144 28.17 31.61 -0.23
CA ASN G 144 27.02 32.51 -0.47
C ASN G 144 27.44 33.98 -0.27
N ALA G 145 28.40 34.23 0.63
CA ALA G 145 28.77 35.62 1.00
C ALA G 145 29.64 36.24 -0.08
N TYR G 146 30.45 35.44 -0.76
CA TYR G 146 31.49 35.96 -1.68
C TYR G 146 30.88 36.48 -2.96
N MET G 147 29.57 36.31 -3.13
CA MET G 147 28.87 36.66 -4.39
C MET G 147 28.90 38.17 -4.63
N ALA G 148 28.74 38.98 -3.58
CA ALA G 148 28.75 40.46 -3.68
C ALA G 148 30.11 40.92 -4.18
N GLU G 149 31.18 40.49 -3.52
CA GLU G 149 32.56 40.91 -3.84
C GLU G 149 32.89 40.54 -5.29
N MET G 150 32.45 39.35 -5.72
CA MET G 150 32.87 38.81 -7.03
C MET G 150 32.29 39.64 -8.17
N LEU G 151 31.08 40.18 -8.02
CA LEU G 151 30.38 40.86 -9.14
C LEU G 151 30.92 42.28 -9.31
N GLU G 152 31.39 42.89 -8.23
CA GLU G 152 31.99 44.24 -8.29
C GLU G 152 33.39 44.14 -8.86
N SER G 153 34.22 43.22 -8.33
CA SER G 153 35.64 43.06 -8.71
C SER G 153 35.77 42.57 -10.16
N GLN G 154 34.64 42.50 -10.88
CA GLN G 154 34.62 42.15 -12.32
C GLN G 154 35.23 40.76 -12.51
N GLU G 155 35.26 39.88 -11.50
CA GLU G 155 35.73 38.50 -11.71
C GLU G 155 34.68 37.75 -12.53
N VAL G 156 33.40 38.02 -12.28
CA VAL G 156 32.28 37.40 -13.03
C VAL G 156 31.56 38.46 -13.84
N ASP G 157 30.83 37.98 -14.85
CA ASP G 157 29.95 38.82 -15.70
C ASP G 157 28.56 38.88 -15.07
N LEU G 158 28.13 37.81 -14.42
CA LEU G 158 26.80 37.69 -13.79
C LEU G 158 26.90 36.88 -12.52
N MET G 159 25.85 36.98 -11.71
CA MET G 159 25.79 36.38 -10.35
C MET G 159 24.37 35.84 -10.11
N VAL G 160 24.26 34.69 -9.45
CA VAL G 160 22.96 34.13 -9.00
C VAL G 160 23.10 33.71 -7.54
N THR G 161 22.43 34.43 -6.64
CA THR G 161 22.56 34.25 -5.17
C THR G 161 21.18 34.26 -4.51
N THR G 162 21.11 33.90 -3.22
CA THR G 162 19.88 34.03 -2.41
C THR G 162 20.04 35.13 -1.36
N HIS G 163 21.03 35.98 -1.52
CA HIS G 163 21.30 37.18 -0.69
C HIS G 163 21.13 38.40 -1.58
N ARG G 164 20.08 39.19 -1.38
CA ARG G 164 19.85 40.35 -2.27
C ARG G 164 20.97 41.34 -2.04
N PRO G 165 21.69 41.77 -3.09
CA PRO G 165 22.70 42.81 -2.93
C PRO G 165 22.00 44.16 -2.97
N SER G 166 22.72 45.19 -2.53
CA SER G 166 22.14 46.54 -2.36
C SER G 166 22.50 47.46 -3.53
N ALA G 167 23.59 47.18 -4.24
CA ALA G 167 24.16 48.06 -5.27
C ALA G 167 24.01 47.49 -6.67
N PHE G 168 23.37 46.31 -6.81
CA PHE G 168 23.27 45.61 -8.09
C PHE G 168 21.80 45.41 -8.47
N LYS G 169 21.56 45.46 -9.78
CA LYS G 169 20.30 44.97 -10.39
C LYS G 169 20.08 43.54 -9.90
N ALA G 170 18.85 43.17 -9.59
CA ALA G 170 18.57 41.85 -9.00
C ALA G 170 17.20 41.39 -9.50
N LEU G 171 17.19 40.49 -10.47
CA LEU G 171 15.93 39.86 -10.93
C LEU G 171 15.67 38.63 -10.07
N ASN G 172 14.46 38.54 -9.50
CA ASN G 172 14.02 37.39 -8.68
C ASN G 172 13.59 36.28 -9.63
N LEU G 173 14.25 35.13 -9.59
CA LEU G 173 13.90 33.97 -10.41
C LEU G 173 12.98 32.99 -9.66
N ARG G 174 13.08 32.90 -8.34
CA ARG G 174 12.14 32.02 -7.59
C ARG G 174 12.03 32.45 -6.13
N THR G 175 10.82 32.41 -5.61
CA THR G 175 10.52 32.58 -4.17
C THR G 175 10.05 31.26 -3.57
N SER G 176 10.85 30.68 -2.68
CA SER G 176 10.48 29.46 -1.94
C SER G 176 10.41 29.77 -0.45
N PRO G 177 9.51 29.12 0.30
CA PRO G 177 9.58 29.17 1.77
C PRO G 177 10.90 28.57 2.26
N THR G 178 11.41 29.11 3.35
CA THR G 178 12.55 28.55 4.09
C THR G 178 11.99 27.73 5.25
N HIS G 179 12.53 26.52 5.45
CA HIS G 179 12.08 25.65 6.55
C HIS G 179 13.25 25.31 7.48
N TRP G 180 12.91 25.02 8.72
CA TRP G 180 13.81 24.34 9.67
C TRP G 180 13.90 22.91 9.20
N TYR G 181 15.08 22.33 9.29
CA TYR G 181 15.25 20.89 8.97
C TYR G 181 15.99 20.21 10.10
N CYS G 182 15.58 18.98 10.35
CA CYS G 182 16.38 18.02 11.14
C CYS G 182 16.22 16.63 10.52
N ALA G 183 16.97 15.68 11.05
CA ALA G 183 16.91 14.29 10.59
C ALA G 183 15.50 13.78 10.79
N ALA G 184 15.04 12.93 9.88
CA ALA G 184 13.67 12.39 9.91
C ALA G 184 13.42 11.74 11.28
N GLU G 185 14.43 11.05 11.82
CA GLU G 185 14.33 10.32 13.09
C GLU G 185 14.96 11.11 14.24
N TYR G 186 15.26 12.39 14.02
CA TYR G 186 15.89 13.25 15.04
C TYR G 186 14.90 13.51 16.17
N ILE G 187 15.40 13.68 17.38
CA ILE G 187 14.55 14.00 18.57
C ILE G 187 14.93 15.40 19.05
N LEU G 188 14.06 16.38 18.82
CA LEU G 188 14.36 17.77 19.23
C LEU G 188 13.82 17.94 20.65
N GLN G 189 14.75 18.04 21.60
CA GLN G 189 14.41 18.21 23.03
C GLN G 189 13.95 19.64 23.24
N LYS G 190 12.62 19.83 23.35
CA LYS G 190 12.03 21.15 23.62
C LYS G 190 12.42 21.51 25.06
N GLY G 191 12.80 22.76 25.29
CA GLY G 191 13.15 23.26 26.64
C GLY G 191 14.64 23.55 26.77
N GLU G 192 15.51 22.64 26.31
CA GLU G 192 16.97 22.91 26.30
C GLU G 192 17.37 23.51 24.95
N PRO G 193 18.51 24.24 24.89
CA PRO G 193 18.81 25.11 23.75
C PRO G 193 18.81 24.38 22.41
N ILE G 194 18.34 25.10 21.38
CA ILE G 194 18.26 24.61 19.98
C ILE G 194 19.67 24.34 19.45
N PRO G 195 20.03 23.07 19.18
CA PRO G 195 21.36 22.75 18.68
C PRO G 195 21.46 23.00 17.17
N LEU G 196 22.16 24.06 16.78
CA LEU G 196 22.22 24.47 15.36
C LEU G 196 23.36 23.75 14.65
N VAL G 197 23.08 23.35 13.41
CA VAL G 197 24.07 22.96 12.39
C VAL G 197 24.10 24.08 11.36
N LEU G 198 25.23 24.78 11.30
CA LEU G 198 25.35 26.03 10.53
C LEU G 198 26.68 26.06 9.80
N LEU G 199 26.77 26.98 8.83
CA LEU G 199 28.05 27.39 8.25
C LEU G 199 28.81 28.23 9.27
N ASP G 200 30.12 28.36 9.08
CA ASP G 200 30.90 29.39 9.80
C ASP G 200 30.64 30.73 9.12
N ASP G 201 31.06 31.80 9.75
CA ASP G 201 30.83 33.16 9.20
C ASP G 201 31.69 33.30 7.96
N PRO G 202 31.19 33.98 6.90
CA PRO G 202 29.79 34.40 6.85
C PRO G 202 28.84 33.52 6.03
N SER G 203 27.60 33.39 6.49
CA SER G 203 26.48 33.01 5.60
C SER G 203 25.23 33.75 6.05
N PRO G 204 24.59 34.54 5.18
CA PRO G 204 23.27 35.09 5.44
C PRO G 204 22.28 34.12 6.06
N PHE G 205 22.31 32.83 5.71
CA PHE G 205 21.41 31.85 6.37
C PHE G 205 21.70 31.81 7.88
N ARG G 206 22.97 31.78 8.24
CA ARG G 206 23.40 31.81 9.65
C ARG G 206 22.89 33.10 10.30
N ASP G 207 23.14 34.24 9.67
CA ASP G 207 22.68 35.57 10.18
C ASP G 207 21.16 35.56 10.34
N MET G 208 20.45 34.98 9.38
CA MET G 208 18.97 34.94 9.44
C MET G 208 18.51 33.99 10.54
N VAL G 209 19.16 32.83 10.70
CA VAL G 209 18.69 31.81 11.69
C VAL G 209 18.86 32.36 13.10
N LEU G 210 20.01 32.95 13.40
CA LEU G 210 20.31 33.43 14.78
C LEU G 210 19.38 34.60 15.10
N ALA G 211 19.22 35.56 14.19
CA ALA G 211 18.30 36.69 14.37
C ALA G 211 16.89 36.15 14.63
N THR G 212 16.41 35.20 13.85
CA THR G 212 15.01 34.71 14.00
C THR G 212 14.86 33.97 15.32
N LEU G 213 15.88 33.28 15.80
CA LEU G 213 15.92 32.66 17.14
C LEU G 213 16.09 33.73 18.23
N ASN G 214 16.82 34.82 17.95
CA ASN G 214 17.06 35.92 18.93
C ASN G 214 15.82 36.80 19.05
N LYS G 215 15.21 37.15 17.92
CA LYS G 215 14.06 38.09 17.86
C LYS G 215 12.82 37.43 18.48
N ALA G 216 12.83 36.11 18.68
CA ALA G 216 11.71 35.41 19.36
C ALA G 216 12.16 34.82 20.70
N ASP G 217 13.35 35.23 21.17
CA ASP G 217 13.89 34.94 22.51
C ASP G 217 13.92 33.44 22.77
N ILE G 218 14.55 32.71 21.85
CA ILE G 218 14.71 31.24 21.91
C ILE G 218 16.17 30.93 22.24
N PRO G 219 16.44 30.15 23.30
CA PRO G 219 17.81 29.72 23.60
C PRO G 219 18.32 28.71 22.58
N TRP G 220 19.58 28.86 22.19
CA TRP G 220 20.20 28.03 21.14
C TRP G 220 21.68 27.83 21.42
N ARG G 221 22.32 27.02 20.61
CA ARG G 221 23.78 26.79 20.66
C ARG G 221 24.23 26.31 19.28
N LEU G 222 25.51 26.50 18.98
CA LEU G 222 26.15 25.97 17.77
C LEU G 222 26.60 24.54 18.09
N ALA G 223 25.82 23.54 17.67
CA ALA G 223 26.19 22.13 17.85
C ALA G 223 27.25 21.73 16.82
N TYR G 224 27.28 22.42 15.68
CA TYR G 224 28.13 22.08 14.53
C TYR G 224 28.22 23.28 13.59
N VAL G 225 29.42 23.84 13.46
CA VAL G 225 29.71 24.93 12.50
C VAL G 225 30.62 24.34 11.42
N ALA G 226 30.26 24.54 10.15
CA ALA G 226 30.97 23.93 9.01
C ALA G 226 31.29 25.00 7.98
N SER G 227 32.11 24.62 7.01
CA SER G 227 32.73 25.52 6.02
C SER G 227 32.03 25.40 4.67
N THR G 228 31.28 24.33 4.47
CA THR G 228 30.67 23.98 3.16
C THR G 228 29.29 23.42 3.41
N LEU G 229 28.41 23.54 2.42
CA LEU G 229 27.04 22.97 2.53
C LEU G 229 27.09 21.46 2.62
N PRO G 230 27.86 20.74 1.78
CA PRO G 230 27.93 19.28 1.94
C PRO G 230 28.29 18.81 3.34
N ALA G 231 29.09 19.59 4.08
CA ALA G 231 29.44 19.29 5.48
C ALA G 231 28.23 19.54 6.38
N VAL G 232 27.46 20.58 6.08
CA VAL G 232 26.28 20.95 6.89
C VAL G 232 25.20 19.89 6.71
N ARG G 233 24.82 19.63 5.45
CA ARG G 233 23.76 18.66 5.12
C ARG G 233 24.06 17.33 5.80
N ALA G 234 25.30 16.83 5.70
CA ALA G 234 25.66 15.52 6.30
C ALA G 234 25.32 15.51 7.80
N ALA G 235 25.58 16.62 8.50
CA ALA G 235 25.40 16.71 9.95
C ALA G 235 23.92 16.79 10.31
N VAL G 236 23.11 17.46 9.49
CA VAL G 236 21.64 17.49 9.71
C VAL G 236 21.08 16.09 9.57
N LYS G 237 21.50 15.41 8.50
CA LYS G 237 20.98 14.08 8.07
C LYS G 237 21.40 13.04 9.09
N ALA G 238 22.61 13.18 9.65
CA ALA G 238 23.12 12.33 10.73
C ALA G 238 22.41 12.63 12.05
N GLY G 239 21.62 13.70 12.12
CA GLY G 239 20.89 14.09 13.35
C GLY G 239 21.81 14.68 14.40
N LEU G 240 22.67 15.61 13.99
CA LEU G 240 23.59 16.37 14.87
C LEU G 240 22.93 17.68 15.32
N GLY G 241 21.79 18.05 14.76
CA GLY G 241 21.13 19.31 15.14
C GLY G 241 20.15 19.78 14.08
N VAL G 242 19.92 21.09 14.02
CA VAL G 242 18.90 21.70 13.13
C VAL G 242 19.59 22.73 12.24
N THR G 243 19.01 22.96 11.07
CA THR G 243 19.38 24.09 10.20
C THR G 243 18.10 24.64 9.56
N ALA G 244 18.24 25.74 8.83
CA ALA G 244 17.15 26.29 8.02
C ALA G 244 17.70 26.51 6.61
N ARG G 245 16.99 25.94 5.63
CA ARG G 245 17.34 26.02 4.21
C ARG G 245 16.04 26.16 3.43
N PRO G 246 16.10 26.60 2.15
CA PRO G 246 14.87 26.73 1.37
C PRO G 246 14.23 25.36 1.21
N VAL G 247 13.00 25.35 0.72
CA VAL G 247 12.16 24.12 0.74
C VAL G 247 12.75 23.07 -0.22
N GLU G 248 13.68 23.46 -1.09
CA GLU G 248 14.23 22.52 -2.09
C GLU G 248 15.16 21.48 -1.45
N MET G 249 15.66 21.70 -0.23
CA MET G 249 16.55 20.72 0.45
C MET G 249 15.74 19.53 0.98
N MET G 250 14.41 19.63 1.03
CA MET G 250 13.57 18.55 1.63
C MET G 250 13.88 17.23 0.91
N SER G 251 14.46 16.27 1.64
CA SER G 251 14.63 14.87 1.21
C SER G 251 14.08 13.97 2.30
N PRO G 252 13.84 12.68 2.02
CA PRO G 252 13.37 11.73 3.03
C PRO G 252 14.26 11.57 4.26
N ASP G 253 15.56 11.86 4.13
CA ASP G 253 16.51 11.89 5.27
C ASP G 253 15.99 12.83 6.36
N LEU G 254 15.24 13.87 5.97
CA LEU G 254 14.96 15.04 6.84
C LEU G 254 13.48 15.12 7.20
N ARG G 255 13.22 15.86 8.27
CA ARG G 255 11.87 16.18 8.79
C ARG G 255 11.78 17.70 8.90
N VAL G 256 10.59 18.25 8.71
CA VAL G 256 10.43 19.72 8.80
C VAL G 256 10.05 20.08 10.24
N LEU G 257 10.76 21.04 10.82
CA LEU G 257 10.34 21.62 12.11
C LEU G 257 9.52 22.88 11.83
N SER G 258 8.36 22.94 12.48
CA SER G 258 7.41 24.05 12.34
C SER G 258 7.07 24.55 13.74
N GLY G 259 6.09 25.44 13.84
CA GLY G 259 5.74 26.05 15.14
C GLY G 259 5.48 25.01 16.20
N VAL G 260 4.95 23.85 15.82
CA VAL G 260 4.49 22.79 16.74
C VAL G 260 5.66 22.36 17.65
N ASP G 261 6.87 22.48 17.11
CA ASP G 261 8.11 21.99 17.75
C ASP G 261 8.83 23.15 18.43
N GLY G 262 8.31 24.37 18.33
CA GLY G 262 8.90 25.55 18.99
C GLY G 262 9.72 26.41 18.07
N LEU G 263 9.60 26.27 16.76
CA LEU G 263 10.46 27.12 15.90
C LEU G 263 9.61 28.15 15.18
N PRO G 264 10.03 29.42 15.22
CA PRO G 264 9.21 30.50 14.66
C PRO G 264 9.30 30.43 13.15
N PRO G 265 8.37 31.07 12.42
CA PRO G 265 8.44 31.10 10.97
C PRO G 265 9.68 31.85 10.48
N LEU G 266 10.05 31.54 9.24
CA LEU G 266 11.29 32.02 8.61
C LEU G 266 10.90 32.80 7.37
N PRO G 267 11.72 33.78 6.98
CA PRO G 267 11.45 34.57 5.79
C PRO G 267 11.59 33.71 4.54
N ASP G 268 11.03 34.18 3.44
CA ASP G 268 11.10 33.47 2.15
C ASP G 268 12.58 33.40 1.74
N THR G 269 12.88 32.48 0.84
CA THR G 269 14.19 32.43 0.14
C THR G 269 13.99 32.98 -1.26
N GLU G 270 14.77 34.00 -1.65
CA GLU G 270 14.62 34.63 -2.98
C GLU G 270 15.82 34.23 -3.83
N TYR G 271 15.55 33.70 -5.02
CA TYR G 271 16.62 33.27 -5.96
C TYR G 271 16.84 34.37 -6.99
N LEU G 272 17.97 35.06 -6.88
CA LEU G 272 18.21 36.34 -7.58
C LEU G 272 19.27 36.19 -8.65
N LEU G 273 18.96 36.62 -9.86
CA LEU G 273 19.97 36.89 -10.92
C LEU G 273 20.43 38.34 -10.78
N CYS G 274 21.72 38.56 -10.59
CA CYS G 274 22.24 39.91 -10.28
C CYS G 274 23.31 40.37 -11.27
N TYR G 275 23.30 41.68 -11.51
CA TYR G 275 24.05 42.33 -12.58
C TYR G 275 24.60 43.65 -12.08
N ASP G 276 25.77 44.04 -12.57
CA ASP G 276 26.38 45.36 -12.28
C ASP G 276 26.21 46.27 -13.49
N PRO G 277 25.33 47.29 -13.43
CA PRO G 277 25.18 48.23 -14.53
C PRO G 277 26.40 49.09 -14.86
N SER G 278 27.30 49.29 -13.89
CA SER G 278 28.46 50.23 -14.00
C SER G 278 29.61 49.64 -14.83
N SER G 279 29.41 48.51 -15.54
CA SER G 279 30.43 47.98 -16.47
C SER G 279 29.98 48.18 -17.93
N ASN G 280 30.86 47.82 -18.87
CA ASN G 280 30.63 47.86 -20.34
C ASN G 280 30.26 46.47 -20.85
N ASN G 281 29.78 45.61 -19.98
CA ASN G 281 29.61 44.18 -20.29
C ASN G 281 28.30 44.01 -21.05
N GLU G 282 28.35 43.82 -22.37
CA GLU G 282 27.14 43.50 -23.15
C GLU G 282 26.63 42.12 -22.74
N LEU G 283 27.53 41.14 -22.57
CA LEU G 283 27.07 39.76 -22.22
C LEU G 283 26.26 39.86 -20.93
N ALA G 284 26.75 40.62 -19.96
CA ALA G 284 26.05 40.79 -18.67
C ALA G 284 24.69 41.46 -18.95
N GLN G 285 24.72 42.61 -19.63
CA GLN G 285 23.53 43.48 -19.81
C GLN G 285 22.50 42.74 -20.67
N VAL G 286 22.91 42.25 -21.85
CA VAL G 286 21.90 41.75 -22.82
C VAL G 286 21.33 40.44 -22.29
N ILE G 287 22.13 39.67 -21.55
CA ILE G 287 21.62 38.40 -20.96
C ILE G 287 20.74 38.71 -19.75
N TYR G 288 21.10 39.71 -18.96
CA TYR G 288 20.24 40.16 -17.84
C TYR G 288 18.90 40.66 -18.38
N GLN G 289 18.94 41.46 -19.45
CA GLN G 289 17.69 41.95 -20.11
C GLN G 289 16.96 40.78 -20.79
N ALA G 290 17.69 39.79 -21.30
CA ALA G 290 17.10 38.60 -21.98
C ALA G 290 16.32 37.77 -20.96
N MET G 291 16.88 37.56 -19.77
CA MET G 291 16.21 36.81 -18.68
C MET G 291 15.07 37.65 -18.08
N GLU G 292 15.08 38.97 -18.30
CA GLU G 292 13.96 39.88 -17.95
C GLU G 292 12.87 39.78 -19.01
N SER G 293 13.20 39.35 -20.24
CA SER G 293 12.24 39.11 -21.35
C SER G 293 11.48 37.79 -21.16
N TYR G 294 11.82 37.02 -20.11
CA TYR G 294 11.09 35.77 -19.81
C TYR G 294 10.27 35.94 -18.54
N HIS G 295 10.86 36.45 -17.46
CA HIS G 295 10.13 36.54 -16.15
C HIS G 295 9.02 37.60 -16.25
N ASN G 296 9.22 38.65 -17.05
CA ASN G 296 8.25 39.76 -17.18
C ASN G 296 8.53 40.58 -18.44
N PRO G 297 8.27 40.06 -19.67
CA PRO G 297 8.57 40.79 -20.91
C PRO G 297 7.88 42.16 -20.98
N GLN H 105 -65.15 12.80 31.11
CA GLN H 105 -65.92 12.69 32.39
C GLN H 105 -65.65 11.33 33.05
N GLY H 106 -64.46 11.11 33.63
CA GLY H 106 -64.11 9.81 34.21
C GLY H 106 -62.79 9.79 34.98
N VAL H 107 -62.16 8.61 35.15
CA VAL H 107 -60.84 8.49 35.82
C VAL H 107 -59.90 7.53 35.05
N LEU H 108 -58.93 8.11 34.35
CA LEU H 108 -57.91 7.40 33.55
C LEU H 108 -56.73 7.02 34.45
N THR H 109 -56.38 5.75 34.49
CA THR H 109 -55.18 5.25 35.20
C THR H 109 -54.04 5.06 34.19
N ILE H 110 -52.95 5.82 34.37
CA ILE H 110 -51.76 5.76 33.47
C ILE H 110 -50.58 5.17 34.24
N GLY H 111 -49.88 4.20 33.66
CA GLY H 111 -48.62 3.66 34.22
C GLY H 111 -47.41 4.21 33.51
N ALA H 112 -46.38 4.64 34.25
CA ALA H 112 -45.17 5.28 33.68
C ALA H 112 -43.89 4.76 34.33
N SER H 113 -42.86 4.57 33.51
CA SER H 113 -41.53 4.13 33.99
C SER H 113 -40.86 5.30 34.69
N ASP H 114 -39.92 5.01 35.58
CA ASP H 114 -39.06 6.06 36.19
C ASP H 114 -38.42 6.84 35.05
N GLU H 115 -37.93 6.14 34.03
CA GLU H 115 -37.22 6.74 32.87
C GLU H 115 -38.11 7.84 32.26
N SER H 116 -39.23 7.42 31.67
CA SER H 116 -40.03 8.28 30.77
C SER H 116 -40.97 9.16 31.57
N ALA H 117 -41.08 8.96 32.88
CA ALA H 117 -42.07 9.65 33.72
C ALA H 117 -41.88 11.15 33.58
N ASP H 118 -40.63 11.60 33.73
CA ASP H 118 -40.29 13.02 33.68
C ASP H 118 -39.91 13.44 32.26
N THR H 119 -39.62 12.49 31.36
CA THR H 119 -39.14 12.81 30.01
C THR H 119 -40.29 13.15 29.08
N ILE H 120 -41.28 12.26 28.94
CA ILE H 120 -42.33 12.44 27.90
C ILE H 120 -43.73 12.37 28.53
N LEU H 121 -43.89 12.47 29.86
CA LEU H 121 -45.27 12.61 30.41
C LEU H 121 -45.73 14.07 30.36
N PRO H 122 -44.87 15.09 30.58
CA PRO H 122 -45.31 16.48 30.42
C PRO H 122 -46.07 16.71 29.12
N PHE H 123 -45.50 16.24 28.01
CA PHE H 123 -46.10 16.44 26.67
C PHE H 123 -47.47 15.73 26.64
N LEU H 124 -47.48 14.47 27.11
CA LEU H 124 -48.70 13.64 27.09
C LEU H 124 -49.78 14.26 27.98
N LEU H 125 -49.50 14.40 29.27
CA LEU H 125 -50.53 14.78 30.29
C LEU H 125 -51.07 16.16 29.96
N ASN H 126 -50.23 17.04 29.44
CA ASN H 126 -50.65 18.38 28.93
C ASN H 126 -51.77 18.19 27.91
N ARG H 127 -51.57 17.25 26.98
CA ARG H 127 -52.54 16.97 25.89
C ARG H 127 -53.82 16.35 26.49
N VAL H 128 -53.67 15.41 27.42
CA VAL H 128 -54.81 14.58 27.91
C VAL H 128 -55.81 15.50 28.62
N SER H 129 -55.32 16.33 29.53
CA SER H 129 -56.18 17.12 30.46
C SER H 129 -56.52 18.47 29.85
N SER H 130 -56.43 18.63 28.53
CA SER H 130 -56.87 19.89 27.85
C SER H 130 -58.10 19.63 26.99
N VAL H 131 -58.12 18.51 26.25
CA VAL H 131 -59.29 18.16 25.40
C VAL H 131 -60.28 17.41 26.27
N TYR H 132 -59.78 16.64 27.25
CA TYR H 132 -60.62 15.86 28.19
C TYR H 132 -60.38 16.36 29.61
N PRO H 133 -60.76 17.63 29.91
CA PRO H 133 -60.38 18.27 31.17
C PRO H 133 -61.14 17.72 32.38
N LYS H 134 -62.08 16.82 32.11
CA LYS H 134 -63.11 16.35 33.07
C LYS H 134 -62.58 15.13 33.82
N LEU H 135 -61.47 14.56 33.33
CA LEU H 135 -60.91 13.25 33.73
C LEU H 135 -59.82 13.49 34.77
N ALA H 136 -59.94 12.84 35.94
CA ALA H 136 -58.84 12.80 36.94
C ALA H 136 -57.86 11.72 36.49
N LEU H 137 -56.56 11.96 36.66
CA LEU H 137 -55.53 11.06 36.08
C LEU H 137 -54.46 10.77 37.11
N ASP H 138 -54.34 9.50 37.50
CA ASP H 138 -53.33 9.01 38.46
C ASP H 138 -52.26 8.22 37.70
N VAL H 139 -51.04 8.75 37.67
CA VAL H 139 -49.87 8.00 37.16
C VAL H 139 -49.23 7.16 38.26
N ARG H 140 -49.31 5.84 38.09
CA ARG H 140 -48.62 4.88 38.98
C ARG H 140 -47.30 4.52 38.32
N VAL H 141 -46.20 4.83 38.98
CA VAL H 141 -44.87 4.80 38.33
C VAL H 141 -44.04 3.73 38.99
N LYS H 142 -43.73 2.66 38.25
CA LYS H 142 -42.73 1.67 38.70
C LYS H 142 -41.71 1.48 37.59
N ARG H 143 -40.79 0.54 37.78
CA ARG H 143 -39.72 0.25 36.80
C ARG H 143 -40.30 -0.34 35.53
N ASN H 144 -39.49 -0.37 34.48
CA ASN H 144 -39.91 -0.67 33.11
C ASN H 144 -40.34 -2.13 32.97
N ALA H 145 -39.84 -3.04 33.79
CA ALA H 145 -40.21 -4.47 33.68
C ALA H 145 -41.65 -4.69 34.12
N TYR H 146 -42.09 -3.99 35.17
CA TYR H 146 -43.45 -4.17 35.75
C TYR H 146 -44.49 -3.53 34.84
N MET H 147 -44.07 -2.82 33.80
CA MET H 147 -44.99 -2.02 32.95
C MET H 147 -45.94 -2.95 32.17
N ALA H 148 -45.44 -4.05 31.64
CA ALA H 148 -46.22 -5.02 30.83
C ALA H 148 -47.31 -5.63 31.69
N GLU H 149 -46.92 -6.14 32.87
CA GLU H 149 -47.83 -6.80 33.84
C GLU H 149 -48.97 -5.84 34.22
N MET H 150 -48.68 -4.55 34.36
CA MET H 150 -49.70 -3.54 34.74
C MET H 150 -50.76 -3.41 33.62
N LEU H 151 -50.36 -3.48 32.35
CA LEU H 151 -51.30 -3.22 31.23
C LEU H 151 -52.07 -4.49 30.87
N GLU H 152 -51.50 -5.66 31.20
CA GLU H 152 -52.19 -6.95 30.98
C GLU H 152 -53.30 -7.12 32.01
N SER H 153 -53.01 -6.84 33.28
CA SER H 153 -53.98 -6.96 34.39
C SER H 153 -54.96 -5.78 34.43
N GLN H 154 -54.95 -4.94 33.39
CA GLN H 154 -55.71 -3.67 33.30
C GLN H 154 -55.61 -2.83 34.56
N GLU H 155 -54.48 -2.90 35.27
CA GLU H 155 -54.21 -2.02 36.43
C GLU H 155 -54.07 -0.58 35.96
N VAL H 156 -53.46 -0.37 34.79
CA VAL H 156 -53.47 0.94 34.10
C VAL H 156 -54.23 0.76 32.78
N ASP H 157 -54.74 1.87 32.25
CA ASP H 157 -55.48 1.90 30.96
C ASP H 157 -54.50 2.10 29.81
N LEU H 158 -53.44 2.87 30.04
CA LEU H 158 -52.41 3.19 29.04
C LEU H 158 -51.06 3.17 29.72
N MET H 159 -49.99 3.10 28.94
CA MET H 159 -48.63 2.82 29.48
C MET H 159 -47.62 3.68 28.74
N VAL H 160 -46.61 4.15 29.47
CA VAL H 160 -45.43 4.81 28.86
C VAL H 160 -44.18 4.12 29.39
N THR H 161 -43.47 3.42 28.52
CA THR H 161 -42.22 2.69 28.88
C THR H 161 -41.16 2.96 27.83
N THR H 162 -39.91 2.63 28.16
CA THR H 162 -38.78 2.72 27.21
C THR H 162 -38.31 1.33 26.78
N HIS H 163 -39.13 0.31 27.04
CA HIS H 163 -38.87 -1.08 26.62
C HIS H 163 -40.06 -1.56 25.80
N ARG H 164 -39.83 -1.84 24.52
CA ARG H 164 -40.92 -2.24 23.61
C ARG H 164 -41.56 -3.54 24.06
N PRO H 165 -42.90 -3.59 24.16
CA PRO H 165 -43.59 -4.84 24.49
C PRO H 165 -43.76 -5.74 23.27
N SER H 166 -44.16 -6.99 23.52
CA SER H 166 -44.31 -8.01 22.46
C SER H 166 -45.77 -8.19 22.02
N ALA H 167 -46.78 -7.92 22.85
CA ALA H 167 -48.18 -8.30 22.50
C ALA H 167 -49.12 -7.11 22.40
N PHE H 168 -48.66 -5.87 22.65
CA PHE H 168 -49.53 -4.68 22.82
C PHE H 168 -49.25 -3.67 21.71
N LYS H 169 -50.27 -2.91 21.32
CA LYS H 169 -50.03 -1.70 20.49
C LYS H 169 -49.03 -0.80 21.21
N ALA H 170 -48.12 -0.19 20.47
CA ALA H 170 -47.02 0.61 21.05
C ALA H 170 -46.72 1.76 20.11
N LEU H 171 -47.22 2.95 20.42
CA LEU H 171 -46.97 4.19 19.65
C LEU H 171 -45.65 4.80 20.10
N ASN H 172 -44.78 5.09 19.13
CA ASN H 172 -43.47 5.72 19.38
C ASN H 172 -43.67 7.22 19.57
N LEU H 173 -43.39 7.73 20.77
CA LEU H 173 -43.46 9.19 21.05
C LEU H 173 -42.07 9.81 20.91
N ARG H 174 -41.00 9.11 21.25
CA ARG H 174 -39.67 9.69 21.02
C ARG H 174 -38.60 8.60 20.91
N THR H 175 -37.72 8.77 19.94
CA THR H 175 -36.48 7.99 19.77
C THR H 175 -35.29 8.87 20.15
N SER H 176 -34.64 8.54 21.26
CA SER H 176 -33.46 9.27 21.75
C SER H 176 -32.22 8.39 21.64
N PRO H 177 -31.07 8.96 21.29
CA PRO H 177 -29.81 8.21 21.38
C PRO H 177 -29.54 7.83 22.84
N THR H 178 -28.93 6.68 23.03
CA THR H 178 -28.48 6.19 24.35
C THR H 178 -26.98 6.42 24.46
N HIS H 179 -26.51 6.86 25.64
CA HIS H 179 -25.08 7.14 25.88
C HIS H 179 -24.56 6.36 27.09
N TRP H 180 -23.28 6.00 27.06
CA TRP H 180 -22.52 5.64 28.26
C TRP H 180 -22.34 6.91 29.08
N TYR H 181 -22.45 6.81 30.40
CA TYR H 181 -22.23 7.97 31.29
C TYR H 181 -21.24 7.61 32.38
N CYS H 182 -20.48 8.62 32.79
CA CYS H 182 -19.73 8.60 34.06
C CYS H 182 -19.68 10.03 34.62
N ALA H 183 -19.16 10.16 35.83
CA ALA H 183 -18.99 11.49 36.44
C ALA H 183 -18.04 12.30 35.56
N ALA H 184 -18.29 13.62 35.50
CA ALA H 184 -17.50 14.56 34.71
C ALA H 184 -16.00 14.40 35.03
N GLU H 185 -15.65 14.20 36.30
CA GLU H 185 -14.23 14.09 36.73
C GLU H 185 -13.82 12.64 36.93
N TYR H 186 -14.58 11.68 36.39
CA TYR H 186 -14.25 10.25 36.55
C TYR H 186 -12.96 9.95 35.80
N ILE H 187 -12.18 9.01 36.34
CA ILE H 187 -10.90 8.57 35.73
C ILE H 187 -11.08 7.13 35.28
N LEU H 188 -11.24 6.93 33.97
CA LEU H 188 -11.57 5.61 33.40
C LEU H 188 -10.27 4.86 33.13
N GLN H 189 -10.02 3.84 33.94
CA GLN H 189 -8.78 3.04 33.89
C GLN H 189 -8.84 2.10 32.69
N LYS H 190 -8.07 2.41 31.65
CA LYS H 190 -8.05 1.67 30.37
C LYS H 190 -7.43 0.30 30.64
N GLY H 191 -8.06 -0.76 30.13
CA GLY H 191 -7.53 -2.13 30.26
C GLY H 191 -8.33 -2.96 31.26
N GLU H 192 -8.66 -2.37 32.41
CA GLU H 192 -9.42 -3.07 33.47
C GLU H 192 -10.91 -2.93 33.21
N PRO H 193 -11.72 -3.87 33.72
CA PRO H 193 -13.13 -3.97 33.33
C PRO H 193 -13.91 -2.69 33.60
N ILE H 194 -14.88 -2.37 32.74
CA ILE H 194 -15.80 -1.23 32.96
C ILE H 194 -16.57 -1.50 34.25
N PRO H 195 -16.40 -0.68 35.30
CA PRO H 195 -17.17 -0.85 36.53
C PRO H 195 -18.59 -0.30 36.37
N LEU H 196 -19.58 -1.19 36.23
CA LEU H 196 -20.94 -0.77 35.90
C LEU H 196 -21.72 -0.44 37.16
N VAL H 197 -22.48 0.66 37.08
CA VAL H 197 -23.48 1.06 38.10
C VAL H 197 -24.86 0.83 37.50
N LEU H 198 -25.59 -0.15 38.05
CA LEU H 198 -26.79 -0.68 37.38
C LEU H 198 -27.92 -0.85 38.40
N LEU H 199 -29.15 -0.95 37.90
CA LEU H 199 -30.28 -1.41 38.73
C LEU H 199 -30.11 -2.92 38.96
N ASP H 200 -30.77 -3.43 40.00
CA ASP H 200 -30.87 -4.89 40.20
C ASP H 200 -31.90 -5.43 39.21
N ASP H 201 -31.90 -6.75 39.05
CA ASP H 201 -32.82 -7.41 38.10
C ASP H 201 -34.26 -7.20 38.57
N PRO H 202 -35.29 -7.01 37.67
CA PRO H 202 -35.17 -6.80 36.19
C PRO H 202 -35.07 -5.36 35.65
N SER H 203 -34.04 -5.09 34.85
CA SER H 203 -33.95 -3.75 34.20
C SER H 203 -33.67 -3.91 32.70
N PRO H 204 -34.66 -3.63 31.83
CA PRO H 204 -34.44 -3.71 30.40
C PRO H 204 -33.11 -3.12 29.93
N PHE H 205 -32.66 -2.00 30.51
CA PHE H 205 -31.43 -1.29 30.07
C PHE H 205 -30.25 -2.07 30.60
N ARG H 206 -30.34 -2.47 31.84
CA ARG H 206 -29.30 -3.37 32.40
C ARG H 206 -29.08 -4.54 31.44
N ASP H 207 -30.16 -5.22 31.06
CA ASP H 207 -30.09 -6.38 30.13
C ASP H 207 -29.45 -5.93 28.81
N MET H 208 -29.76 -4.72 28.35
CA MET H 208 -29.21 -4.15 27.11
C MET H 208 -27.71 -3.84 27.29
N VAL H 209 -27.30 -3.27 28.41
CA VAL H 209 -25.90 -2.82 28.61
C VAL H 209 -24.99 -4.04 28.66
N LEU H 210 -25.38 -5.08 29.37
CA LEU H 210 -24.48 -6.23 29.60
C LEU H 210 -24.29 -6.99 28.30
N ALA H 211 -25.38 -7.26 27.56
CA ALA H 211 -25.28 -7.91 26.24
C ALA H 211 -24.38 -7.05 25.33
N THR H 212 -24.55 -5.73 25.36
CA THR H 212 -23.83 -4.79 24.48
C THR H 212 -22.32 -4.86 24.71
N LEU H 213 -21.86 -4.97 25.97
CA LEU H 213 -20.41 -5.15 26.22
C LEU H 213 -19.96 -6.55 25.80
N ASN H 214 -20.87 -7.53 25.89
CA ASN H 214 -20.58 -8.94 25.55
C ASN H 214 -20.46 -9.10 24.04
N LYS H 215 -21.37 -8.47 23.29
CA LYS H 215 -21.42 -8.56 21.82
C LYS H 215 -20.20 -7.86 21.21
N ALA H 216 -19.42 -7.14 22.01
CA ALA H 216 -18.09 -6.60 21.60
C ALA H 216 -16.97 -7.29 22.38
N ASP H 217 -17.28 -8.37 23.08
CA ASP H 217 -16.30 -9.20 23.83
C ASP H 217 -15.45 -8.34 24.75
N ILE H 218 -16.09 -7.44 25.50
CA ILE H 218 -15.43 -6.48 26.41
C ILE H 218 -15.70 -6.93 27.85
N PRO H 219 -14.65 -7.07 28.68
CA PRO H 219 -14.83 -7.50 30.05
C PRO H 219 -15.51 -6.43 30.91
N TRP H 220 -16.28 -6.87 31.89
CA TRP H 220 -16.94 -5.96 32.84
C TRP H 220 -17.02 -6.56 34.23
N ARG H 221 -17.55 -5.78 35.16
CA ARG H 221 -17.92 -6.16 36.53
C ARG H 221 -19.00 -5.18 36.98
N LEU H 222 -19.86 -5.63 37.90
CA LEU H 222 -20.88 -4.73 38.47
C LEU H 222 -20.31 -4.14 39.77
N ALA H 223 -19.85 -2.89 39.69
CA ALA H 223 -19.21 -2.18 40.80
C ALA H 223 -20.25 -1.69 41.81
N TYR H 224 -21.48 -1.48 41.36
CA TYR H 224 -22.57 -0.94 42.20
C TYR H 224 -23.90 -1.29 41.56
N VAL H 225 -24.69 -2.10 42.26
CA VAL H 225 -26.09 -2.39 41.88
C VAL H 225 -26.99 -1.70 42.91
N ALA H 226 -28.03 -1.02 42.43
CA ALA H 226 -28.98 -0.30 43.29
C ALA H 226 -30.41 -0.73 42.96
N SER H 227 -31.35 -0.21 43.73
CA SER H 227 -32.76 -0.65 43.71
C SER H 227 -33.62 0.26 42.83
N THR H 228 -33.21 1.52 42.69
CA THR H 228 -33.99 2.59 42.05
C THR H 228 -33.05 3.43 41.20
N LEU H 229 -33.60 4.18 40.23
CA LEU H 229 -32.79 5.11 39.42
C LEU H 229 -32.17 6.19 40.30
N PRO H 230 -32.89 6.88 41.21
CA PRO H 230 -32.23 7.86 42.07
C PRO H 230 -30.99 7.31 42.79
N ALA H 231 -30.99 6.04 43.17
CA ALA H 231 -29.81 5.41 43.81
C ALA H 231 -28.71 5.25 42.77
N VAL H 232 -29.10 4.85 41.56
CA VAL H 232 -28.13 4.59 40.46
C VAL H 232 -27.58 5.92 39.98
N ARG H 233 -28.46 6.85 39.62
CA ARG H 233 -28.05 8.18 39.12
C ARG H 233 -27.03 8.79 40.10
N ALA H 234 -27.37 8.79 41.39
CA ALA H 234 -26.50 9.38 42.43
C ALA H 234 -25.13 8.72 42.44
N ALA H 235 -25.06 7.41 42.22
CA ALA H 235 -23.79 6.66 42.33
C ALA H 235 -22.90 6.96 41.12
N VAL H 236 -23.48 7.15 39.94
CA VAL H 236 -22.72 7.54 38.73
C VAL H 236 -22.10 8.92 38.95
N LYS H 237 -22.88 9.85 39.48
CA LYS H 237 -22.47 11.26 39.70
C LYS H 237 -21.38 11.33 40.77
N ALA H 238 -21.47 10.48 41.80
CA ALA H 238 -20.42 10.38 42.84
C ALA H 238 -19.15 9.70 42.28
N GLY H 239 -19.22 9.19 41.05
CA GLY H 239 -18.08 8.61 40.34
C GLY H 239 -17.76 7.22 40.86
N LEU H 240 -18.76 6.37 41.00
CA LEU H 240 -18.54 4.94 41.36
C LEU H 240 -18.49 4.06 40.13
N GLY H 241 -18.78 4.59 38.94
CA GLY H 241 -18.66 3.76 37.72
C GLY H 241 -19.43 4.32 36.56
N VAL H 242 -19.83 3.41 35.68
CA VAL H 242 -20.42 3.74 34.36
C VAL H 242 -21.83 3.18 34.32
N THR H 243 -22.71 3.83 33.58
CA THR H 243 -24.02 3.26 33.19
C THR H 243 -24.35 3.78 31.79
N ALA H 244 -25.45 3.31 31.23
CA ALA H 244 -25.92 3.75 29.91
C ALA H 244 -27.40 4.09 30.00
N ARG H 245 -27.73 5.32 29.63
CA ARG H 245 -29.10 5.86 29.73
C ARG H 245 -29.35 6.76 28.54
N PRO H 246 -30.61 7.12 28.25
CA PRO H 246 -30.89 7.99 27.12
C PRO H 246 -30.22 9.34 27.32
N VAL H 247 -30.16 10.13 26.26
CA VAL H 247 -29.33 11.35 26.22
C VAL H 247 -29.91 12.37 27.21
N GLU H 248 -31.16 12.19 27.65
CA GLU H 248 -31.82 13.25 28.46
C GLU H 248 -31.21 13.32 29.87
N MET H 249 -30.49 12.28 30.33
CA MET H 249 -29.85 12.24 31.66
C MET H 249 -28.63 13.17 31.74
N MET H 250 -28.13 13.66 30.60
CA MET H 250 -26.87 14.44 30.57
C MET H 250 -27.02 15.67 31.48
N SER H 251 -26.18 15.76 32.53
CA SER H 251 -26.08 16.97 33.38
C SER H 251 -24.60 17.34 33.53
N PRO H 252 -24.28 18.56 34.02
CA PRO H 252 -22.89 18.92 34.31
C PRO H 252 -22.15 17.99 35.28
N ASP H 253 -22.87 17.31 36.16
CA ASP H 253 -22.29 16.23 37.01
C ASP H 253 -21.61 15.19 36.11
N LEU H 254 -22.12 15.01 34.90
CA LEU H 254 -21.88 13.84 34.06
C LEU H 254 -21.09 14.22 32.81
N ARG H 255 -20.44 13.21 32.27
CA ARG H 255 -19.68 13.22 31.01
C ARG H 255 -20.13 12.01 30.20
N VAL H 256 -20.04 12.08 28.87
CA VAL H 256 -20.40 10.93 28.01
C VAL H 256 -19.13 10.15 27.68
N LEU H 257 -19.21 8.83 27.77
CA LEU H 257 -18.20 7.90 27.21
C LEU H 257 -18.67 7.45 25.84
N SER H 258 -17.80 7.58 24.84
CA SER H 258 -18.09 7.21 23.46
C SER H 258 -16.99 6.23 23.02
N GLY H 259 -16.83 6.03 21.72
CA GLY H 259 -15.87 5.03 21.20
C GLY H 259 -14.47 5.26 21.71
N VAL H 260 -14.05 6.53 21.78
CA VAL H 260 -12.64 6.92 22.06
C VAL H 260 -12.25 6.47 23.48
N ASP H 261 -13.24 6.31 24.34
CA ASP H 261 -13.06 5.97 25.76
C ASP H 261 -13.05 4.44 25.94
N GLY H 262 -13.24 3.68 24.86
CA GLY H 262 -13.15 2.21 24.90
C GLY H 262 -14.50 1.53 24.98
N LEU H 263 -15.58 2.21 24.61
CA LEU H 263 -16.95 1.67 24.70
C LEU H 263 -17.54 1.61 23.30
N PRO H 264 -18.31 0.54 23.00
CA PRO H 264 -18.96 0.43 21.70
C PRO H 264 -20.13 1.37 21.63
N PRO H 265 -20.69 1.61 20.44
CA PRO H 265 -21.97 2.31 20.31
C PRO H 265 -23.12 1.50 20.90
N LEU H 266 -24.25 2.17 21.07
CA LEU H 266 -25.47 1.67 21.73
C LEU H 266 -26.66 1.76 20.78
N PRO H 267 -27.72 0.99 21.06
CA PRO H 267 -29.00 1.18 20.38
C PRO H 267 -29.72 2.42 20.91
N ASP H 268 -30.67 2.90 20.13
CA ASP H 268 -31.53 4.03 20.54
C ASP H 268 -32.42 3.60 21.70
N THR H 269 -32.99 4.59 22.38
CA THR H 269 -34.09 4.44 23.37
C THR H 269 -35.40 4.88 22.70
N GLU H 270 -36.45 4.08 22.81
CA GLU H 270 -37.79 4.43 22.29
C GLU H 270 -38.73 4.71 23.45
N TYR H 271 -39.44 5.84 23.41
CA TYR H 271 -40.46 6.23 24.38
C TYR H 271 -41.83 5.85 23.84
N LEU H 272 -42.40 4.76 24.34
CA LEU H 272 -43.58 4.14 23.70
C LEU H 272 -44.82 4.29 24.57
N LEU H 273 -45.87 4.86 23.99
CA LEU H 273 -47.21 4.90 24.60
C LEU H 273 -47.93 3.62 24.21
N CYS H 274 -48.37 2.83 25.18
CA CYS H 274 -48.89 1.48 24.90
C CYS H 274 -50.33 1.31 25.36
N TYR H 275 -51.07 0.53 24.58
CA TYR H 275 -52.51 0.27 24.74
C TYR H 275 -52.72 -1.23 24.53
N ASP H 276 -53.71 -1.80 25.20
CA ASP H 276 -54.06 -3.21 24.96
C ASP H 276 -55.42 -3.30 24.28
N PRO H 277 -55.50 -3.58 22.97
CA PRO H 277 -56.80 -3.89 22.35
C PRO H 277 -57.54 -5.12 22.85
N SER H 278 -56.87 -6.13 23.40
CA SER H 278 -57.56 -7.37 23.86
C SER H 278 -58.21 -7.16 25.23
N SER H 279 -58.10 -5.97 25.81
CA SER H 279 -58.96 -5.52 26.94
C SER H 279 -59.84 -4.38 26.41
N ASN H 280 -61.10 -4.26 26.84
CA ASN H 280 -62.06 -3.37 26.12
C ASN H 280 -62.32 -2.08 26.89
N ASN H 281 -61.23 -1.42 27.28
CA ASN H 281 -61.29 -0.15 28.04
C ASN H 281 -61.52 1.01 27.06
N GLU H 282 -62.74 1.55 27.06
CA GLU H 282 -63.16 2.65 26.16
C GLU H 282 -62.25 3.88 26.33
N LEU H 283 -61.87 4.22 27.56
CA LEU H 283 -60.98 5.39 27.81
C LEU H 283 -59.69 5.21 26.97
N ALA H 284 -59.14 4.00 26.93
CA ALA H 284 -57.84 3.73 26.30
C ALA H 284 -57.89 4.04 24.81
N GLN H 285 -58.90 3.58 24.07
CA GLN H 285 -58.90 3.71 22.60
C GLN H 285 -59.01 5.19 22.21
N VAL H 286 -59.95 5.91 22.79
CA VAL H 286 -60.28 7.29 22.34
C VAL H 286 -59.07 8.19 22.60
N ILE H 287 -58.36 7.94 23.70
CA ILE H 287 -57.11 8.69 24.03
C ILE H 287 -55.97 8.16 23.16
N TYR H 288 -55.95 6.87 22.90
CA TYR H 288 -54.92 6.28 22.02
C TYR H 288 -55.06 6.83 20.61
N GLN H 289 -56.27 6.90 20.04
CA GLN H 289 -56.41 7.45 18.66
C GLN H 289 -56.11 8.95 18.64
N ALA H 290 -56.33 9.66 19.74
CA ALA H 290 -55.97 11.10 19.83
C ALA H 290 -54.45 11.24 19.73
N MET H 291 -53.70 10.39 20.45
CA MET H 291 -52.22 10.47 20.46
C MET H 291 -51.65 9.92 19.15
N GLU H 292 -52.39 9.03 18.49
CA GLU H 292 -51.90 8.38 17.24
C GLU H 292 -52.28 9.27 16.05
N SER H 293 -53.40 9.99 16.14
CA SER H 293 -53.91 10.92 15.10
C SER H 293 -53.23 12.28 15.23
N TYR H 294 -52.38 12.50 16.24
CA TYR H 294 -51.59 13.74 16.37
C TYR H 294 -50.13 13.52 15.96
N HIS H 295 -49.68 12.27 15.99
CA HIS H 295 -48.41 11.82 15.35
C HIS H 295 -48.69 11.45 13.89
N ASN H 296 -49.95 11.18 13.53
CA ASN H 296 -50.40 10.79 12.16
C ASN H 296 -51.92 10.94 12.01
N PRO H 297 -52.44 11.96 11.28
CA PRO H 297 -53.88 12.09 11.07
C PRO H 297 -54.47 11.05 10.10
S SO4 I . -15.60 -10.81 -62.31
O1 SO4 I . -16.03 -11.34 -61.04
O2 SO4 I . -16.35 -9.61 -62.60
O3 SO4 I . -14.18 -10.47 -62.25
O4 SO4 I . -15.81 -11.79 -63.35
C1 PEG J . 0.77 42.53 -23.83
O1 PEG J . 1.46 43.21 -24.87
C2 PEG J . -0.36 43.33 -23.29
O2 PEG J . -0.78 42.77 -22.05
C3 PEG J . -1.39 43.73 -21.20
C4 PEG J . -1.41 43.22 -19.79
O4 PEG J . -0.48 42.18 -19.60
S SO4 K . 23.81 40.52 -47.76
O1 SO4 K . 25.07 40.10 -47.22
O2 SO4 K . 23.24 41.57 -46.94
O3 SO4 K . 22.89 39.40 -47.80
O4 SO4 K . 24.01 41.02 -49.10
#